data_9EOD
#
_entry.id   9EOD
#
_cell.length_a   174.860
_cell.length_b   38.130
_cell.length_c   190.970
_cell.angle_alpha   90.000
_cell.angle_beta   106.152
_cell.angle_gamma   90.000
#
_symmetry.space_group_name_H-M   'I 1 2 1'
#
loop_
_entity.id
_entity.type
_entity.pdbx_description
1 polymer Albumin
2 non-polymer 'MYRISTIC ACID'
3 non-polymer 'TRIETHYLENE GLYCOL'
4 non-polymer DI(HYDROXYETHYL)ETHER
5 non-polymer 'adamantane-1-carboxylic acid'
6 water water
#
_entity_poly.entity_id   1
_entity_poly.type   'polypeptide(L)'
_entity_poly.pdbx_seq_one_letter_code
;MKWVTFISLLFLFSSAYSRGVFRRDAHKSEVAHRFKDLGEENFKALVLIAFAQYLQQCPFEDHVKLVNEVTEFAKTCVAD
ESAENCDKSLHTLFGDKLCTVATLRETYGEMADCCAKQEPERNECFLQHKDDNPNLPRLVRPEVDVMCTAFHDNEETFLK
KYLYEIARRHPYFYAPELLFFAKRYKAAFTECCQAADKAACLLPKLDELRDEGKASSAKQRLKCASLQKFGERAFKAWAV
ARLSQRFPKAEFAEVSKLVTDLTKVHTECCHGDLLECADDRADLAKYICENQDSISSKLKECCEKPLLEKSHCIAEVEND
EMPADLPSLAADFVESKDVCKNYAEAKDVFLGMFLYEYARRHPDYSVVLLLRLAKTYETTLEKCCAAADPHECYAKVFDE
FKPLVEEPQNLIKQNCELFEQLGEYKFQNALLVRYTKKVPQVSTPTLVEVSRNLGKVGSKCCKHPEAKRMPCAEDYLSVV
LNQLCVLHEKTPVSDRVTKCCTESLVNRRPCFSALEVDETYVPKEFNAETFTFHADICTLSEKERQIKKQTALVELVKHK
PKATKEQLKAVMDDFAAFVEKCCKADDKETCFAEEGKKLVAASQAALGLL
;
_entity_poly.pdbx_strand_id   A,B
#
loop_
_chem_comp.id
_chem_comp.type
_chem_comp.name
_chem_comp.formula
A1H6A non-polymer 'adamantane-1-carboxylic acid' 'C11 H16 O2'
MYR non-polymer 'MYRISTIC ACID' 'C14 H28 O2'
PEG non-polymer DI(HYDROXYETHYL)ETHER 'C4 H10 O3'
PGE non-polymer 'TRIETHYLENE GLYCOL' 'C6 H14 O4'
#
# COMPACT_ATOMS: atom_id res chain seq x y z
N LYS A 28 7.58 46.02 0.46
CA LYS A 28 6.67 44.88 0.71
C LYS A 28 7.17 43.67 -0.07
N SER A 29 7.05 42.53 0.61
CA SER A 29 7.39 41.26 0.03
C SER A 29 6.15 40.38 0.09
N GLU A 30 5.46 40.25 -1.04
CA GLU A 30 4.27 39.40 -1.13
C GLU A 30 4.61 37.95 -0.78
N VAL A 31 5.81 37.47 -1.19
CA VAL A 31 6.16 36.08 -0.92
C VAL A 31 6.29 35.85 0.58
N ALA A 32 6.90 36.81 1.31
CA ALA A 32 7.04 36.73 2.76
C ALA A 32 5.64 36.72 3.40
N HIS A 33 4.78 37.63 2.92
CA HIS A 33 3.44 37.78 3.45
C HIS A 33 2.67 36.47 3.32
N ARG A 34 2.82 35.81 2.17
CA ARG A 34 2.07 34.59 1.91
C ARG A 34 2.61 33.46 2.75
N PHE A 35 3.92 33.44 2.89
CA PHE A 35 4.55 32.42 3.69
C PHE A 35 4.09 32.54 5.15
N LYS A 36 4.01 33.78 5.63
CA LYS A 36 3.66 34.02 7.03
C LYS A 36 2.18 33.68 7.25
N ASP A 37 1.31 34.04 6.30
CA ASP A 37 -0.12 33.81 6.40
C ASP A 37 -0.45 32.32 6.27
N LEU A 38 0.15 31.63 5.29
CA LEU A 38 -0.16 30.23 5.04
C LEU A 38 0.54 29.29 6.03
N GLY A 39 1.76 29.62 6.45
CA GLY A 39 2.59 28.67 7.17
C GLY A 39 3.39 27.80 6.20
N GLU A 40 4.58 27.35 6.60
CA GLU A 40 5.52 26.68 5.73
C GLU A 40 4.95 25.42 5.08
N GLU A 41 4.21 24.62 5.84
CA GLU A 41 3.68 23.36 5.32
C GLU A 41 2.63 23.59 4.23
N ASN A 42 1.67 24.46 4.45
CA ASN A 42 0.70 24.81 3.44
C ASN A 42 1.38 25.49 2.24
N PHE A 43 2.37 26.34 2.52
CA PHE A 43 3.05 27.07 1.45
C PHE A 43 3.74 26.06 0.53
N LYS A 44 4.45 25.08 1.08
CA LYS A 44 5.18 24.13 0.28
C LYS A 44 4.26 23.24 -0.53
N ALA A 45 3.12 22.86 0.07
CA ALA A 45 2.12 22.07 -0.63
C ALA A 45 1.48 22.88 -1.78
N LEU A 46 1.17 24.16 -1.58
CA LEU A 46 0.53 24.92 -2.64
C LEU A 46 1.52 25.24 -3.76
N VAL A 47 2.79 25.42 -3.45
CA VAL A 47 3.80 25.62 -4.45
C VAL A 47 3.95 24.34 -5.29
N LEU A 48 3.94 23.17 -4.67
CA LEU A 48 3.99 21.92 -5.41
C LEU A 48 2.83 21.83 -6.40
N ILE A 49 1.62 22.16 -5.94
CA ILE A 49 0.44 22.09 -6.77
C ILE A 49 0.55 23.05 -7.93
N ALA A 50 0.92 24.30 -7.65
CA ALA A 50 1.06 25.32 -8.66
C ALA A 50 2.00 24.86 -9.75
N PHE A 51 3.17 24.33 -9.39
CA PHE A 51 4.10 23.91 -10.40
C PHE A 51 3.63 22.66 -11.14
N ALA A 52 3.00 21.72 -10.43
CA ALA A 52 2.53 20.52 -11.08
C ALA A 52 1.42 20.85 -12.10
N GLN A 53 0.66 21.89 -11.85
CA GLN A 53 -0.41 22.27 -12.77
C GLN A 53 0.10 22.98 -14.03
N TYR A 54 1.29 23.59 -13.99
CA TYR A 54 1.87 24.24 -15.14
C TYR A 54 2.86 23.32 -15.85
N LEU A 55 3.66 22.59 -15.06
CA LEU A 55 4.69 21.74 -15.62
C LEU A 55 4.26 20.30 -15.46
N GLN A 56 3.20 19.93 -16.17
CA GLN A 56 2.46 18.71 -15.94
C GLN A 56 3.21 17.46 -16.35
N GLN A 57 4.36 17.63 -17.02
CA GLN A 57 5.08 16.48 -17.54
C GLN A 57 6.43 16.34 -16.84
N CYS A 58 6.80 17.28 -15.95
CA CYS A 58 8.05 17.14 -15.21
C CYS A 58 7.90 16.05 -14.14
N PRO A 59 8.97 15.26 -13.83
CA PRO A 59 8.87 14.28 -12.76
C PRO A 59 8.82 14.95 -11.38
N PHE A 60 8.32 14.16 -10.45
CA PHE A 60 8.04 14.57 -9.09
C PHE A 60 9.31 15.14 -8.44
N GLU A 61 10.44 14.48 -8.64
CA GLU A 61 11.68 14.81 -7.94
C GLU A 61 12.17 16.19 -8.39
N ASP A 62 11.94 16.54 -9.66
CA ASP A 62 12.22 17.87 -10.17
C ASP A 62 11.32 18.89 -9.45
N HIS A 63 10.04 18.54 -9.22
CA HIS A 63 9.13 19.48 -8.56
C HIS A 63 9.56 19.70 -7.11
N VAL A 64 9.87 18.61 -6.42
CA VAL A 64 10.29 18.70 -5.03
C VAL A 64 11.48 19.65 -4.92
N LYS A 65 12.37 19.62 -5.93
CA LYS A 65 13.53 20.50 -5.96
C LYS A 65 13.12 21.95 -6.22
N LEU A 66 12.18 22.20 -7.13
CA LEU A 66 11.63 23.53 -7.34
C LEU A 66 11.01 24.07 -6.05
N VAL A 67 10.28 23.21 -5.34
CA VAL A 67 9.56 23.63 -4.13
C VAL A 67 10.57 24.03 -3.05
N ASN A 68 11.62 23.24 -2.89
CA ASN A 68 12.67 23.52 -1.91
C ASN A 68 13.37 24.85 -2.18
N GLU A 69 13.75 25.10 -3.44
CA GLU A 69 14.32 26.37 -3.84
C GLU A 69 13.34 27.53 -3.64
N VAL A 70 12.05 27.36 -3.98
CA VAL A 70 11.15 28.47 -3.74
C VAL A 70 11.04 28.76 -2.24
N THR A 71 10.95 27.69 -1.44
CA THR A 71 10.80 27.79 0.01
C THR A 71 12.02 28.43 0.67
N GLU A 72 13.23 28.00 0.27
CA GLU A 72 14.45 28.63 0.77
C GLU A 72 14.40 30.11 0.46
N PHE A 73 14.00 30.48 -0.75
CA PHE A 73 13.99 31.87 -1.12
C PHE A 73 12.95 32.60 -0.28
N ALA A 74 11.77 32.02 -0.13
CA ALA A 74 10.72 32.65 0.65
C ALA A 74 11.23 32.94 2.06
N LYS A 75 11.98 32.00 2.65
CA LYS A 75 12.50 32.16 4.00
C LYS A 75 13.48 33.34 4.09
N THR A 76 14.24 33.61 3.02
CA THR A 76 15.12 34.79 3.00
C THR A 76 14.27 36.04 3.13
N CYS A 77 13.07 36.03 2.51
CA CYS A 77 12.20 37.19 2.51
C CYS A 77 11.50 37.32 3.85
N VAL A 78 11.20 36.18 4.49
CA VAL A 78 10.57 36.19 5.79
C VAL A 78 11.55 36.79 6.77
N ALA A 79 12.84 36.45 6.62
CA ALA A 79 13.87 36.96 7.50
C ALA A 79 14.10 38.47 7.28
N ASP A 80 13.92 38.94 6.03
CA ASP A 80 14.18 40.32 5.68
C ASP A 80 13.46 40.68 4.38
N GLU A 81 12.38 41.45 4.47
CA GLU A 81 11.55 41.76 3.32
C GLU A 81 12.30 42.66 2.33
N SER A 82 13.45 43.23 2.77
CA SER A 82 14.27 44.06 1.89
C SER A 82 15.33 43.25 1.15
N ALA A 83 15.47 41.94 1.43
CA ALA A 83 16.54 41.16 0.80
C ALA A 83 16.28 41.05 -0.72
N GLU A 84 17.36 40.73 -1.47
CA GLU A 84 17.37 40.76 -2.93
C GLU A 84 16.19 39.96 -3.49
N ASN A 85 15.37 40.61 -4.35
CA ASN A 85 14.30 39.97 -5.14
C ASN A 85 13.04 39.77 -4.33
N CYS A 86 13.06 40.09 -3.03
CA CYS A 86 11.92 39.78 -2.18
C CYS A 86 10.77 40.73 -2.50
N ASP A 87 11.09 41.85 -3.15
CA ASP A 87 10.07 42.85 -3.44
C ASP A 87 9.41 42.55 -4.79
N LYS A 88 9.84 41.51 -5.52
CA LYS A 88 9.21 41.17 -6.78
C LYS A 88 7.85 40.55 -6.52
N SER A 89 6.98 40.68 -7.52
CA SER A 89 5.63 40.16 -7.38
C SER A 89 5.70 38.64 -7.44
N LEU A 90 4.70 37.99 -6.85
CA LEU A 90 4.59 36.53 -6.89
C LEU A 90 4.54 36.06 -8.34
N HIS A 91 3.71 36.72 -9.17
CA HIS A 91 3.62 36.34 -10.58
C HIS A 91 4.99 36.40 -11.24
N THR A 92 5.73 37.50 -11.00
CA THR A 92 7.07 37.62 -11.56
C THR A 92 7.93 36.47 -11.10
N LEU A 93 7.94 36.22 -9.78
CA LEU A 93 8.83 35.21 -9.25
C LEU A 93 8.42 33.83 -9.77
N PHE A 94 7.11 33.58 -9.90
CA PHE A 94 6.67 32.26 -10.33
C PHE A 94 7.07 32.03 -11.80
N GLY A 95 6.81 33.04 -12.63
CA GLY A 95 7.20 33.02 -14.03
C GLY A 95 8.70 32.81 -14.19
N ASP A 96 9.51 33.60 -13.45
CA ASP A 96 10.96 33.52 -13.53
C ASP A 96 11.36 32.09 -13.23
N LYS A 97 10.74 31.53 -12.20
CA LYS A 97 11.07 30.16 -11.85
C LYS A 97 10.73 29.21 -13.00
N LEU A 98 9.52 29.30 -13.58
CA LEU A 98 9.21 28.41 -14.70
C LEU A 98 10.25 28.57 -15.81
N CYS A 99 10.69 29.81 -16.06
CA CYS A 99 11.60 30.07 -17.17
C CYS A 99 13.00 29.56 -16.89
N THR A 100 13.29 29.12 -15.64
CA THR A 100 14.60 28.57 -15.35
C THR A 100 14.61 27.07 -15.61
N VAL A 101 13.44 26.48 -15.89
CA VAL A 101 13.39 25.05 -16.12
C VAL A 101 14.10 24.73 -17.44
N ALA A 102 15.17 23.94 -17.30
CA ALA A 102 16.10 23.63 -18.36
C ALA A 102 15.36 22.96 -19.53
N THR A 103 14.38 22.08 -19.25
CA THR A 103 13.73 21.32 -20.32
C THR A 103 12.45 22.01 -20.80
N LEU A 104 12.29 23.31 -20.53
CA LEU A 104 11.04 23.97 -20.86
C LEU A 104 10.74 23.84 -22.36
N ARG A 105 11.73 24.12 -23.22
CA ARG A 105 11.53 24.05 -24.67
C ARG A 105 11.42 22.59 -25.11
N GLU A 106 12.31 21.72 -24.63
CA GLU A 106 12.34 20.34 -25.07
C GLU A 106 11.03 19.63 -24.74
N THR A 107 10.37 20.00 -23.63
CA THR A 107 9.19 19.27 -23.19
C THR A 107 7.88 19.97 -23.56
N TYR A 108 7.80 21.31 -23.48
CA TYR A 108 6.52 22.01 -23.55
C TYR A 108 6.42 22.85 -24.82
N GLY A 109 7.53 22.93 -25.57
CA GLY A 109 7.56 23.58 -26.87
C GLY A 109 7.16 25.06 -26.79
N GLU A 110 5.91 25.33 -27.18
CA GLU A 110 5.37 26.68 -27.32
C GLU A 110 5.43 27.43 -25.99
N MET A 111 5.31 26.69 -24.89
CA MET A 111 5.21 27.33 -23.60
C MET A 111 6.53 28.00 -23.23
N ALA A 112 7.65 27.52 -23.79
CA ALA A 112 8.95 28.16 -23.59
C ALA A 112 8.97 29.53 -24.23
N ASP A 113 8.19 29.72 -25.31
CA ASP A 113 8.06 31.04 -25.92
C ASP A 113 7.45 32.05 -24.98
N CYS A 114 6.72 31.60 -23.93
CA CYS A 114 6.18 32.52 -22.95
C CYS A 114 7.29 33.33 -22.24
N CYS A 115 8.48 32.75 -22.11
CA CYS A 115 9.58 33.35 -21.37
C CYS A 115 10.14 34.58 -22.07
N ALA A 116 9.83 34.74 -23.35
CA ALA A 116 10.28 35.89 -24.11
C ALA A 116 9.39 37.11 -23.83
N LYS A 117 8.28 36.95 -23.08
CA LYS A 117 7.47 38.10 -22.74
C LYS A 117 7.83 38.68 -21.37
N GLN A 118 7.58 39.97 -21.18
CA GLN A 118 7.51 40.54 -19.84
C GLN A 118 6.09 40.33 -19.29
N GLU A 119 5.95 40.54 -17.97
CA GLU A 119 4.67 40.55 -17.29
C GLU A 119 3.84 41.75 -17.74
N PRO A 120 2.49 41.69 -17.74
CA PRO A 120 1.74 40.45 -17.44
C PRO A 120 1.48 39.48 -18.60
N GLU A 121 2.01 39.77 -19.80
CA GLU A 121 1.76 38.94 -20.96
C GLU A 121 2.29 37.54 -20.69
N ARG A 122 3.42 37.47 -19.96
CA ARG A 122 4.06 36.20 -19.74
C ARG A 122 3.10 35.28 -18.98
N ASN A 123 2.61 35.75 -17.84
CA ASN A 123 1.73 34.94 -17.02
C ASN A 123 0.49 34.52 -17.81
N GLU A 124 -0.10 35.42 -18.63
CA GLU A 124 -1.25 35.10 -19.49
C GLU A 124 -0.93 33.97 -20.46
N CYS A 125 0.28 34.02 -21.01
CA CYS A 125 0.73 33.03 -21.97
C CYS A 125 0.86 31.67 -21.27
N PHE A 126 1.37 31.65 -20.02
CA PHE A 126 1.42 30.41 -19.26
C PHE A 126 0.05 29.82 -19.03
N LEU A 127 -0.91 30.67 -18.65
CA LEU A 127 -2.28 30.22 -18.41
C LEU A 127 -2.83 29.53 -19.66
N GLN A 128 -2.56 30.13 -20.83
CA GLN A 128 -3.13 29.67 -22.07
C GLN A 128 -2.61 28.28 -22.41
N HIS A 129 -1.44 27.88 -21.89
CA HIS A 129 -0.75 26.67 -22.32
C HIS A 129 -0.83 25.52 -21.31
N LYS A 130 -1.70 25.61 -20.29
CA LYS A 130 -2.01 24.45 -19.48
C LYS A 130 -2.87 23.49 -20.26
N ASP A 131 -2.75 22.18 -19.98
CA ASP A 131 -3.45 21.18 -20.79
C ASP A 131 -4.45 20.44 -19.90
N ASP A 132 -5.75 20.66 -20.16
CA ASP A 132 -6.86 20.06 -19.42
C ASP A 132 -7.03 18.56 -19.72
N ASN A 133 -6.47 18.05 -20.82
CA ASN A 133 -6.54 16.62 -21.10
C ASN A 133 -5.14 16.11 -21.41
N PRO A 134 -4.25 16.00 -20.41
CA PRO A 134 -2.81 15.80 -20.65
C PRO A 134 -2.29 14.44 -21.12
N ASN A 135 -3.15 13.46 -21.33
CA ASN A 135 -2.68 12.17 -21.85
C ASN A 135 -1.60 11.61 -20.93
N LEU A 136 -2.02 11.38 -19.68
CA LEU A 136 -1.22 10.70 -18.68
C LEU A 136 -2.00 9.44 -18.35
N PRO A 137 -1.31 8.35 -18.00
CA PRO A 137 -1.98 7.09 -17.70
C PRO A 137 -2.87 7.31 -16.49
N ARG A 138 -4.00 6.63 -16.47
CA ARG A 138 -4.90 6.65 -15.34
C ARG A 138 -4.12 6.32 -14.06
N LEU A 139 -4.54 6.99 -12.97
CA LEU A 139 -4.01 6.72 -11.65
C LEU A 139 -4.63 5.45 -11.09
N VAL A 140 -3.79 4.44 -10.88
CA VAL A 140 -4.22 3.12 -10.40
C VAL A 140 -4.35 3.18 -8.88
N ARG A 141 -5.43 2.63 -8.34
CA ARG A 141 -5.53 2.39 -6.91
C ARG A 141 -4.77 1.11 -6.57
N PRO A 142 -3.61 1.18 -5.87
CA PRO A 142 -2.93 -0.04 -5.48
C PRO A 142 -3.73 -0.80 -4.41
N GLU A 143 -3.21 -1.99 -4.08
CA GLU A 143 -3.66 -2.79 -2.96
C GLU A 143 -3.52 -2.00 -1.67
N VAL A 144 -4.49 -2.19 -0.79
CA VAL A 144 -4.49 -1.59 0.53
C VAL A 144 -3.16 -1.79 1.28
N ASP A 145 -2.65 -3.02 1.33
CA ASP A 145 -1.40 -3.20 2.08
C ASP A 145 -0.25 -2.41 1.47
N VAL A 146 -0.21 -2.32 0.13
CA VAL A 146 0.85 -1.57 -0.54
C VAL A 146 0.75 -0.11 -0.15
N MET A 147 -0.47 0.44 -0.17
CA MET A 147 -0.68 1.85 0.15
C MET A 147 -0.33 2.12 1.62
N CYS A 148 -0.78 1.24 2.54
CA CYS A 148 -0.53 1.43 3.96
C CYS A 148 0.97 1.27 4.24
N THR A 149 1.65 0.37 3.53
CA THR A 149 3.08 0.24 3.76
C THR A 149 3.84 1.49 3.34
N ALA A 150 3.53 2.02 2.14
CA ALA A 150 4.22 3.19 1.65
C ALA A 150 3.87 4.41 2.50
N PHE A 151 2.59 4.56 2.86
CA PHE A 151 2.17 5.63 3.76
C PHE A 151 2.98 5.57 5.06
N HIS A 152 3.11 4.36 5.60
CA HIS A 152 3.90 4.15 6.80
C HIS A 152 5.38 4.46 6.53
N ASP A 153 5.95 4.02 5.40
CA ASP A 153 7.39 4.11 5.19
C ASP A 153 7.87 5.53 4.89
N ASN A 154 7.06 6.35 4.21
CA ASN A 154 7.45 7.73 3.94
C ASN A 154 6.17 8.53 3.66
N GLU A 155 5.59 9.04 4.74
CA GLU A 155 4.25 9.58 4.69
C GLU A 155 4.19 10.83 3.81
N GLU A 156 5.23 11.66 3.91
CA GLU A 156 5.26 12.96 3.24
C GLU A 156 5.38 12.72 1.74
N THR A 157 6.42 12.01 1.30
CA THR A 157 6.57 11.55 -0.07
C THR A 157 5.29 10.85 -0.58
N PHE A 158 4.69 9.96 0.22
CA PHE A 158 3.51 9.23 -0.25
C PHE A 158 2.38 10.19 -0.64
N LEU A 159 2.06 11.10 0.30
CA LEU A 159 0.98 12.05 0.12
C LEU A 159 1.35 13.10 -0.93
N LYS A 160 2.60 13.58 -0.96
CA LYS A 160 2.98 14.66 -1.86
C LYS A 160 2.97 14.13 -3.29
N LYS A 161 3.50 12.93 -3.47
CA LYS A 161 3.59 12.39 -4.82
C LYS A 161 2.19 12.28 -5.42
N TYR A 162 1.21 11.89 -4.61
CA TYR A 162 -0.14 11.76 -5.15
C TYR A 162 -0.76 13.12 -5.32
N LEU A 163 -0.45 14.08 -4.44
CA LEU A 163 -0.86 15.44 -4.67
C LEU A 163 -0.38 15.88 -6.07
N TYR A 164 0.88 15.62 -6.37
CA TYR A 164 1.51 15.95 -7.63
C TYR A 164 0.78 15.26 -8.80
N GLU A 165 0.47 13.97 -8.63
CA GLU A 165 -0.12 13.18 -9.70
C GLU A 165 -1.51 13.74 -10.01
N ILE A 166 -2.24 14.14 -8.98
CA ILE A 166 -3.58 14.61 -9.23
C ILE A 166 -3.54 16.01 -9.78
N ALA A 167 -2.59 16.82 -9.31
CA ALA A 167 -2.61 18.22 -9.69
C ALA A 167 -2.26 18.35 -11.18
N ARG A 168 -1.28 17.57 -11.64
CA ARG A 168 -0.86 17.65 -13.04
C ARG A 168 -1.97 17.10 -13.95
N ARG A 169 -2.90 16.29 -13.42
CA ARG A 169 -3.99 15.76 -14.22
C ARG A 169 -5.20 16.67 -14.18
N HIS A 170 -5.25 17.58 -13.22
CA HIS A 170 -6.35 18.52 -13.11
C HIS A 170 -5.79 19.93 -12.91
N PRO A 171 -5.18 20.51 -13.95
CA PRO A 171 -4.48 21.78 -13.80
C PRO A 171 -5.32 22.98 -13.46
N TYR A 172 -6.66 22.87 -13.57
CA TYR A 172 -7.57 23.96 -13.26
C TYR A 172 -8.27 23.77 -11.91
N PHE A 173 -8.15 22.59 -11.28
CA PHE A 173 -8.67 22.35 -9.93
C PHE A 173 -8.02 23.34 -8.95
N TYR A 174 -8.85 24.07 -8.21
CA TYR A 174 -8.36 25.17 -7.37
C TYR A 174 -7.44 24.60 -6.26
N ALA A 175 -6.22 25.12 -6.22
CA ALA A 175 -5.14 24.51 -5.48
C ALA A 175 -5.48 24.38 -4.00
N PRO A 176 -6.00 25.41 -3.31
CA PRO A 176 -6.40 25.23 -1.91
C PRO A 176 -7.42 24.11 -1.67
N GLU A 177 -8.36 23.93 -2.60
CA GLU A 177 -9.34 22.86 -2.46
C GLU A 177 -8.65 21.50 -2.56
N LEU A 178 -7.71 21.37 -3.50
CA LEU A 178 -6.92 20.15 -3.63
C LEU A 178 -6.22 19.87 -2.31
N LEU A 179 -5.72 20.93 -1.67
CA LEU A 179 -4.97 20.78 -0.44
C LEU A 179 -5.90 20.34 0.68
N PHE A 180 -7.13 20.86 0.71
CA PHE A 180 -8.13 20.45 1.67
C PHE A 180 -8.41 18.95 1.54
N PHE A 181 -8.55 18.45 0.32
CA PHE A 181 -8.78 17.02 0.10
C PHE A 181 -7.59 16.20 0.58
N ALA A 182 -6.38 16.64 0.27
CA ALA A 182 -5.19 15.91 0.68
C ALA A 182 -5.19 15.67 2.18
N LYS A 183 -5.64 16.66 2.97
CA LYS A 183 -5.66 16.51 4.42
C LYS A 183 -6.68 15.45 4.85
N ARG A 184 -7.80 15.36 4.12
CA ARG A 184 -8.76 14.31 4.39
C ARG A 184 -8.21 12.92 4.01
N TYR A 185 -7.48 12.80 2.91
CA TYR A 185 -6.87 11.54 2.53
C TYR A 185 -5.87 11.10 3.60
N LYS A 186 -5.01 12.03 4.01
CA LYS A 186 -4.06 11.79 5.09
C LYS A 186 -4.74 11.23 6.33
N ALA A 187 -5.87 11.85 6.71
CA ALA A 187 -6.62 11.40 7.87
C ALA A 187 -7.16 9.98 7.66
N ALA A 188 -7.65 9.65 6.48
CA ALA A 188 -8.18 8.31 6.25
C ALA A 188 -7.08 7.27 6.36
N PHE A 189 -5.89 7.55 5.81
CA PHE A 189 -4.82 6.57 5.87
C PHE A 189 -4.35 6.40 7.32
N THR A 190 -4.29 7.50 8.07
CA THR A 190 -3.82 7.50 9.45
C THR A 190 -4.71 6.61 10.31
N GLU A 191 -6.02 6.76 10.16
CA GLU A 191 -6.97 5.90 10.85
C GLU A 191 -6.87 4.47 10.35
N CYS A 192 -7.00 4.24 9.04
CA CYS A 192 -7.31 2.90 8.54
C CYS A 192 -6.08 1.98 8.55
N CYS A 193 -4.89 2.53 8.35
CA CYS A 193 -3.68 1.72 8.31
C CYS A 193 -3.31 1.20 9.70
N GLN A 194 -4.00 1.65 10.77
CA GLN A 194 -3.80 1.17 12.13
C GLN A 194 -4.94 0.24 12.60
N ALA A 195 -5.85 -0.15 11.69
CA ALA A 195 -7.06 -0.87 12.07
C ALA A 195 -6.90 -2.36 11.77
N ALA A 196 -7.80 -3.17 12.34
CA ALA A 196 -7.74 -4.62 12.21
C ALA A 196 -7.91 -4.99 10.73
N ASP A 197 -9.04 -4.57 10.16
CA ASP A 197 -9.34 -4.81 8.76
C ASP A 197 -9.16 -3.50 7.99
N LYS A 198 -7.91 -3.27 7.57
CA LYS A 198 -7.49 -2.03 6.92
C LYS A 198 -8.39 -1.76 5.71
N ALA A 199 -8.58 -2.80 4.89
CA ALA A 199 -9.28 -2.65 3.63
C ALA A 199 -10.74 -2.29 3.87
N ALA A 200 -11.37 -2.87 4.89
CA ALA A 200 -12.81 -2.67 5.10
C ALA A 200 -13.06 -1.24 5.62
N CYS A 201 -12.04 -0.69 6.26
CA CYS A 201 -12.03 0.68 6.73
C CYS A 201 -11.69 1.64 5.58
N LEU A 202 -10.61 1.34 4.84
CA LEU A 202 -10.02 2.30 3.92
C LEU A 202 -10.80 2.46 2.62
N LEU A 203 -11.21 1.34 2.00
CA LEU A 203 -11.72 1.40 0.63
C LEU A 203 -12.99 2.28 0.54
N PRO A 204 -13.99 2.13 1.44
CA PRO A 204 -15.14 3.03 1.40
C PRO A 204 -14.78 4.51 1.56
N LYS A 205 -13.77 4.81 2.38
CA LYS A 205 -13.33 6.18 2.63
C LYS A 205 -12.69 6.74 1.37
N LEU A 206 -11.91 5.93 0.65
CA LEU A 206 -11.34 6.34 -0.63
C LEU A 206 -12.43 6.54 -1.67
N ASP A 207 -13.43 5.66 -1.70
CA ASP A 207 -14.54 5.76 -2.65
C ASP A 207 -15.31 7.06 -2.44
N GLU A 208 -15.64 7.37 -1.18
CA GLU A 208 -16.33 8.58 -0.78
C GLU A 208 -15.48 9.82 -1.11
N LEU A 209 -14.16 9.78 -0.89
CA LEU A 209 -13.34 10.93 -1.16
C LEU A 209 -13.19 11.13 -2.67
N ARG A 210 -13.15 10.04 -3.43
CA ARG A 210 -13.08 10.08 -4.88
C ARG A 210 -14.32 10.79 -5.43
N ASP A 211 -15.48 10.39 -4.92
CA ASP A 211 -16.75 10.98 -5.30
C ASP A 211 -16.82 12.46 -4.91
N GLU A 212 -16.42 12.80 -3.68
CA GLU A 212 -16.47 14.18 -3.22
C GLU A 212 -15.54 15.04 -4.07
N GLY A 213 -14.35 14.53 -4.37
CA GLY A 213 -13.41 15.21 -5.25
C GLY A 213 -14.00 15.49 -6.62
N LYS A 214 -14.63 14.48 -7.23
CA LYS A 214 -15.22 14.59 -8.56
C LYS A 214 -16.42 15.54 -8.52
N ALA A 215 -17.20 15.50 -7.46
CA ALA A 215 -18.30 16.44 -7.30
C ALA A 215 -17.77 17.88 -7.24
N SER A 216 -16.66 18.08 -6.53
CA SER A 216 -16.13 19.42 -6.37
C SER A 216 -15.61 19.93 -7.72
N SER A 217 -14.86 19.05 -8.38
CA SER A 217 -14.30 19.29 -9.68
C SER A 217 -15.40 19.61 -10.69
N ALA A 218 -16.48 18.83 -10.68
CA ALA A 218 -17.59 19.04 -11.60
C ALA A 218 -18.34 20.34 -11.27
N LYS A 219 -18.49 20.68 -9.99
CA LYS A 219 -19.14 21.93 -9.62
C LYS A 219 -18.35 23.14 -10.12
N GLN A 220 -17.01 23.09 -10.06
CA GLN A 220 -16.19 24.19 -10.53
C GLN A 220 -16.39 24.37 -12.04
N ARG A 221 -16.33 23.25 -12.79
CA ARG A 221 -16.56 23.23 -14.23
C ARG A 221 -17.98 23.71 -14.57
N LEU A 222 -18.99 23.27 -13.82
CA LEU A 222 -20.36 23.72 -14.01
C LEU A 222 -20.44 25.24 -13.96
N LYS A 223 -19.91 25.82 -12.87
CA LYS A 223 -20.04 27.25 -12.63
C LYS A 223 -19.40 28.00 -13.79
N CYS A 224 -18.20 27.56 -14.23
CA CYS A 224 -17.45 28.26 -15.26
C CYS A 224 -18.11 28.15 -16.63
N ALA A 225 -18.44 26.94 -17.09
CA ALA A 225 -19.09 26.79 -18.38
C ALA A 225 -20.43 27.52 -18.36
N SER A 226 -21.14 27.46 -17.23
CA SER A 226 -22.39 28.18 -17.12
C SER A 226 -22.21 29.68 -17.35
N LEU A 227 -21.13 30.23 -16.82
CA LEU A 227 -20.88 31.67 -16.88
C LEU A 227 -20.58 32.11 -18.32
N GLN A 228 -19.89 31.26 -19.10
CA GLN A 228 -19.66 31.48 -20.51
C GLN A 228 -20.95 31.30 -21.31
N LYS A 229 -21.60 30.15 -21.12
CA LYS A 229 -22.66 29.67 -22.00
C LYS A 229 -23.99 30.36 -21.77
N PHE A 230 -24.19 31.05 -20.62
CA PHE A 230 -25.52 31.56 -20.30
C PHE A 230 -25.45 33.01 -19.85
N GLY A 231 -24.27 33.52 -19.47
CA GLY A 231 -24.11 34.93 -19.17
C GLY A 231 -24.16 35.19 -17.66
N GLU A 232 -23.64 36.38 -17.29
CA GLU A 232 -23.47 36.79 -15.90
C GLU A 232 -24.82 36.98 -15.22
N ARG A 233 -25.86 37.33 -15.98
CA ARG A 233 -27.19 37.52 -15.40
C ARG A 233 -27.69 36.22 -14.80
N ALA A 234 -27.59 35.12 -15.55
CA ALA A 234 -28.04 33.83 -15.07
C ALA A 234 -27.33 33.45 -13.79
N PHE A 235 -26.01 33.69 -13.75
CA PHE A 235 -25.20 33.32 -12.61
C PHE A 235 -25.57 34.15 -11.38
N LYS A 236 -25.87 35.44 -11.59
CA LYS A 236 -26.26 36.34 -10.52
C LYS A 236 -27.63 35.90 -9.97
N ALA A 237 -28.50 35.37 -10.79
CA ALA A 237 -29.79 34.91 -10.27
C ALA A 237 -29.55 33.68 -9.39
N TRP A 238 -28.68 32.79 -9.85
CA TRP A 238 -28.33 31.61 -9.09
C TRP A 238 -27.82 32.01 -7.69
N ALA A 239 -26.89 32.98 -7.68
CA ALA A 239 -26.25 33.44 -6.46
C ALA A 239 -27.27 34.12 -5.51
N VAL A 240 -28.14 34.98 -6.05
CA VAL A 240 -29.18 35.60 -5.24
C VAL A 240 -29.92 34.47 -4.53
N ALA A 241 -30.33 33.45 -5.28
CA ALA A 241 -31.16 32.41 -4.69
C ALA A 241 -30.37 31.69 -3.60
N ARG A 242 -29.12 31.32 -3.88
CA ARG A 242 -28.39 30.49 -2.94
C ARG A 242 -27.99 31.26 -1.71
N LEU A 243 -27.48 32.49 -1.87
CA LEU A 243 -27.10 33.29 -0.73
C LEU A 243 -28.32 33.61 0.13
N SER A 244 -29.47 33.84 -0.49
CA SER A 244 -30.62 34.22 0.29
C SER A 244 -31.10 33.07 1.17
N GLN A 245 -31.03 31.83 0.64
CA GLN A 245 -31.37 30.67 1.46
C GLN A 245 -30.40 30.54 2.61
N ARG A 246 -29.12 30.78 2.32
CA ARG A 246 -28.08 30.61 3.29
C ARG A 246 -28.08 31.71 4.36
N PHE A 247 -28.27 32.95 3.96
CA PHE A 247 -28.21 34.11 4.84
C PHE A 247 -29.56 34.83 4.87
N PRO A 248 -30.62 34.16 5.33
CA PRO A 248 -31.95 34.75 5.22
C PRO A 248 -32.21 35.98 6.08
N LYS A 249 -31.36 36.24 7.08
CA LYS A 249 -31.52 37.43 7.91
C LYS A 249 -30.85 38.62 7.25
N ALA A 250 -30.03 38.39 6.21
CA ALA A 250 -29.40 39.49 5.51
C ALA A 250 -30.44 40.28 4.72
N GLU A 251 -30.27 41.61 4.69
CA GLU A 251 -31.12 42.48 3.88
C GLU A 251 -30.74 42.30 2.42
N PHE A 252 -31.69 42.63 1.54
CA PHE A 252 -31.47 42.51 0.10
C PHE A 252 -30.20 43.22 -0.37
N ALA A 253 -29.93 44.43 0.13
CA ALA A 253 -28.80 45.19 -0.37
C ALA A 253 -27.51 44.47 -0.03
N GLU A 254 -27.48 43.81 1.11
CA GLU A 254 -26.32 43.04 1.52
C GLU A 254 -26.16 41.79 0.66
N VAL A 255 -27.26 41.07 0.42
CA VAL A 255 -27.21 39.91 -0.46
C VAL A 255 -26.73 40.37 -1.82
N SER A 256 -27.24 41.52 -2.24
CA SER A 256 -26.96 42.03 -3.57
C SER A 256 -25.49 42.37 -3.73
N LYS A 257 -24.88 42.95 -2.69
CA LYS A 257 -23.46 43.23 -2.72
C LYS A 257 -22.64 41.94 -2.77
N LEU A 258 -23.01 40.93 -1.96
CA LEU A 258 -22.29 39.67 -1.98
C LEU A 258 -22.40 39.02 -3.35
N VAL A 259 -23.58 39.13 -3.98
CA VAL A 259 -23.77 38.53 -5.30
C VAL A 259 -22.84 39.20 -6.32
N THR A 260 -22.78 40.53 -6.27
CA THR A 260 -21.95 41.27 -7.18
C THR A 260 -20.48 40.86 -6.97
N ASP A 261 -20.04 40.72 -5.72
CA ASP A 261 -18.62 40.38 -5.50
C ASP A 261 -18.35 38.92 -5.86
N LEU A 262 -19.31 38.05 -5.58
CA LEU A 262 -19.13 36.63 -5.82
C LEU A 262 -19.00 36.39 -7.32
N THR A 263 -19.78 37.15 -8.10
CA THR A 263 -19.76 37.05 -9.55
C THR A 263 -18.38 37.46 -10.08
N LYS A 264 -17.84 38.57 -9.55
CA LYS A 264 -16.50 39.01 -9.92
C LYS A 264 -15.49 37.92 -9.54
N VAL A 265 -15.65 37.32 -8.36
CA VAL A 265 -14.73 36.29 -7.91
C VAL A 265 -14.77 35.10 -8.85
N HIS A 266 -15.96 34.58 -9.19
CA HIS A 266 -16.05 33.42 -10.06
C HIS A 266 -15.56 33.76 -11.45
N THR A 267 -15.78 35.01 -11.88
CA THR A 267 -15.33 35.49 -13.19
C THR A 267 -13.82 35.36 -13.27
N GLU A 268 -13.14 35.87 -12.25
CA GLU A 268 -11.68 35.83 -12.16
C GLU A 268 -11.18 34.38 -12.01
N CYS A 269 -11.74 33.60 -11.07
CA CYS A 269 -11.30 32.22 -10.87
C CYS A 269 -11.50 31.36 -12.14
N CYS A 270 -12.49 31.66 -12.98
CA CYS A 270 -12.67 30.89 -14.21
C CYS A 270 -11.59 31.26 -15.24
N HIS A 271 -11.09 32.51 -15.22
CA HIS A 271 -9.96 32.89 -16.07
C HIS A 271 -8.72 32.05 -15.71
N GLY A 272 -8.60 31.62 -14.45
CA GLY A 272 -7.74 30.51 -14.07
C GLY A 272 -6.39 30.94 -13.45
N ASP A 273 -6.22 32.22 -13.14
CA ASP A 273 -5.05 32.69 -12.44
C ASP A 273 -5.24 32.43 -10.94
N LEU A 274 -4.48 31.47 -10.39
CA LEU A 274 -4.65 31.01 -9.01
C LEU A 274 -4.46 32.17 -8.03
N LEU A 275 -3.42 33.00 -8.20
CA LEU A 275 -3.17 34.07 -7.24
C LEU A 275 -4.30 35.08 -7.25
N GLU A 276 -4.76 35.50 -8.43
CA GLU A 276 -5.78 36.52 -8.54
C GLU A 276 -7.09 35.98 -7.92
N CYS A 277 -7.41 34.73 -8.27
CA CYS A 277 -8.56 34.02 -7.74
C CYS A 277 -8.52 33.96 -6.21
N ALA A 278 -7.35 33.64 -5.63
CA ALA A 278 -7.19 33.47 -4.20
C ALA A 278 -7.37 34.81 -3.48
N ASP A 279 -6.77 35.87 -4.02
CA ASP A 279 -6.93 37.19 -3.44
C ASP A 279 -8.39 37.60 -3.51
N ASP A 280 -9.07 37.28 -4.61
CA ASP A 280 -10.46 37.69 -4.76
C ASP A 280 -11.28 36.94 -3.72
N ARG A 281 -11.01 35.63 -3.56
CA ARG A 281 -11.75 34.85 -2.58
C ARG A 281 -11.46 35.33 -1.16
N ALA A 282 -10.19 35.56 -0.84
CA ALA A 282 -9.82 36.01 0.49
C ALA A 282 -10.43 37.37 0.82
N ASP A 283 -10.49 38.28 -0.17
CA ASP A 283 -11.09 39.59 0.05
C ASP A 283 -12.57 39.44 0.39
N LEU A 284 -13.29 38.55 -0.32
CA LEU A 284 -14.71 38.40 -0.08
C LEU A 284 -14.93 37.74 1.29
N ALA A 285 -14.01 36.86 1.71
CA ALA A 285 -14.12 36.19 3.00
C ALA A 285 -13.87 37.18 4.13
N LYS A 286 -12.92 38.09 3.91
CA LYS A 286 -12.64 39.14 4.87
C LYS A 286 -13.89 40.01 5.00
N TYR A 287 -14.44 40.43 3.87
CA TYR A 287 -15.64 41.25 3.92
C TYR A 287 -16.73 40.54 4.75
N ILE A 288 -17.00 39.28 4.45
CA ILE A 288 -18.09 38.56 5.08
C ILE A 288 -17.88 38.50 6.59
N CYS A 289 -16.66 38.20 7.01
CA CYS A 289 -16.33 38.05 8.42
C CYS A 289 -16.43 39.36 9.19
N GLU A 290 -16.13 40.49 8.54
CA GLU A 290 -16.24 41.78 9.20
C GLU A 290 -17.69 42.25 9.23
N ASN A 291 -18.61 41.48 8.62
CA ASN A 291 -19.97 41.95 8.46
C ASN A 291 -20.94 40.88 8.94
N GLN A 292 -20.48 39.98 9.80
CA GLN A 292 -21.26 38.82 10.21
C GLN A 292 -22.64 39.21 10.69
N ASP A 293 -22.75 40.31 11.47
CA ASP A 293 -23.99 40.66 12.13
C ASP A 293 -25.04 41.08 11.11
N SER A 294 -24.62 41.56 9.94
CA SER A 294 -25.58 41.85 8.89
C SER A 294 -25.65 40.73 7.84
N ILE A 295 -25.13 39.52 8.13
CA ILE A 295 -25.13 38.45 7.13
C ILE A 295 -25.68 37.16 7.71
N SER A 296 -25.05 36.65 8.77
CA SER A 296 -25.42 35.36 9.33
C SER A 296 -24.84 35.18 10.74
N SER A 297 -25.60 34.47 11.59
CA SER A 297 -25.17 34.09 12.92
C SER A 297 -24.40 32.76 12.93
N LYS A 298 -24.16 32.15 11.76
CA LYS A 298 -23.57 30.82 11.72
C LYS A 298 -22.10 30.88 11.26
N LEU A 299 -21.55 32.08 11.18
CA LEU A 299 -20.26 32.29 10.54
C LEU A 299 -19.11 32.38 11.55
N LYS A 300 -19.42 32.44 12.85
CA LYS A 300 -18.42 32.71 13.87
C LYS A 300 -17.27 31.72 13.74
N GLU A 301 -17.58 30.42 13.57
CA GLU A 301 -16.57 29.37 13.57
C GLU A 301 -15.65 29.53 12.36
N CYS A 302 -16.29 29.77 11.22
CA CYS A 302 -15.60 29.95 9.96
C CYS A 302 -14.66 31.15 10.03
N CYS A 303 -15.07 32.21 10.72
CA CYS A 303 -14.34 33.46 10.64
C CYS A 303 -13.16 33.47 11.60
N GLU A 304 -13.02 32.41 12.40
CA GLU A 304 -11.88 32.24 13.29
C GLU A 304 -10.81 31.33 12.66
N LYS A 305 -11.03 30.89 11.42
CA LYS A 305 -10.10 30.00 10.73
C LYS A 305 -9.03 30.85 10.05
N PRO A 306 -7.84 30.26 9.78
CA PRO A 306 -6.79 31.01 9.08
C PRO A 306 -7.22 31.24 7.62
N LEU A 307 -6.50 32.13 6.91
CA LEU A 307 -6.93 32.65 5.63
C LEU A 307 -7.18 31.48 4.68
N LEU A 308 -6.32 30.48 4.74
CA LEU A 308 -6.34 29.41 3.77
C LEU A 308 -7.68 28.67 3.75
N GLU A 309 -8.35 28.58 4.90
CA GLU A 309 -9.50 27.70 5.05
C GLU A 309 -10.79 28.51 5.19
N LYS A 310 -10.68 29.84 5.27
CA LYS A 310 -11.79 30.67 5.71
C LYS A 310 -12.84 30.66 4.61
N SER A 311 -12.42 30.96 3.38
CA SER A 311 -13.37 31.06 2.29
C SER A 311 -14.01 29.69 2.03
N HIS A 312 -13.26 28.61 2.19
CA HIS A 312 -13.78 27.27 2.03
C HIS A 312 -14.90 27.04 3.03
N CYS A 313 -14.62 27.34 4.30
CA CYS A 313 -15.55 27.09 5.39
C CYS A 313 -16.84 27.89 5.17
N ILE A 314 -16.71 29.14 4.74
CA ILE A 314 -17.88 29.99 4.54
C ILE A 314 -18.79 29.39 3.46
N ALA A 315 -18.17 28.94 2.35
CA ALA A 315 -18.90 28.36 1.23
C ALA A 315 -19.73 27.15 1.69
N GLU A 316 -19.34 26.47 2.77
CA GLU A 316 -20.01 25.26 3.23
C GLU A 316 -20.90 25.51 4.45
N VAL A 317 -21.02 26.75 4.91
CA VAL A 317 -21.72 27.05 6.15
C VAL A 317 -23.17 26.61 5.97
N GLU A 318 -23.79 26.13 7.06
CA GLU A 318 -25.20 25.79 7.02
C GLU A 318 -26.03 27.08 6.93
N ASN A 319 -27.25 26.92 6.41
CA ASN A 319 -28.24 27.98 6.35
C ASN A 319 -28.48 28.56 7.74
N ASP A 320 -28.66 29.88 7.80
CA ASP A 320 -29.04 30.51 9.05
C ASP A 320 -30.52 30.21 9.24
N GLU A 321 -31.01 30.35 10.48
CA GLU A 321 -32.43 30.20 10.72
C GLU A 321 -33.11 31.42 10.10
N MET A 322 -34.27 31.25 9.49
CA MET A 322 -34.89 32.41 8.86
C MET A 322 -35.59 33.23 9.94
N PRO A 323 -35.81 34.54 9.73
CA PRO A 323 -36.58 35.33 10.68
C PRO A 323 -37.97 34.72 10.81
N ALA A 324 -38.52 34.79 12.02
CA ALA A 324 -39.89 34.36 12.26
C ALA A 324 -40.82 35.45 11.72
N ASP A 325 -42.08 35.07 11.46
CA ASP A 325 -43.13 36.04 11.17
C ASP A 325 -42.77 36.89 9.95
N LEU A 326 -42.08 36.31 8.95
CA LEU A 326 -41.91 37.01 7.70
C LEU A 326 -43.28 37.05 7.03
N PRO A 327 -43.69 38.19 6.46
CA PRO A 327 -44.99 38.24 5.77
C PRO A 327 -44.96 37.38 4.52
N SER A 328 -46.14 37.09 3.96
CA SER A 328 -46.21 36.40 2.68
C SER A 328 -45.79 37.40 1.60
N LEU A 329 -45.44 36.91 0.41
CA LEU A 329 -44.97 37.75 -0.68
C LEU A 329 -46.13 38.43 -1.39
N ALA A 330 -47.37 38.09 -1.04
CA ALA A 330 -48.52 38.58 -1.80
C ALA A 330 -48.55 40.10 -1.86
N ALA A 331 -48.23 40.74 -0.73
CA ALA A 331 -48.42 42.17 -0.61
C ALA A 331 -47.51 42.90 -1.60
N ASP A 332 -46.24 42.50 -1.65
CA ASP A 332 -45.22 43.17 -2.45
C ASP A 332 -45.31 42.75 -3.93
N PHE A 333 -45.70 41.51 -4.22
CA PHE A 333 -45.44 40.95 -5.53
C PHE A 333 -46.73 40.68 -6.31
N VAL A 334 -47.89 40.86 -5.67
CA VAL A 334 -49.16 40.57 -6.33
C VAL A 334 -50.21 41.65 -6.04
N GLU A 335 -50.44 41.95 -4.77
CA GLU A 335 -51.57 42.79 -4.36
C GLU A 335 -51.25 44.27 -4.57
N SER A 336 -49.98 44.67 -4.44
CA SER A 336 -49.61 46.07 -4.52
C SER A 336 -49.97 46.66 -5.89
N LYS A 337 -50.41 47.93 -5.88
CA LYS A 337 -50.80 48.64 -7.09
C LYS A 337 -49.56 49.05 -7.88
N ASP A 338 -48.39 48.95 -7.23
CA ASP A 338 -47.12 49.41 -7.75
C ASP A 338 -46.25 48.30 -8.36
N VAL A 339 -46.79 47.08 -8.56
CA VAL A 339 -45.93 46.00 -9.00
C VAL A 339 -45.28 46.36 -10.34
N CYS A 340 -46.11 46.78 -11.31
CA CYS A 340 -45.61 46.95 -12.67
C CYS A 340 -44.69 48.16 -12.73
N LYS A 341 -45.00 49.18 -11.93
CA LYS A 341 -44.17 50.36 -11.84
C LYS A 341 -42.80 50.03 -11.23
N ASN A 342 -42.80 49.24 -10.16
CA ASN A 342 -41.55 48.86 -9.51
C ASN A 342 -40.72 47.96 -10.42
N TYR A 343 -41.40 47.01 -11.09
CA TYR A 343 -40.75 46.09 -12.00
C TYR A 343 -40.11 46.89 -13.13
N ALA A 344 -40.93 47.72 -13.79
CA ALA A 344 -40.50 48.35 -15.03
C ALA A 344 -39.30 49.27 -14.78
N GLU A 345 -39.20 49.87 -13.59
CA GLU A 345 -38.14 50.86 -13.43
C GLU A 345 -36.76 50.19 -13.34
N ALA A 346 -36.73 48.90 -12.97
CA ALA A 346 -35.47 48.23 -12.72
C ALA A 346 -35.74 46.74 -12.62
N LYS A 347 -35.79 46.10 -13.77
CA LYS A 347 -36.42 44.80 -13.92
C LYS A 347 -35.65 43.79 -13.11
N ASP A 348 -34.34 43.75 -13.33
CA ASP A 348 -33.52 42.76 -12.65
C ASP A 348 -33.54 43.00 -11.16
N VAL A 349 -33.55 44.26 -10.71
CA VAL A 349 -33.56 44.52 -9.29
C VAL A 349 -34.83 43.97 -8.64
N PHE A 350 -35.97 44.17 -9.30
CA PHE A 350 -37.25 43.79 -8.74
C PHE A 350 -37.37 42.24 -8.74
N LEU A 351 -36.93 41.60 -9.82
CA LEU A 351 -36.88 40.14 -9.88
C LEU A 351 -35.90 39.56 -8.87
N GLY A 352 -34.77 40.25 -8.66
CA GLY A 352 -33.82 39.86 -7.64
C GLY A 352 -34.45 39.90 -6.25
N MET A 353 -35.23 40.96 -5.99
CA MET A 353 -35.92 41.08 -4.71
C MET A 353 -36.89 39.91 -4.56
N PHE A 354 -37.67 39.63 -5.61
CA PHE A 354 -38.58 38.49 -5.60
C PHE A 354 -37.85 37.21 -5.23
N LEU A 355 -36.73 36.96 -5.91
CA LEU A 355 -36.00 35.72 -5.71
C LEU A 355 -35.44 35.69 -4.28
N TYR A 356 -34.95 36.84 -3.81
CA TYR A 356 -34.44 36.96 -2.46
C TYR A 356 -35.52 36.63 -1.43
N GLU A 357 -36.70 37.21 -1.61
CA GLU A 357 -37.78 36.97 -0.67
C GLU A 357 -38.24 35.52 -0.72
N TYR A 358 -38.34 34.94 -1.93
CA TYR A 358 -38.81 33.58 -2.06
C TYR A 358 -37.80 32.60 -1.49
N ALA A 359 -36.51 32.82 -1.79
CA ALA A 359 -35.45 31.88 -1.43
C ALA A 359 -35.24 31.86 0.08
N ARG A 360 -35.24 33.06 0.71
CA ARG A 360 -34.90 33.10 2.12
C ARG A 360 -35.98 32.38 2.94
N ARG A 361 -37.22 32.37 2.43
CA ARG A 361 -38.32 31.63 3.00
C ARG A 361 -38.35 30.17 2.59
N HIS A 362 -37.59 29.77 1.55
CA HIS A 362 -37.60 28.37 1.15
C HIS A 362 -36.22 27.72 1.01
N PRO A 363 -35.52 27.47 2.12
CA PRO A 363 -34.27 26.68 2.10
C PRO A 363 -34.51 25.19 1.73
N ASP A 364 -35.77 24.75 1.72
CA ASP A 364 -36.13 23.39 1.34
C ASP A 364 -36.28 23.22 -0.16
N TYR A 365 -36.26 24.33 -0.92
CA TYR A 365 -36.28 24.24 -2.37
C TYR A 365 -34.87 24.12 -2.92
N SER A 366 -34.75 23.45 -4.07
CA SER A 366 -33.58 23.61 -4.92
C SER A 366 -33.46 25.04 -5.40
N VAL A 367 -32.22 25.47 -5.66
CA VAL A 367 -31.96 26.72 -6.36
C VAL A 367 -32.66 26.76 -7.71
N VAL A 368 -32.62 25.67 -8.51
CA VAL A 368 -33.18 25.74 -9.83
C VAL A 368 -34.68 25.90 -9.73
N LEU A 369 -35.31 25.27 -8.73
CA LEU A 369 -36.74 25.45 -8.56
C LEU A 369 -37.05 26.94 -8.34
N LEU A 370 -36.29 27.61 -7.46
CA LEU A 370 -36.49 29.03 -7.19
C LEU A 370 -36.30 29.85 -8.47
N LEU A 371 -35.33 29.50 -9.31
CA LEU A 371 -35.12 30.18 -10.60
C LEU A 371 -36.29 29.95 -11.53
N ARG A 372 -36.86 28.73 -11.56
CA ARG A 372 -38.05 28.48 -12.35
C ARG A 372 -39.21 29.41 -11.94
N LEU A 373 -39.37 29.62 -10.64
CA LEU A 373 -40.44 30.42 -10.12
C LEU A 373 -40.20 31.89 -10.47
N ALA A 374 -38.95 32.33 -10.34
CA ALA A 374 -38.57 33.70 -10.74
C ALA A 374 -38.78 33.92 -12.24
N LYS A 375 -38.41 32.93 -13.06
CA LYS A 375 -38.61 33.03 -14.48
C LYS A 375 -40.10 33.06 -14.80
N THR A 376 -40.89 32.29 -14.06
CA THR A 376 -42.33 32.32 -14.23
C THR A 376 -42.89 33.69 -13.88
N TYR A 377 -42.48 34.21 -12.73
CA TYR A 377 -42.89 35.54 -12.30
C TYR A 377 -42.53 36.57 -13.38
N GLU A 378 -41.28 36.52 -13.90
CA GLU A 378 -40.85 37.42 -14.96
C GLU A 378 -41.74 37.35 -16.22
N THR A 379 -42.00 36.14 -16.71
CA THR A 379 -42.81 35.90 -17.89
C THR A 379 -44.20 36.50 -17.71
N THR A 380 -44.74 36.40 -16.49
CA THR A 380 -46.07 36.88 -16.21
C THR A 380 -46.10 38.41 -16.15
N LEU A 381 -45.09 39.00 -15.52
CA LEU A 381 -45.04 40.47 -15.45
C LEU A 381 -44.86 41.05 -16.85
N GLU A 382 -43.98 40.44 -17.68
CA GLU A 382 -43.76 40.91 -19.05
C GLU A 382 -45.09 40.89 -19.81
N LYS A 383 -45.87 39.80 -19.66
CA LYS A 383 -47.14 39.72 -20.37
C LYS A 383 -48.13 40.71 -19.76
N CYS A 384 -48.29 40.67 -18.44
CA CYS A 384 -49.44 41.30 -17.81
C CYS A 384 -49.23 42.80 -17.70
N CYS A 385 -47.98 43.23 -17.60
CA CYS A 385 -47.76 44.65 -17.41
C CYS A 385 -48.04 45.43 -18.70
N ALA A 386 -48.24 44.75 -19.84
CA ALA A 386 -48.58 45.41 -21.08
C ALA A 386 -50.10 45.52 -21.22
N ALA A 387 -50.88 44.85 -20.35
CA ALA A 387 -52.33 44.86 -20.46
C ALA A 387 -52.88 46.12 -19.79
N ALA A 388 -54.10 46.54 -20.18
CA ALA A 388 -54.79 47.63 -19.52
C ALA A 388 -54.99 47.36 -18.01
N ASP A 389 -55.29 46.11 -17.61
CA ASP A 389 -55.46 45.74 -16.20
C ASP A 389 -54.45 44.66 -15.81
N PRO A 390 -53.20 45.07 -15.51
CA PRO A 390 -52.15 44.13 -15.14
C PRO A 390 -52.48 43.31 -13.90
N HIS A 391 -53.03 44.00 -12.89
CA HIS A 391 -53.39 43.39 -11.62
C HIS A 391 -54.25 42.17 -11.85
N GLU A 392 -55.24 42.23 -12.76
CA GLU A 392 -56.16 41.12 -12.94
C GLU A 392 -55.44 39.97 -13.65
N CYS A 393 -54.53 40.33 -14.56
CA CYS A 393 -53.85 39.36 -15.39
C CYS A 393 -52.81 38.56 -14.58
N TYR A 394 -52.14 39.16 -13.59
CA TYR A 394 -51.13 38.44 -12.82
C TYR A 394 -51.66 37.99 -11.46
N ALA A 395 -52.98 38.05 -11.28
CA ALA A 395 -53.59 37.71 -10.00
C ALA A 395 -53.35 36.24 -9.68
N LYS A 396 -53.22 35.38 -10.71
CA LYS A 396 -53.06 33.97 -10.47
C LYS A 396 -51.60 33.53 -10.53
N VAL A 397 -50.62 34.44 -10.46
CA VAL A 397 -49.27 33.99 -10.72
C VAL A 397 -48.79 33.06 -9.60
N PHE A 398 -49.13 33.33 -8.34
CA PHE A 398 -48.73 32.45 -7.25
C PHE A 398 -49.27 31.02 -7.45
N ASP A 399 -50.48 30.86 -7.99
CA ASP A 399 -51.03 29.54 -8.29
C ASP A 399 -50.20 28.78 -9.32
N GLU A 400 -49.55 29.51 -10.24
CA GLU A 400 -48.70 28.88 -11.23
C GLU A 400 -47.46 28.28 -10.54
N PHE A 401 -47.11 28.79 -9.36
CA PHE A 401 -45.94 28.25 -8.66
C PHE A 401 -46.20 26.85 -8.11
N LYS A 402 -47.44 26.57 -7.72
CA LYS A 402 -47.74 25.35 -6.98
C LYS A 402 -47.27 24.12 -7.77
N PRO A 403 -47.63 23.95 -9.05
CA PRO A 403 -47.27 22.73 -9.77
C PRO A 403 -45.77 22.59 -10.01
N LEU A 404 -45.07 23.74 -10.10
CA LEU A 404 -43.63 23.71 -10.26
C LEU A 404 -42.91 23.17 -9.02
N VAL A 405 -43.40 23.57 -7.85
CA VAL A 405 -42.89 23.11 -6.57
C VAL A 405 -43.21 21.63 -6.38
N GLU A 406 -44.42 21.25 -6.73
CA GLU A 406 -44.91 19.88 -6.48
C GLU A 406 -44.25 18.84 -7.38
N GLU A 407 -43.84 19.21 -8.60
CA GLU A 407 -43.22 18.26 -9.52
C GLU A 407 -41.96 17.66 -8.89
N PRO A 408 -40.95 18.46 -8.47
CA PRO A 408 -39.75 17.89 -7.86
C PRO A 408 -40.04 17.27 -6.48
N GLN A 409 -40.98 17.81 -5.68
CA GLN A 409 -41.28 17.21 -4.39
C GLN A 409 -41.84 15.81 -4.59
N ASN A 410 -42.67 15.62 -5.61
CA ASN A 410 -43.34 14.37 -5.83
C ASN A 410 -42.40 13.34 -6.42
N LEU A 411 -41.45 13.78 -7.27
CA LEU A 411 -40.42 12.91 -7.84
C LEU A 411 -39.51 12.35 -6.74
N ILE A 412 -39.11 13.24 -5.82
CA ILE A 412 -38.30 12.87 -4.68
C ILE A 412 -39.06 11.86 -3.83
N LYS A 413 -40.32 12.15 -3.52
CA LYS A 413 -41.11 11.30 -2.64
C LYS A 413 -41.16 9.91 -3.26
N GLN A 414 -41.46 9.83 -4.57
CA GLN A 414 -41.64 8.56 -5.26
C GLN A 414 -40.32 7.82 -5.29
N ASN A 415 -39.26 8.52 -5.67
CA ASN A 415 -37.95 7.86 -5.79
C ASN A 415 -37.44 7.36 -4.44
N CYS A 416 -37.63 8.13 -3.36
CA CYS A 416 -37.21 7.71 -2.03
C CYS A 416 -38.04 6.51 -1.54
N GLU A 417 -39.34 6.49 -1.83
CA GLU A 417 -40.15 5.32 -1.53
C GLU A 417 -39.66 4.10 -2.31
N LEU A 418 -39.35 4.28 -3.60
CA LEU A 418 -38.89 3.16 -4.39
C LEU A 418 -37.53 2.69 -3.87
N PHE A 419 -36.69 3.65 -3.46
CA PHE A 419 -35.37 3.28 -2.98
C PHE A 419 -35.47 2.43 -1.71
N GLU A 420 -36.42 2.79 -0.83
CA GLU A 420 -36.62 2.13 0.45
C GLU A 420 -37.08 0.68 0.22
N GLN A 421 -37.99 0.48 -0.74
CA GLN A 421 -38.50 -0.83 -1.06
C GLN A 421 -37.44 -1.73 -1.69
N LEU A 422 -36.53 -1.18 -2.53
CA LEU A 422 -35.65 -2.04 -3.31
C LEU A 422 -34.28 -2.19 -2.68
N GLY A 423 -33.85 -1.18 -1.90
CA GLY A 423 -32.44 -1.04 -1.56
C GLY A 423 -31.62 -0.52 -2.73
N GLU A 424 -30.38 -0.11 -2.44
CA GLU A 424 -29.56 0.67 -3.35
C GLU A 424 -29.35 -0.08 -4.66
N TYR A 425 -28.96 -1.35 -4.55
CA TYR A 425 -28.56 -2.12 -5.72
C TYR A 425 -29.75 -2.32 -6.66
N LYS A 426 -30.89 -2.77 -6.17
CA LYS A 426 -32.02 -3.03 -7.04
C LYS A 426 -32.64 -1.72 -7.53
N PHE A 427 -32.41 -0.64 -6.78
CA PHE A 427 -32.88 0.65 -7.22
C PHE A 427 -32.07 1.05 -8.46
N GLN A 428 -30.76 0.88 -8.36
CA GLN A 428 -29.88 1.13 -9.47
C GLN A 428 -30.32 0.31 -10.69
N ASN A 429 -30.71 -0.95 -10.47
CA ASN A 429 -31.08 -1.80 -11.57
C ASN A 429 -32.38 -1.32 -12.18
N ALA A 430 -33.29 -0.79 -11.37
CA ALA A 430 -34.53 -0.28 -11.94
C ALA A 430 -34.18 0.91 -12.85
N LEU A 431 -33.27 1.79 -12.40
CA LEU A 431 -32.90 2.95 -13.20
C LEU A 431 -32.16 2.51 -14.46
N LEU A 432 -31.30 1.49 -14.32
CA LEU A 432 -30.55 1.01 -15.43
C LEU A 432 -31.51 0.58 -16.54
N VAL A 433 -32.54 -0.19 -16.17
CA VAL A 433 -33.46 -0.68 -17.15
C VAL A 433 -34.18 0.51 -17.80
N ARG A 434 -34.68 1.44 -16.98
CA ARG A 434 -35.49 2.54 -17.49
C ARG A 434 -34.62 3.43 -18.37
N TYR A 435 -33.38 3.76 -17.99
CA TYR A 435 -32.57 4.68 -18.78
C TYR A 435 -31.98 4.01 -20.03
N THR A 436 -31.74 2.70 -19.99
CA THR A 436 -31.38 2.00 -21.20
C THR A 436 -32.52 2.06 -22.22
N LYS A 437 -33.76 1.88 -21.80
CA LYS A 437 -34.85 1.93 -22.75
C LYS A 437 -35.02 3.37 -23.30
N LYS A 438 -34.73 4.37 -22.49
CA LYS A 438 -34.90 5.75 -22.94
C LYS A 438 -33.85 6.15 -23.98
N VAL A 439 -32.59 5.83 -23.70
CA VAL A 439 -31.47 6.31 -24.49
C VAL A 439 -30.52 5.14 -24.74
N PRO A 440 -30.98 4.10 -25.48
CA PRO A 440 -30.19 2.88 -25.63
C PRO A 440 -28.93 3.04 -26.48
N GLN A 441 -28.78 4.17 -27.14
CA GLN A 441 -27.59 4.47 -27.93
C GLN A 441 -26.42 4.85 -27.00
N VAL A 442 -26.65 5.19 -25.73
CA VAL A 442 -25.53 5.53 -24.88
C VAL A 442 -24.70 4.27 -24.62
N SER A 443 -23.39 4.42 -24.45
CA SER A 443 -22.50 3.29 -24.25
C SER A 443 -22.87 2.58 -22.93
N THR A 444 -22.65 1.26 -22.89
CA THR A 444 -23.00 0.48 -21.73
C THR A 444 -22.29 1.01 -20.48
N PRO A 445 -20.97 1.31 -20.50
CA PRO A 445 -20.29 1.79 -19.30
C PRO A 445 -20.89 3.08 -18.74
N THR A 446 -21.28 3.97 -19.65
CA THR A 446 -21.88 5.23 -19.28
C THR A 446 -23.25 5.03 -18.63
N LEU A 447 -24.04 4.09 -19.15
CA LEU A 447 -25.36 3.82 -18.60
C LEU A 447 -25.21 3.25 -17.19
N VAL A 448 -24.23 2.36 -17.04
CA VAL A 448 -23.94 1.73 -15.75
C VAL A 448 -23.49 2.79 -14.75
N GLU A 449 -22.49 3.61 -15.14
CA GLU A 449 -21.93 4.59 -14.22
C GLU A 449 -23.01 5.59 -13.83
N VAL A 450 -23.79 6.07 -14.81
CA VAL A 450 -24.81 7.07 -14.50
C VAL A 450 -25.86 6.47 -13.57
N SER A 451 -26.31 5.23 -13.86
CA SER A 451 -27.39 4.63 -13.11
C SER A 451 -26.95 4.36 -11.68
N ARG A 452 -25.70 3.91 -11.52
CA ARG A 452 -25.16 3.66 -10.21
C ARG A 452 -25.07 4.97 -9.46
N ASN A 453 -24.59 6.03 -10.12
CA ASN A 453 -24.47 7.33 -9.44
C ASN A 453 -25.84 7.87 -9.06
N LEU A 454 -26.85 7.66 -9.90
CA LEU A 454 -28.16 8.13 -9.54
C LEU A 454 -28.67 7.38 -8.31
N GLY A 455 -28.33 6.09 -8.22
CA GLY A 455 -28.66 5.34 -7.04
C GLY A 455 -27.94 5.84 -5.78
N LYS A 456 -26.68 6.24 -5.94
CA LYS A 456 -25.95 6.86 -4.84
C LYS A 456 -26.60 8.17 -4.41
N VAL A 457 -27.22 8.90 -5.35
CA VAL A 457 -27.92 10.12 -4.97
C VAL A 457 -29.12 9.77 -4.09
N GLY A 458 -29.79 8.67 -4.45
CA GLY A 458 -30.91 8.19 -3.68
C GLY A 458 -30.47 7.85 -2.26
N SER A 459 -29.38 7.08 -2.16
CA SER A 459 -28.85 6.68 -0.88
C SER A 459 -28.59 7.91 -0.02
N LYS A 460 -27.86 8.86 -0.60
CA LYS A 460 -27.42 10.02 0.14
C LYS A 460 -28.67 10.81 0.57
N CYS A 461 -29.51 11.18 -0.37
CA CYS A 461 -30.45 12.27 -0.15
C CYS A 461 -31.73 11.74 0.52
N CYS A 462 -32.05 10.47 0.34
CA CYS A 462 -33.25 9.93 0.95
C CYS A 462 -33.11 9.77 2.47
N LYS A 463 -31.89 9.77 3.00
CA LYS A 463 -31.64 9.81 4.44
C LYS A 463 -31.87 11.18 5.05
N HIS A 464 -32.04 12.23 4.23
CA HIS A 464 -32.44 13.52 4.75
C HIS A 464 -33.95 13.53 4.94
N PRO A 465 -34.44 14.35 5.87
CA PRO A 465 -35.87 14.67 5.93
C PRO A 465 -36.31 15.47 4.71
N GLU A 466 -37.62 15.52 4.48
CA GLU A 466 -38.26 16.11 3.33
C GLU A 466 -37.67 17.51 3.06
N ALA A 467 -37.53 18.29 4.13
CA ALA A 467 -37.06 19.66 4.09
C ALA A 467 -35.67 19.77 3.45
N LYS A 468 -34.86 18.72 3.54
CA LYS A 468 -33.47 18.85 3.14
C LYS A 468 -33.27 18.09 1.83
N ARG A 469 -34.31 17.38 1.38
CA ARG A 469 -34.13 16.45 0.27
C ARG A 469 -33.89 17.16 -1.06
N MET A 470 -34.68 18.18 -1.38
CA MET A 470 -34.58 18.78 -2.71
C MET A 470 -33.22 19.44 -2.89
N PRO A 471 -32.65 20.21 -1.93
CA PRO A 471 -31.33 20.80 -2.18
C PRO A 471 -30.24 19.76 -2.33
N CYS A 472 -30.31 18.71 -1.51
CA CYS A 472 -29.36 17.61 -1.62
C CYS A 472 -29.43 16.95 -3.00
N ALA A 473 -30.62 16.64 -3.49
CA ALA A 473 -30.77 16.01 -4.81
C ALA A 473 -30.29 16.96 -5.91
N GLU A 474 -30.58 18.25 -5.79
CA GLU A 474 -30.13 19.19 -6.80
C GLU A 474 -28.62 19.13 -6.92
N ASP A 475 -27.94 19.23 -5.79
CA ASP A 475 -26.49 19.30 -5.77
C ASP A 475 -25.89 18.03 -6.39
N TYR A 476 -26.31 16.87 -5.93
CA TYR A 476 -25.70 15.63 -6.40
C TYR A 476 -26.14 15.33 -7.83
N LEU A 477 -27.43 15.50 -8.18
CA LEU A 477 -27.87 15.33 -9.56
C LEU A 477 -27.13 16.26 -10.52
N SER A 478 -26.88 17.49 -10.10
CA SER A 478 -26.14 18.40 -10.95
C SER A 478 -24.80 17.78 -11.32
N VAL A 479 -24.14 17.06 -10.41
CA VAL A 479 -22.85 16.51 -10.79
C VAL A 479 -23.06 15.25 -11.60
N VAL A 480 -24.09 14.44 -11.33
CA VAL A 480 -24.28 13.24 -12.13
C VAL A 480 -24.61 13.63 -13.57
N LEU A 481 -25.56 14.57 -13.74
CA LEU A 481 -25.99 14.98 -15.06
C LEU A 481 -24.86 15.71 -15.79
N ASN A 482 -24.02 16.44 -15.07
CA ASN A 482 -22.86 17.07 -15.71
C ASN A 482 -21.89 16.01 -16.24
N GLN A 483 -21.53 14.98 -15.43
CA GLN A 483 -20.64 13.91 -15.86
C GLN A 483 -21.18 13.24 -17.13
N LEU A 484 -22.52 13.13 -17.22
CA LEU A 484 -23.16 12.53 -18.38
C LEU A 484 -23.01 13.47 -19.59
N CYS A 485 -23.27 14.75 -19.34
CA CYS A 485 -23.26 15.72 -20.40
C CYS A 485 -21.83 15.90 -20.96
N VAL A 486 -20.81 15.79 -20.10
CA VAL A 486 -19.43 15.91 -20.54
C VAL A 486 -19.11 14.73 -21.45
N LEU A 487 -19.49 13.52 -21.03
CA LEU A 487 -19.24 12.32 -21.83
C LEU A 487 -19.93 12.46 -23.18
N HIS A 488 -21.19 12.89 -23.15
CA HIS A 488 -22.00 12.89 -24.34
C HIS A 488 -21.49 13.92 -25.35
N GLU A 489 -21.08 15.08 -24.85
CA GLU A 489 -20.58 16.15 -25.69
C GLU A 489 -19.30 15.69 -26.40
N LYS A 490 -18.49 14.84 -25.75
CA LYS A 490 -17.27 14.34 -26.37
C LYS A 490 -17.57 13.21 -27.39
N THR A 491 -18.70 12.51 -27.25
CA THR A 491 -19.03 11.41 -28.13
C THR A 491 -20.55 11.37 -28.31
N PRO A 492 -21.15 12.29 -29.08
CA PRO A 492 -22.60 12.40 -29.12
C PRO A 492 -23.22 11.15 -29.73
N VAL A 493 -24.40 10.79 -29.21
CA VAL A 493 -25.08 9.62 -29.67
C VAL A 493 -26.57 9.91 -29.76
N SER A 494 -27.07 10.93 -29.07
CA SER A 494 -28.52 11.13 -29.00
C SER A 494 -28.85 12.62 -29.09
N ASP A 495 -29.72 12.99 -30.01
CA ASP A 495 -30.17 14.37 -30.09
C ASP A 495 -30.96 14.80 -28.84
N ARG A 496 -31.72 13.87 -28.24
CA ARG A 496 -32.47 14.17 -27.03
C ARG A 496 -31.55 14.50 -25.85
N VAL A 497 -30.45 13.77 -25.74
CA VAL A 497 -29.49 14.05 -24.70
C VAL A 497 -28.83 15.40 -24.98
N THR A 498 -28.43 15.62 -26.24
CA THR A 498 -27.83 16.90 -26.61
C THR A 498 -28.69 18.03 -26.14
N LYS A 499 -29.97 17.94 -26.45
CA LYS A 499 -30.89 18.99 -26.10
C LYS A 499 -30.87 19.27 -24.60
N CYS A 500 -31.02 18.21 -23.77
CA CYS A 500 -31.04 18.35 -22.32
C CYS A 500 -29.74 18.95 -21.79
N CYS A 501 -28.62 18.51 -22.36
CA CYS A 501 -27.32 19.00 -21.95
C CYS A 501 -27.05 20.46 -22.32
N THR A 502 -27.76 21.01 -23.30
CA THR A 502 -27.41 22.31 -23.86
C THR A 502 -28.53 23.32 -23.54
N GLU A 503 -29.60 22.87 -22.87
CA GLU A 503 -30.68 23.78 -22.50
C GLU A 503 -30.18 24.62 -21.33
N SER A 504 -30.99 25.59 -20.91
CA SER A 504 -30.71 26.27 -19.66
C SER A 504 -30.47 25.20 -18.59
N LEU A 505 -29.46 25.41 -17.76
CA LEU A 505 -29.17 24.47 -16.66
C LEU A 505 -30.39 24.36 -15.74
N VAL A 506 -31.20 25.44 -15.65
CA VAL A 506 -32.48 25.44 -14.97
C VAL A 506 -33.40 24.33 -15.48
N ASN A 507 -33.41 24.11 -16.80
CA ASN A 507 -34.37 23.22 -17.43
C ASN A 507 -33.78 21.84 -17.68
N ARG A 508 -32.49 21.68 -17.35
CA ARG A 508 -31.79 20.46 -17.68
C ARG A 508 -32.49 19.26 -17.03
N ARG A 509 -32.78 19.31 -15.72
CA ARG A 509 -33.23 18.11 -15.03
C ARG A 509 -34.64 17.80 -15.52
N PRO A 510 -35.57 18.75 -15.60
CA PRO A 510 -36.89 18.47 -16.20
C PRO A 510 -36.87 17.94 -17.65
N CYS A 511 -35.94 18.43 -18.49
CA CYS A 511 -35.74 17.89 -19.85
C CYS A 511 -35.32 16.41 -19.77
N PHE A 512 -34.34 16.07 -18.93
CA PHE A 512 -34.02 14.66 -18.69
C PHE A 512 -35.17 13.83 -18.11
N SER A 513 -35.94 14.40 -17.17
CA SER A 513 -37.15 13.75 -16.66
C SER A 513 -38.22 13.54 -17.72
N ALA A 514 -38.21 14.35 -18.77
CA ALA A 514 -39.19 14.24 -19.85
C ALA A 514 -38.78 13.20 -20.88
N LEU A 515 -37.55 12.67 -20.82
CA LEU A 515 -37.17 11.63 -21.78
C LEU A 515 -38.13 10.47 -21.68
N GLU A 516 -38.45 9.90 -22.84
CA GLU A 516 -39.32 8.75 -23.00
C GLU A 516 -38.50 7.63 -23.64
N VAL A 517 -39.07 6.42 -23.55
CA VAL A 517 -38.60 5.25 -24.25
C VAL A 517 -38.40 5.55 -25.74
N ASP A 518 -37.29 5.09 -26.27
CA ASP A 518 -36.98 5.29 -27.68
C ASP A 518 -37.71 4.24 -28.53
N GLU A 519 -38.68 4.72 -29.29
CA GLU A 519 -39.54 3.90 -30.13
C GLU A 519 -38.82 3.47 -31.40
N THR A 520 -37.70 4.12 -31.76
CA THR A 520 -37.07 3.94 -33.07
C THR A 520 -35.88 3.01 -32.99
N TYR A 521 -35.40 2.76 -31.77
CA TYR A 521 -34.20 1.99 -31.54
C TYR A 521 -34.26 0.59 -32.17
N VAL A 522 -33.16 0.19 -32.84
CA VAL A 522 -33.04 -1.13 -33.41
C VAL A 522 -32.29 -2.01 -32.44
N PRO A 523 -32.89 -3.13 -31.96
CA PRO A 523 -32.28 -3.99 -30.96
C PRO A 523 -30.86 -4.38 -31.35
N LYS A 524 -29.94 -4.40 -30.39
CA LYS A 524 -28.60 -4.91 -30.67
C LYS A 524 -28.72 -6.42 -30.91
N GLU A 525 -27.90 -6.91 -31.83
CA GLU A 525 -27.83 -8.33 -32.17
C GLU A 525 -27.19 -9.10 -31.02
N PHE A 526 -27.70 -10.31 -30.78
CA PHE A 526 -27.22 -11.18 -29.73
C PHE A 526 -25.74 -11.48 -29.96
N ASN A 527 -24.99 -11.45 -28.87
CA ASN A 527 -23.58 -11.84 -28.81
C ASN A 527 -23.39 -12.75 -27.59
N ALA A 528 -22.99 -14.01 -27.81
CA ALA A 528 -22.92 -14.98 -26.73
C ALA A 528 -21.86 -14.57 -25.72
N GLU A 529 -20.75 -13.97 -26.18
CA GLU A 529 -19.69 -13.58 -25.28
C GLU A 529 -20.19 -12.55 -24.25
N THR A 530 -21.16 -11.73 -24.65
CA THR A 530 -21.62 -10.64 -23.79
C THR A 530 -22.24 -11.24 -22.53
N PHE A 531 -22.89 -12.39 -22.69
CA PHE A 531 -23.61 -13.03 -21.60
C PHE A 531 -22.86 -14.25 -21.08
N THR A 532 -21.52 -14.29 -21.17
CA THR A 532 -20.75 -15.35 -20.54
C THR A 532 -20.12 -14.81 -19.27
N PHE A 533 -20.16 -15.63 -18.22
CA PHE A 533 -19.62 -15.26 -16.91
C PHE A 533 -18.61 -16.31 -16.51
N HIS A 534 -17.68 -15.90 -15.63
CA HIS A 534 -16.56 -16.73 -15.20
C HIS A 534 -16.54 -16.82 -13.68
N ALA A 535 -15.76 -17.78 -13.16
CA ALA A 535 -15.76 -18.21 -11.78
C ALA A 535 -15.33 -17.12 -10.79
N ASP A 536 -14.45 -16.23 -11.24
CA ASP A 536 -13.95 -15.14 -10.42
C ASP A 536 -15.07 -14.24 -9.91
N ILE A 537 -16.23 -14.20 -10.60
CA ILE A 537 -17.31 -13.33 -10.17
C ILE A 537 -17.65 -13.64 -8.71
N CYS A 538 -17.53 -14.91 -8.30
CA CYS A 538 -17.81 -15.36 -6.95
C CYS A 538 -16.96 -14.66 -5.87
N THR A 539 -15.76 -14.23 -6.22
CA THR A 539 -14.77 -13.81 -5.22
C THR A 539 -14.49 -12.32 -5.37
N LEU A 540 -14.98 -11.68 -6.44
CA LEU A 540 -14.84 -10.24 -6.62
C LEU A 540 -15.43 -9.50 -5.44
N SER A 541 -15.01 -8.24 -5.28
CA SER A 541 -15.71 -7.30 -4.42
C SER A 541 -17.16 -7.14 -4.90
N GLU A 542 -18.00 -6.68 -3.95
CA GLU A 542 -19.43 -6.54 -4.17
C GLU A 542 -19.60 -5.53 -5.30
N LYS A 543 -18.75 -4.49 -5.30
CA LYS A 543 -18.81 -3.42 -6.27
C LYS A 543 -18.49 -3.98 -7.67
N GLU A 544 -17.41 -4.76 -7.81
CA GLU A 544 -16.99 -5.26 -9.12
C GLU A 544 -17.97 -6.33 -9.61
N ARG A 545 -18.49 -7.15 -8.72
CA ARG A 545 -19.51 -8.12 -9.08
C ARG A 545 -20.76 -7.39 -9.57
N GLN A 546 -21.21 -6.40 -8.79
CA GLN A 546 -22.34 -5.60 -9.19
C GLN A 546 -22.16 -4.99 -10.59
N ILE A 547 -20.98 -4.42 -10.88
CA ILE A 547 -20.75 -3.75 -12.14
C ILE A 547 -20.75 -4.73 -13.31
N LYS A 548 -20.21 -5.94 -13.10
CA LYS A 548 -20.32 -6.98 -14.11
C LYS A 548 -21.78 -7.37 -14.36
N LYS A 549 -22.58 -7.51 -13.31
CA LYS A 549 -23.98 -7.89 -13.48
C LYS A 549 -24.80 -6.78 -14.18
N GLN A 550 -24.55 -5.55 -13.78
CA GLN A 550 -25.23 -4.38 -14.32
C GLN A 550 -24.87 -4.17 -15.78
N THR A 551 -23.60 -4.43 -16.15
CA THR A 551 -23.18 -4.39 -17.53
C THR A 551 -24.01 -5.36 -18.38
N ALA A 552 -24.17 -6.58 -17.85
CA ALA A 552 -24.87 -7.61 -18.59
C ALA A 552 -26.34 -7.21 -18.68
N LEU A 553 -26.86 -6.59 -17.61
CA LEU A 553 -28.27 -6.21 -17.58
C LEU A 553 -28.52 -5.17 -18.68
N VAL A 554 -27.60 -4.22 -18.84
CA VAL A 554 -27.77 -3.19 -19.87
C VAL A 554 -27.76 -3.84 -21.26
N GLU A 555 -26.78 -4.71 -21.50
CA GLU A 555 -26.68 -5.46 -22.73
C GLU A 555 -27.95 -6.25 -23.00
N LEU A 556 -28.54 -6.83 -21.95
CA LEU A 556 -29.75 -7.62 -22.10
C LEU A 556 -30.89 -6.71 -22.58
N VAL A 557 -30.96 -5.50 -22.00
CA VAL A 557 -32.02 -4.58 -22.38
C VAL A 557 -31.79 -4.04 -23.80
N LYS A 558 -30.54 -3.75 -24.16
CA LYS A 558 -30.22 -3.33 -25.51
C LYS A 558 -30.59 -4.42 -26.53
N HIS A 559 -30.58 -5.68 -26.09
CA HIS A 559 -30.87 -6.78 -27.01
C HIS A 559 -32.37 -7.02 -27.09
N LYS A 560 -33.07 -6.81 -25.98
CA LYS A 560 -34.50 -7.06 -25.91
C LYS A 560 -35.19 -5.86 -25.30
N PRO A 561 -35.18 -4.71 -26.00
CA PRO A 561 -35.61 -3.45 -25.40
C PRO A 561 -37.12 -3.42 -25.16
N LYS A 562 -37.83 -4.41 -25.66
CA LYS A 562 -39.26 -4.46 -25.42
C LYS A 562 -39.61 -5.47 -24.34
N ALA A 563 -38.60 -6.10 -23.71
CA ALA A 563 -38.86 -7.00 -22.60
C ALA A 563 -39.64 -6.24 -21.53
N THR A 564 -40.67 -6.88 -20.97
CA THR A 564 -41.42 -6.33 -19.85
C THR A 564 -40.64 -6.50 -18.55
N LYS A 565 -41.11 -5.77 -17.53
CA LYS A 565 -40.57 -5.91 -16.19
C LYS A 565 -40.69 -7.36 -15.70
N GLU A 566 -41.82 -8.02 -15.90
CA GLU A 566 -41.98 -9.43 -15.54
C GLU A 566 -40.94 -10.34 -16.24
N GLN A 567 -40.73 -10.15 -17.53
CA GLN A 567 -39.82 -10.96 -18.31
C GLN A 567 -38.39 -10.75 -17.85
N LEU A 568 -37.98 -9.50 -17.60
CA LEU A 568 -36.66 -9.19 -17.12
C LEU A 568 -36.44 -9.77 -15.76
N LYS A 569 -37.46 -9.64 -14.90
CA LYS A 569 -37.35 -10.17 -13.57
C LYS A 569 -37.18 -11.70 -13.61
N ALA A 570 -37.91 -12.38 -14.52
CA ALA A 570 -37.74 -13.84 -14.67
C ALA A 570 -36.30 -14.18 -15.06
N VAL A 571 -35.69 -13.38 -15.96
CA VAL A 571 -34.34 -13.65 -16.44
C VAL A 571 -33.32 -13.38 -15.34
N MET A 572 -33.50 -12.27 -14.61
CA MET A 572 -32.58 -11.91 -13.57
C MET A 572 -32.67 -12.93 -12.43
N ASP A 573 -33.84 -13.50 -12.19
CA ASP A 573 -34.00 -14.49 -11.12
C ASP A 573 -33.26 -15.77 -11.49
N ASP A 574 -33.36 -16.16 -12.77
CA ASP A 574 -32.64 -17.33 -13.25
C ASP A 574 -31.14 -17.08 -13.13
N PHE A 575 -30.72 -15.85 -13.47
CA PHE A 575 -29.31 -15.51 -13.37
C PHE A 575 -28.85 -15.68 -11.94
N ALA A 576 -29.61 -15.15 -10.97
CA ALA A 576 -29.25 -15.25 -9.55
C ALA A 576 -29.15 -16.72 -9.11
N ALA A 577 -30.11 -17.54 -9.52
CA ALA A 577 -30.06 -18.95 -9.21
C ALA A 577 -28.78 -19.58 -9.77
N PHE A 578 -28.47 -19.23 -11.03
CA PHE A 578 -27.31 -19.72 -11.75
C PHE A 578 -26.02 -19.37 -11.00
N VAL A 579 -25.87 -18.11 -10.61
CA VAL A 579 -24.68 -17.66 -9.89
C VAL A 579 -24.63 -18.34 -8.51
N GLU A 580 -25.76 -18.51 -7.85
CA GLU A 580 -25.77 -19.18 -6.55
C GLU A 580 -25.28 -20.62 -6.71
N LYS A 581 -25.69 -21.30 -7.77
CA LYS A 581 -25.35 -22.69 -7.97
C LYS A 581 -23.88 -22.84 -8.37
N CYS A 582 -23.38 -21.96 -9.23
CA CYS A 582 -22.03 -22.13 -9.73
C CYS A 582 -21.00 -21.65 -8.70
N CYS A 583 -21.37 -20.70 -7.83
CA CYS A 583 -20.48 -20.21 -6.81
C CYS A 583 -20.38 -21.23 -5.67
N LYS A 584 -21.37 -22.12 -5.53
CA LYS A 584 -21.34 -23.20 -4.56
C LYS A 584 -20.71 -24.45 -5.16
N ALA A 585 -20.50 -24.52 -6.48
CA ALA A 585 -20.06 -25.75 -7.11
C ALA A 585 -18.57 -26.01 -6.88
N ASP A 586 -18.17 -27.28 -6.97
CA ASP A 586 -16.79 -27.69 -6.80
C ASP A 586 -15.95 -27.26 -8.00
N ASP A 587 -16.45 -27.54 -9.21
CA ASP A 587 -15.74 -27.21 -10.43
C ASP A 587 -16.41 -25.98 -11.06
N LYS A 588 -15.86 -24.82 -10.75
CA LYS A 588 -16.58 -23.59 -11.01
C LYS A 588 -16.52 -23.26 -12.50
N GLU A 589 -15.38 -23.51 -13.15
CA GLU A 589 -15.22 -23.19 -14.56
C GLU A 589 -16.22 -23.98 -15.40
N THR A 590 -16.45 -25.27 -15.12
CA THR A 590 -17.32 -25.99 -16.03
C THR A 590 -18.77 -25.63 -15.72
N CYS A 591 -19.12 -25.38 -14.46
CA CYS A 591 -20.49 -24.98 -14.10
C CYS A 591 -20.87 -23.68 -14.82
N PHE A 592 -20.01 -22.68 -14.69
CA PHE A 592 -20.22 -21.39 -15.35
C PHE A 592 -20.36 -21.55 -16.87
N ALA A 593 -19.51 -22.36 -17.50
CA ALA A 593 -19.64 -22.60 -18.93
C ALA A 593 -20.95 -23.33 -19.26
N GLU A 594 -21.26 -24.44 -18.56
CA GLU A 594 -22.33 -25.35 -18.98
C GLU A 594 -23.69 -24.83 -18.48
N GLU A 595 -23.76 -24.44 -17.21
CA GLU A 595 -24.96 -23.80 -16.70
C GLU A 595 -25.18 -22.46 -17.40
N GLY A 596 -24.10 -21.74 -17.71
CA GLY A 596 -24.19 -20.49 -18.47
C GLY A 596 -24.84 -20.66 -19.85
N LYS A 597 -24.51 -21.72 -20.57
CA LYS A 597 -25.13 -21.96 -21.87
C LYS A 597 -26.62 -22.26 -21.70
N LYS A 598 -26.98 -22.95 -20.63
CA LYS A 598 -28.37 -23.29 -20.38
C LYS A 598 -29.17 -22.03 -20.04
N LEU A 599 -28.62 -21.21 -19.15
CA LEU A 599 -29.21 -19.93 -18.82
C LEU A 599 -29.47 -19.10 -20.08
N VAL A 600 -28.43 -18.93 -20.92
CA VAL A 600 -28.55 -18.08 -22.10
C VAL A 600 -29.66 -18.60 -23.02
N ALA A 601 -29.70 -19.92 -23.26
CA ALA A 601 -30.65 -20.49 -24.19
C ALA A 601 -32.07 -20.33 -23.66
N ALA A 602 -32.26 -20.59 -22.36
CA ALA A 602 -33.56 -20.46 -21.74
C ALA A 602 -34.05 -19.02 -21.84
N SER A 603 -33.17 -18.09 -21.48
CA SER A 603 -33.46 -16.65 -21.51
C SER A 603 -33.84 -16.17 -22.90
N GLN A 604 -33.07 -16.58 -23.93
CA GLN A 604 -33.42 -16.25 -25.31
C GLN A 604 -34.81 -16.76 -25.67
N ALA A 605 -35.24 -17.90 -25.12
CA ALA A 605 -36.52 -18.47 -25.52
C ALA A 605 -37.67 -17.82 -24.75
N ALA A 606 -37.41 -17.43 -23.50
CA ALA A 606 -38.33 -16.60 -22.74
C ALA A 606 -38.61 -15.28 -23.46
N LEU A 607 -37.54 -14.53 -23.77
CA LEU A 607 -37.69 -13.18 -24.27
C LEU A 607 -38.10 -13.19 -25.74
N GLY A 608 -38.09 -14.39 -26.36
CA GLY A 608 -38.81 -14.63 -27.60
C GLY A 608 -38.16 -13.94 -28.80
N HIS B 27 -4.05 -45.75 8.10
CA HIS B 27 -5.21 -44.91 8.54
C HIS B 27 -6.28 -44.95 7.46
N LYS B 28 -7.52 -45.24 7.83
CA LYS B 28 -8.61 -45.19 6.84
C LYS B 28 -8.91 -43.73 6.56
N SER B 29 -8.93 -42.87 7.59
CA SER B 29 -9.17 -41.45 7.41
C SER B 29 -7.96 -40.67 7.91
N GLU B 30 -7.09 -40.28 6.97
CA GLU B 30 -5.86 -39.57 7.30
C GLU B 30 -6.19 -38.22 7.96
N VAL B 31 -7.29 -37.58 7.51
CA VAL B 31 -7.66 -36.28 8.03
C VAL B 31 -8.07 -36.42 9.50
N ALA B 32 -8.83 -37.48 9.85
CA ALA B 32 -9.21 -37.75 11.23
C ALA B 32 -7.94 -37.99 12.06
N HIS B 33 -7.04 -38.81 11.54
CA HIS B 33 -5.81 -39.16 12.24
C HIS B 33 -5.02 -37.89 12.58
N ARG B 34 -4.93 -36.97 11.60
CA ARG B 34 -4.14 -35.75 11.78
C ARG B 34 -4.83 -34.84 12.79
N PHE B 35 -6.15 -34.80 12.69
CA PHE B 35 -6.92 -33.97 13.56
C PHE B 35 -6.74 -34.45 15.01
N LYS B 36 -6.74 -35.77 15.22
CA LYS B 36 -6.67 -36.30 16.56
C LYS B 36 -5.25 -36.14 17.10
N ASP B 37 -4.23 -36.32 16.25
CA ASP B 37 -2.84 -36.17 16.66
C ASP B 37 -2.52 -34.72 17.02
N LEU B 38 -3.04 -33.78 16.23
CA LEU B 38 -2.64 -32.40 16.37
C LEU B 38 -3.50 -31.70 17.43
N GLY B 39 -4.78 -32.06 17.51
CA GLY B 39 -5.76 -31.29 18.23
C GLY B 39 -6.30 -30.15 17.36
N GLU B 40 -7.52 -29.70 17.65
CA GLU B 40 -8.24 -28.79 16.78
C GLU B 40 -7.51 -27.46 16.58
N GLU B 41 -6.93 -26.92 17.65
CA GLU B 41 -6.25 -25.63 17.60
C GLU B 41 -5.02 -25.65 16.70
N ASN B 42 -4.14 -26.63 16.88
CA ASN B 42 -2.99 -26.77 16.02
C ASN B 42 -3.42 -27.11 14.59
N PHE B 43 -4.46 -27.94 14.45
CA PHE B 43 -4.93 -28.33 13.14
C PHE B 43 -5.38 -27.11 12.37
N LYS B 44 -6.16 -26.22 12.98
CA LYS B 44 -6.67 -25.07 12.29
C LYS B 44 -5.55 -24.12 11.88
N ALA B 45 -4.58 -23.95 12.77
CA ALA B 45 -3.39 -23.15 12.49
C ALA B 45 -2.55 -23.73 11.36
N LEU B 46 -2.34 -25.05 11.32
CA LEU B 46 -1.49 -25.63 10.28
C LEU B 46 -2.20 -25.60 8.92
N VAL B 47 -3.53 -25.73 8.91
CA VAL B 47 -4.28 -25.63 7.69
C VAL B 47 -4.21 -24.21 7.14
N LEU B 48 -4.29 -23.21 8.00
CA LEU B 48 -4.16 -21.84 7.56
C LEU B 48 -2.80 -21.63 6.90
N ILE B 49 -1.74 -22.14 7.53
CA ILE B 49 -0.39 -21.97 7.01
C ILE B 49 -0.29 -22.65 5.66
N ALA B 50 -0.74 -23.90 5.55
CA ALA B 50 -0.63 -24.66 4.33
C ALA B 50 -1.29 -23.90 3.17
N PHE B 51 -2.52 -23.38 3.37
CA PHE B 51 -3.19 -22.65 2.33
C PHE B 51 -2.50 -21.29 2.05
N ALA B 52 -2.04 -20.60 3.08
CA ALA B 52 -1.38 -19.30 2.90
C ALA B 52 -0.08 -19.49 2.11
N GLN B 53 0.56 -20.66 2.20
CA GLN B 53 1.81 -20.88 1.50
C GLN B 53 1.60 -21.19 0.02
N TYR B 54 0.42 -21.69 -0.36
CA TYR B 54 0.08 -21.97 -1.75
C TYR B 54 -0.65 -20.79 -2.38
N LEU B 55 -1.55 -20.17 -1.62
CA LEU B 55 -2.43 -19.17 -2.15
C LEU B 55 -2.01 -17.84 -1.56
N GLN B 56 -0.80 -17.41 -1.91
CA GLN B 56 -0.07 -16.37 -1.22
C GLN B 56 -0.67 -15.00 -1.49
N GLN B 57 -1.61 -14.92 -2.44
CA GLN B 57 -2.19 -13.65 -2.83
C GLN B 57 -3.65 -13.53 -2.35
N CYS B 58 -4.24 -14.60 -1.79
CA CYS B 58 -5.62 -14.52 -1.31
C CYS B 58 -5.71 -13.73 0.00
N PRO B 59 -6.81 -12.98 0.25
CA PRO B 59 -6.96 -12.28 1.53
C PRO B 59 -7.28 -13.24 2.67
N PHE B 60 -6.98 -12.73 3.88
CA PHE B 60 -7.03 -13.49 5.11
C PHE B 60 -8.42 -14.10 5.29
N GLU B 61 -9.48 -13.33 5.02
CA GLU B 61 -10.85 -13.74 5.35
C GLU B 61 -11.27 -14.88 4.43
N ASP B 62 -10.76 -14.90 3.18
CA ASP B 62 -10.93 -16.04 2.30
C ASP B 62 -10.28 -17.29 2.89
N HIS B 63 -9.08 -17.15 3.47
CA HIS B 63 -8.39 -18.30 4.04
C HIS B 63 -9.11 -18.82 5.28
N VAL B 64 -9.50 -17.90 6.16
CA VAL B 64 -10.22 -18.26 7.36
C VAL B 64 -11.44 -19.09 6.99
N LYS B 65 -12.07 -18.76 5.85
CA LYS B 65 -13.23 -19.50 5.35
C LYS B 65 -12.82 -20.90 4.89
N LEU B 66 -11.69 -21.04 4.16
CA LEU B 66 -11.19 -22.35 3.75
C LEU B 66 -10.91 -23.21 4.99
N VAL B 67 -10.30 -22.59 6.00
CA VAL B 67 -9.86 -23.29 7.19
C VAL B 67 -11.09 -23.83 7.94
N ASN B 68 -12.14 -23.02 8.05
CA ASN B 68 -13.34 -23.40 8.77
C ASN B 68 -14.03 -24.57 8.09
N GLU B 69 -14.17 -24.51 6.77
CA GLU B 69 -14.70 -25.63 6.01
C GLU B 69 -13.85 -26.88 6.15
N VAL B 70 -12.52 -26.78 6.09
CA VAL B 70 -11.71 -27.96 6.23
C VAL B 70 -11.92 -28.55 7.64
N THR B 71 -11.97 -27.68 8.65
CA THR B 71 -12.07 -28.08 10.04
C THR B 71 -13.41 -28.78 10.32
N GLU B 72 -14.49 -28.16 9.86
CA GLU B 72 -15.80 -28.79 9.96
C GLU B 72 -15.76 -30.20 9.38
N PHE B 73 -15.15 -30.31 8.19
CA PHE B 73 -15.11 -31.59 7.51
C PHE B 73 -14.31 -32.57 8.35
N ALA B 74 -13.14 -32.12 8.85
CA ALA B 74 -12.28 -33.01 9.61
C ALA B 74 -13.06 -33.59 10.80
N LYS B 75 -13.86 -32.75 11.46
CA LYS B 75 -14.63 -33.19 12.62
C LYS B 75 -15.62 -34.29 12.28
N THR B 76 -16.25 -34.19 11.08
CA THR B 76 -17.15 -35.25 10.63
C THR B 76 -16.39 -36.58 10.56
N CYS B 77 -15.11 -36.53 10.16
CA CYS B 77 -14.33 -37.74 9.99
C CYS B 77 -13.89 -38.31 11.33
N VAL B 78 -13.65 -37.40 12.30
CA VAL B 78 -13.26 -37.85 13.63
C VAL B 78 -14.45 -38.58 14.25
N ALA B 79 -15.65 -38.04 14.01
CA ALA B 79 -16.89 -38.61 14.54
C ALA B 79 -17.20 -39.96 13.90
N ASP B 80 -16.87 -40.10 12.61
CA ASP B 80 -17.18 -41.33 11.87
C ASP B 80 -16.23 -41.42 10.66
N GLU B 81 -15.25 -42.33 10.73
CA GLU B 81 -14.21 -42.40 9.71
CA GLU B 81 -14.22 -42.38 9.72
C GLU B 81 -14.80 -42.88 8.38
N SER B 82 -16.04 -43.39 8.40
CA SER B 82 -16.67 -43.89 7.18
C SER B 82 -17.51 -42.82 6.51
N ALA B 83 -17.61 -41.61 7.08
CA ALA B 83 -18.47 -40.57 6.50
C ALA B 83 -17.92 -40.13 5.13
N GLU B 84 -18.79 -39.51 4.32
CA GLU B 84 -18.50 -39.13 2.94
C GLU B 84 -17.18 -38.38 2.85
N ASN B 85 -16.26 -38.87 2.00
CA ASN B 85 -15.01 -38.21 1.64
C ASN B 85 -13.92 -38.39 2.69
N CYS B 86 -14.25 -38.99 3.85
CA CYS B 86 -13.28 -39.07 4.93
C CYS B 86 -12.19 -40.06 4.61
N ASP B 87 -12.41 -40.92 3.59
CA ASP B 87 -11.42 -41.93 3.25
C ASP B 87 -10.41 -41.41 2.23
N LYS B 88 -10.53 -40.16 1.76
CA LYS B 88 -9.60 -39.66 0.77
C LYS B 88 -8.28 -39.31 1.46
N SER B 89 -7.20 -39.38 0.69
CA SER B 89 -5.90 -38.99 1.20
C SER B 89 -5.88 -37.47 1.41
N LEU B 90 -5.04 -37.01 2.34
CA LEU B 90 -4.90 -35.59 2.64
C LEU B 90 -4.47 -34.83 1.38
N HIS B 91 -3.50 -35.35 0.62
CA HIS B 91 -3.09 -34.72 -0.62
C HIS B 91 -4.27 -34.55 -1.56
N THR B 92 -5.08 -35.60 -1.72
CA THR B 92 -6.26 -35.49 -2.56
C THR B 92 -7.17 -34.39 -2.03
N LEU B 93 -7.46 -34.42 -0.72
CA LEU B 93 -8.40 -33.47 -0.16
C LEU B 93 -7.83 -32.07 -0.28
N PHE B 94 -6.52 -31.89 -0.05
CA PHE B 94 -5.91 -30.55 -0.10
C PHE B 94 -5.98 -29.99 -1.52
N GLY B 95 -5.57 -30.83 -2.48
CA GLY B 95 -5.66 -30.54 -3.92
C GLY B 95 -7.09 -30.13 -4.33
N ASP B 96 -8.06 -30.98 -3.99
CA ASP B 96 -9.46 -30.73 -4.37
C ASP B 96 -9.89 -29.39 -3.81
N LYS B 97 -9.50 -29.13 -2.58
CA LYS B 97 -9.81 -27.85 -2.00
C LYS B 97 -9.20 -26.71 -2.79
N LEU B 98 -7.89 -26.77 -3.10
CA LEU B 98 -7.32 -25.69 -3.89
C LEU B 98 -8.09 -25.52 -5.20
N CYS B 99 -8.51 -26.64 -5.82
CA CYS B 99 -9.16 -26.58 -7.11
C CYS B 99 -10.56 -26.00 -7.03
N THR B 100 -11.10 -25.77 -5.84
CA THR B 100 -12.41 -25.14 -5.70
C THR B 100 -12.29 -23.61 -5.64
N VAL B 101 -11.06 -23.10 -5.53
CA VAL B 101 -10.91 -21.67 -5.25
C VAL B 101 -11.34 -20.85 -6.48
N ALA B 102 -12.35 -19.98 -6.29
CA ALA B 102 -12.98 -19.28 -7.42
C ALA B 102 -11.95 -18.47 -8.22
N THR B 103 -10.95 -17.86 -7.57
CA THR B 103 -10.02 -16.99 -8.24
C THR B 103 -8.77 -17.74 -8.73
N LEU B 104 -8.79 -19.09 -8.73
CA LEU B 104 -7.55 -19.83 -8.96
C LEU B 104 -6.97 -19.48 -10.34
N ARG B 105 -7.78 -19.48 -11.40
CA ARG B 105 -7.29 -19.15 -12.75
C ARG B 105 -6.92 -17.67 -12.84
N GLU B 106 -7.80 -16.79 -12.36
CA GLU B 106 -7.61 -15.36 -12.59
C GLU B 106 -6.36 -14.89 -11.86
N THR B 107 -6.02 -15.50 -10.72
CA THR B 107 -4.92 -15.00 -9.91
C THR B 107 -3.62 -15.79 -10.11
N TYR B 108 -3.72 -17.12 -10.26
CA TYR B 108 -2.54 -17.96 -10.11
C TYR B 108 -2.15 -18.57 -11.45
N GLY B 109 -3.05 -18.43 -12.45
CA GLY B 109 -2.77 -18.74 -13.83
C GLY B 109 -2.44 -20.22 -13.99
N GLU B 110 -1.13 -20.50 -14.10
CA GLU B 110 -0.58 -21.81 -14.38
C GLU B 110 -1.03 -22.83 -13.34
N MET B 111 -1.17 -22.37 -12.11
CA MET B 111 -1.46 -23.26 -11.01
C MET B 111 -2.84 -23.88 -11.18
N ALA B 112 -3.76 -23.16 -11.84
CA ALA B 112 -5.10 -23.68 -12.12
C ALA B 112 -5.03 -24.87 -13.09
N ASP B 113 -4.02 -24.87 -13.96
CA ASP B 113 -3.78 -25.98 -14.86
C ASP B 113 -3.42 -27.26 -14.09
N CYS B 114 -2.92 -27.15 -12.85
CA CYS B 114 -2.61 -28.34 -12.07
C CYS B 114 -3.88 -29.18 -11.80
N CYS B 115 -5.05 -28.55 -11.77
CA CYS B 115 -6.31 -29.20 -11.44
C CYS B 115 -6.77 -30.11 -12.57
N ALA B 116 -6.18 -30.00 -13.77
CA ALA B 116 -6.51 -30.89 -14.85
C ALA B 116 -5.83 -32.26 -14.66
N LYS B 117 -4.87 -32.37 -13.71
CA LYS B 117 -4.17 -33.64 -13.51
C LYS B 117 -4.81 -34.46 -12.38
N GLN B 118 -4.67 -35.78 -12.48
CA GLN B 118 -4.91 -36.69 -11.36
C GLN B 118 -3.70 -36.70 -10.43
N GLU B 119 -3.92 -37.13 -9.19
CA GLU B 119 -2.82 -37.33 -8.23
C GLU B 119 -2.02 -38.57 -8.63
N PRO B 120 -0.71 -38.69 -8.33
CA PRO B 120 0.05 -37.63 -7.66
C PRO B 120 0.64 -36.51 -8.54
N GLU B 121 0.39 -36.52 -9.86
CA GLU B 121 0.96 -35.48 -10.71
C GLU B 121 0.46 -34.10 -10.25
N ARG B 122 -0.79 -34.07 -9.81
CA ARG B 122 -1.42 -32.82 -9.43
C ARG B 122 -0.65 -32.17 -8.28
N ASN B 123 -0.40 -32.93 -7.24
CA ASN B 123 0.28 -32.40 -6.07
C ASN B 123 1.68 -31.90 -6.45
N GLU B 124 2.39 -32.67 -7.31
CA GLU B 124 3.72 -32.30 -7.82
C GLU B 124 3.65 -30.96 -8.57
N CYS B 125 2.58 -30.78 -9.33
CA CYS B 125 2.42 -29.59 -10.14
C CYS B 125 2.22 -28.39 -9.22
N PHE B 126 1.44 -28.55 -8.13
CA PHE B 126 1.28 -27.47 -7.16
C PHE B 126 2.63 -27.09 -6.56
N LEU B 127 3.44 -28.07 -6.18
CA LEU B 127 4.73 -27.79 -5.60
C LEU B 127 5.61 -26.97 -6.56
N GLN B 128 5.56 -27.32 -7.85
CA GLN B 128 6.35 -26.67 -8.88
C GLN B 128 6.00 -25.18 -8.98
N HIS B 129 4.77 -24.78 -8.61
CA HIS B 129 4.23 -23.45 -8.90
C HIS B 129 4.10 -22.57 -7.66
N LYS B 130 4.75 -22.91 -6.54
CA LYS B 130 4.83 -22.00 -5.42
C LYS B 130 5.87 -20.92 -5.73
N ASP B 131 5.68 -19.70 -5.21
CA ASP B 131 6.57 -18.58 -5.52
C ASP B 131 7.36 -18.17 -4.28
N ASP B 132 8.70 -18.32 -4.34
CA ASP B 132 9.59 -18.03 -3.21
C ASP B 132 9.81 -16.52 -3.04
N ASN B 133 9.53 -15.69 -4.06
CA ASN B 133 9.68 -14.25 -3.90
C ASN B 133 8.38 -13.58 -4.37
N PRO B 134 7.29 -13.64 -3.56
CA PRO B 134 5.98 -13.19 -4.01
C PRO B 134 5.67 -11.70 -4.17
N ASN B 135 6.64 -10.81 -3.92
CA ASN B 135 6.39 -9.40 -4.16
C ASN B 135 5.17 -8.93 -3.37
N LEU B 136 5.31 -9.02 -2.04
CA LEU B 136 4.31 -8.51 -1.11
C LEU B 136 4.96 -7.37 -0.36
N PRO B 137 4.18 -6.35 0.03
CA PRO B 137 4.74 -5.22 0.77
C PRO B 137 5.30 -5.72 2.09
N ARG B 138 6.38 -5.10 2.52
CA ARG B 138 6.99 -5.39 3.81
C ARG B 138 5.92 -5.32 4.92
N LEU B 139 6.05 -6.22 5.89
CA LEU B 139 5.23 -6.21 7.09
C LEU B 139 5.65 -5.08 8.02
N VAL B 140 4.70 -4.18 8.28
CA VAL B 140 4.90 -3.05 9.18
C VAL B 140 4.69 -3.54 10.62
N ARG B 141 5.64 -3.24 11.50
CA ARG B 141 5.41 -3.41 12.93
C ARG B 141 4.66 -2.18 13.43
N PRO B 142 3.37 -2.31 13.84
CA PRO B 142 2.62 -1.15 14.35
C PRO B 142 3.20 -0.67 15.69
N GLU B 143 2.61 0.41 16.17
CA GLU B 143 2.89 0.95 17.49
C GLU B 143 2.49 -0.08 18.53
N VAL B 144 3.29 -0.15 19.59
CA VAL B 144 3.03 -1.01 20.74
C VAL B 144 1.57 -0.91 21.23
N ASP B 145 1.03 0.30 21.43
CA ASP B 145 -0.33 0.38 21.97
C ASP B 145 -1.34 -0.26 21.01
N VAL B 146 -1.15 -0.04 19.70
CA VAL B 146 -2.05 -0.56 18.69
C VAL B 146 -1.99 -2.09 18.75
N MET B 147 -0.79 -2.65 18.84
CA MET B 147 -0.64 -4.11 18.86
C MET B 147 -1.25 -4.70 20.13
N CYS B 148 -1.00 -4.07 21.28
CA CYS B 148 -1.54 -4.56 22.54
C CYS B 148 -3.06 -4.45 22.52
N THR B 149 -3.58 -3.37 21.93
CA THR B 149 -5.04 -3.27 21.89
C THR B 149 -5.67 -4.39 21.05
N ALA B 150 -5.14 -4.62 19.85
CA ALA B 150 -5.70 -5.64 18.98
C ALA B 150 -5.51 -7.04 19.59
N PHE B 151 -4.33 -7.30 20.15
CA PHE B 151 -4.08 -8.56 20.85
C PHE B 151 -5.12 -8.78 21.94
N HIS B 152 -5.38 -7.72 22.71
CA HIS B 152 -6.42 -7.75 23.74
C HIS B 152 -7.80 -7.91 23.12
N ASP B 153 -8.13 -7.20 22.02
CA ASP B 153 -9.50 -7.19 21.53
C ASP B 153 -9.91 -8.48 20.81
N ASN B 154 -8.96 -9.15 20.15
CA ASN B 154 -9.25 -10.39 19.44
C ASN B 154 -7.94 -11.13 19.20
N GLU B 155 -7.54 -11.90 20.19
CA GLU B 155 -6.23 -12.50 20.25
C GLU B 155 -6.04 -13.52 19.13
N GLU B 156 -7.11 -14.26 18.81
CA GLU B 156 -7.05 -15.35 17.83
C GLU B 156 -6.81 -14.76 16.43
N THR B 157 -7.71 -13.87 16.00
CA THR B 157 -7.55 -13.11 14.77
C THR B 157 -6.17 -12.42 14.74
N PHE B 158 -5.75 -11.80 15.85
CA PHE B 158 -4.48 -11.07 15.85
C PHE B 158 -3.30 -11.98 15.49
N LEU B 159 -3.22 -13.12 16.18
CA LEU B 159 -2.16 -14.08 16.01
C LEU B 159 -2.28 -14.82 14.68
N LYS B 160 -3.51 -15.17 14.27
CA LYS B 160 -3.73 -15.91 13.04
C LYS B 160 -3.35 -15.04 11.84
N LYS B 161 -3.74 -13.76 11.87
CA LYS B 161 -3.52 -12.89 10.74
C LYS B 161 -2.00 -12.79 10.49
N TYR B 162 -1.21 -12.78 11.56
CA TYR B 162 0.21 -12.60 11.37
C TYR B 162 0.83 -13.94 10.98
N LEU B 163 0.30 -15.04 11.49
CA LEU B 163 0.66 -16.34 10.98
C LEU B 163 0.50 -16.35 9.45
N TYR B 164 -0.65 -15.86 8.98
CA TYR B 164 -0.99 -15.79 7.57
C TYR B 164 0.02 -14.95 6.82
N GLU B 165 0.37 -13.78 7.38
CA GLU B 165 1.22 -12.83 6.68
C GLU B 165 2.61 -13.43 6.51
N ILE B 166 3.06 -14.12 7.53
CA ILE B 166 4.40 -14.65 7.48
C ILE B 166 4.43 -15.88 6.60
N ALA B 167 3.36 -16.68 6.62
CA ALA B 167 3.40 -17.93 5.89
C ALA B 167 3.38 -17.65 4.38
N ARG B 168 2.56 -16.69 3.94
CA ARG B 168 2.49 -16.36 2.53
C ARG B 168 3.79 -15.74 2.06
N ARG B 169 4.63 -15.20 2.97
CA ARG B 169 5.90 -14.60 2.58
C ARG B 169 7.04 -15.60 2.65
N HIS B 170 6.82 -16.74 3.32
CA HIS B 170 7.84 -17.76 3.40
C HIS B 170 7.17 -19.10 3.12
N PRO B 171 6.78 -19.38 1.86
CA PRO B 171 6.02 -20.56 1.53
C PRO B 171 6.72 -21.90 1.77
N TYR B 172 8.06 -21.89 2.01
CA TYR B 172 8.82 -23.11 2.27
C TYR B 172 9.12 -23.32 3.76
N PHE B 173 8.88 -22.31 4.61
CA PHE B 173 9.06 -22.41 6.05
C PHE B 173 8.22 -23.54 6.65
N TYR B 174 8.85 -24.40 7.42
CA TYR B 174 8.21 -25.59 7.96
C TYR B 174 7.07 -25.21 8.93
N ALA B 175 5.85 -25.68 8.62
CA ALA B 175 4.66 -25.11 9.20
C ALA B 175 4.65 -25.28 10.72
N PRO B 176 4.96 -26.46 11.29
CA PRO B 176 5.11 -26.56 12.74
C PRO B 176 6.11 -25.58 13.41
N GLU B 177 7.19 -25.24 12.74
CA GLU B 177 8.13 -24.28 13.32
C GLU B 177 7.52 -22.88 13.33
N LEU B 178 6.78 -22.52 12.28
CA LEU B 178 6.03 -21.29 12.27
C LEU B 178 5.09 -21.22 13.47
N LEU B 179 4.47 -22.36 13.78
CA LEU B 179 3.52 -22.44 14.88
C LEU B 179 4.24 -22.28 16.21
N PHE B 180 5.47 -22.80 16.33
CA PHE B 180 6.29 -22.62 17.52
C PHE B 180 6.58 -21.13 17.76
N PHE B 181 6.91 -20.38 16.70
CA PHE B 181 7.15 -18.94 16.83
C PHE B 181 5.88 -18.23 17.28
N ALA B 182 4.73 -18.62 16.73
CA ALA B 182 3.47 -17.99 17.10
C ALA B 182 3.21 -18.08 18.59
N LYS B 183 3.56 -19.22 19.21
CA LYS B 183 3.37 -19.40 20.65
C LYS B 183 4.27 -18.46 21.43
N ARG B 184 5.47 -18.20 20.92
CA ARG B 184 6.39 -17.29 21.58
C ARG B 184 5.89 -15.84 21.43
N TYR B 185 5.34 -15.47 20.27
CA TYR B 185 4.77 -14.13 20.09
C TYR B 185 3.63 -13.90 21.07
N LYS B 186 2.72 -14.86 21.12
CA LYS B 186 1.64 -14.85 22.08
C LYS B 186 2.12 -14.64 23.51
N ALA B 187 3.21 -15.32 23.91
CA ALA B 187 3.75 -15.20 25.25
C ALA B 187 4.29 -13.81 25.49
N ALA B 188 4.99 -13.23 24.51
CA ALA B 188 5.52 -11.89 24.66
C ALA B 188 4.39 -10.86 24.82
N PHE B 189 3.31 -10.99 24.04
CA PHE B 189 2.21 -10.06 24.16
C PHE B 189 1.50 -10.20 25.50
N THR B 190 1.34 -11.46 25.96
CA THR B 190 0.63 -11.75 27.19
C THR B 190 1.34 -11.09 28.38
N GLU B 191 2.65 -11.21 28.43
CA GLU B 191 3.46 -10.56 29.44
C GLU B 191 3.44 -9.05 29.28
N CYS B 192 3.79 -8.55 28.09
CA CYS B 192 4.22 -7.16 27.98
C CYS B 192 3.03 -6.21 27.95
N CYS B 193 1.90 -6.66 27.43
CA CYS B 193 0.72 -5.81 27.33
C CYS B 193 0.10 -5.54 28.71
N GLN B 194 0.58 -6.22 29.77
CA GLN B 194 0.11 -6.04 31.15
C GLN B 194 1.15 -5.31 32.00
N ALA B 195 2.23 -4.80 31.39
CA ALA B 195 3.34 -4.21 32.13
C ALA B 195 3.25 -2.69 32.09
N ALA B 196 3.96 -2.06 33.02
CA ALA B 196 4.01 -0.61 33.16
C ALA B 196 4.53 0.02 31.87
N ASP B 197 5.75 -0.39 31.48
CA ASP B 197 6.35 0.13 30.25
C ASP B 197 6.30 -0.96 29.18
N LYS B 198 5.16 -1.03 28.47
CA LYS B 198 4.88 -2.07 27.50
C LYS B 198 5.98 -2.11 26.45
N ALA B 199 6.34 -0.94 25.91
CA ALA B 199 7.30 -0.89 24.82
C ALA B 199 8.68 -1.35 25.27
N ALA B 200 9.09 -1.06 26.51
CA ALA B 200 10.44 -1.43 26.95
C ALA B 200 10.54 -2.93 27.18
N CYS B 201 9.39 -3.53 27.46
CA CYS B 201 9.26 -4.96 27.62
C CYS B 201 9.16 -5.63 26.24
N LEU B 202 8.28 -5.09 25.38
CA LEU B 202 7.85 -5.79 24.19
C LEU B 202 8.86 -5.70 23.04
N LEU B 203 9.38 -4.50 22.76
CA LEU B 203 10.12 -4.27 21.53
C LEU B 203 11.39 -5.12 21.48
N PRO B 204 12.20 -5.25 22.55
CA PRO B 204 13.34 -6.16 22.52
C PRO B 204 12.95 -7.61 22.21
N LYS B 205 11.80 -8.05 22.76
CA LYS B 205 11.31 -9.41 22.58
C LYS B 205 10.91 -9.62 21.11
N LEU B 206 10.26 -8.61 20.52
CA LEU B 206 9.89 -8.67 19.11
C LEU B 206 11.12 -8.64 18.22
N ASP B 207 12.12 -7.81 18.57
CA ASP B 207 13.33 -7.70 17.76
C ASP B 207 14.04 -9.05 17.72
N GLU B 208 14.15 -9.70 18.88
CA GLU B 208 14.79 -11.00 19.01
C GLU B 208 14.03 -12.06 18.21
N LEU B 209 12.69 -12.03 18.27
CA LEU B 209 11.92 -13.06 17.57
C LEU B 209 11.99 -12.81 16.06
N ARG B 210 12.00 -11.54 15.66
CA ARG B 210 12.08 -11.18 14.24
C ARG B 210 13.43 -11.67 13.67
N ASP B 211 14.50 -11.47 14.41
CA ASP B 211 15.81 -11.96 14.01
C ASP B 211 15.86 -13.48 13.94
N GLU B 212 15.37 -14.16 14.99
CA GLU B 212 15.40 -15.61 15.03
C GLU B 212 14.56 -16.18 13.87
N GLY B 213 13.39 -15.59 13.63
CA GLY B 213 12.53 -16.04 12.54
C GLY B 213 13.20 -15.90 11.17
N LYS B 214 13.80 -14.72 10.94
CA LYS B 214 14.46 -14.40 9.67
C LYS B 214 15.69 -15.28 9.48
N ALA B 215 16.42 -15.54 10.56
CA ALA B 215 17.57 -16.42 10.45
C ALA B 215 17.11 -17.84 10.13
N SER B 216 16.00 -18.28 10.74
CA SER B 216 15.57 -19.66 10.59
C SER B 216 15.12 -19.89 9.16
N SER B 217 14.35 -18.94 8.63
CA SER B 217 13.84 -19.01 7.27
C SER B 217 14.98 -19.14 6.27
N ALA B 218 15.97 -18.26 6.42
CA ALA B 218 17.11 -18.23 5.52
C ALA B 218 17.96 -19.49 5.70
N LYS B 219 18.11 -20.00 6.93
CA LYS B 219 18.87 -21.23 7.15
C LYS B 219 18.20 -22.43 6.48
N GLN B 220 16.86 -22.51 6.50
CA GLN B 220 16.15 -23.63 5.89
C GLN B 220 16.38 -23.62 4.38
N ARG B 221 16.21 -22.42 3.76
CA ARG B 221 16.46 -22.21 2.35
C ARG B 221 17.92 -22.51 1.99
N LEU B 222 18.88 -22.06 2.82
CA LEU B 222 20.29 -22.35 2.58
C LEU B 222 20.54 -23.85 2.47
N LYS B 223 20.06 -24.61 3.47
CA LYS B 223 20.36 -26.02 3.56
C LYS B 223 19.80 -26.73 2.31
N CYS B 224 18.62 -26.30 1.84
CA CYS B 224 18.02 -26.86 0.63
C CYS B 224 18.84 -26.50 -0.61
N ALA B 225 19.15 -25.23 -0.83
CA ALA B 225 19.95 -24.83 -1.98
C ALA B 225 21.31 -25.53 -1.95
N SER B 226 21.93 -25.67 -0.77
CA SER B 226 23.25 -26.28 -0.71
C SER B 226 23.16 -27.78 -0.96
N LEU B 227 22.00 -28.39 -0.74
CA LEU B 227 21.77 -29.80 -1.10
C LEU B 227 21.88 -29.98 -2.63
N GLN B 228 21.39 -29.04 -3.43
CA GLN B 228 21.57 -29.07 -4.87
C GLN B 228 22.99 -28.62 -5.24
N LYS B 229 23.42 -27.48 -4.70
CA LYS B 229 24.65 -26.81 -5.13
C LYS B 229 25.94 -27.46 -4.59
N PHE B 230 25.86 -28.55 -3.80
CA PHE B 230 27.08 -29.20 -3.34
C PHE B 230 26.93 -30.71 -3.26
N GLY B 231 25.70 -31.25 -3.35
CA GLY B 231 25.48 -32.69 -3.46
C GLY B 231 25.19 -33.41 -2.13
N GLU B 232 24.64 -34.63 -2.22
CA GLU B 232 24.28 -35.45 -1.06
C GLU B 232 25.49 -35.87 -0.22
N ARG B 233 26.67 -36.04 -0.85
CA ARG B 233 27.84 -36.44 -0.11
C ARG B 233 28.25 -35.30 0.84
N ALA B 234 28.21 -34.07 0.33
CA ALA B 234 28.61 -32.92 1.13
C ALA B 234 27.64 -32.75 2.28
N PHE B 235 26.35 -33.04 2.06
CA PHE B 235 25.36 -32.88 3.10
C PHE B 235 25.56 -33.93 4.19
N LYS B 236 25.95 -35.15 3.80
CA LYS B 236 26.22 -36.22 4.72
C LYS B 236 27.44 -35.86 5.56
N ALA B 237 28.43 -35.19 4.96
CA ALA B 237 29.60 -34.84 5.74
C ALA B 237 29.19 -33.79 6.79
N TRP B 238 28.37 -32.83 6.37
CA TRP B 238 27.89 -31.80 7.28
C TRP B 238 27.17 -32.43 8.47
N ALA B 239 26.28 -33.38 8.19
CA ALA B 239 25.47 -34.05 9.19
C ALA B 239 26.33 -34.88 10.13
N VAL B 240 27.31 -35.64 9.59
CA VAL B 240 28.18 -36.42 10.45
C VAL B 240 28.77 -35.43 11.45
N ALA B 241 29.29 -34.31 10.95
CA ALA B 241 29.95 -33.36 11.83
C ALA B 241 28.98 -32.85 12.87
N ARG B 242 27.80 -32.41 12.47
CA ARG B 242 26.92 -31.73 13.40
C ARG B 242 26.33 -32.71 14.40
N LEU B 243 25.88 -33.90 13.95
CA LEU B 243 25.34 -34.87 14.88
C LEU B 243 26.42 -35.33 15.85
N SER B 244 27.66 -35.46 15.41
CA SER B 244 28.67 -35.98 16.31
C SER B 244 29.00 -34.99 17.41
N GLN B 245 28.98 -33.68 17.11
CA GLN B 245 29.17 -32.65 18.12
C GLN B 245 28.03 -32.70 19.11
N ARG B 246 26.81 -32.87 18.57
CA ARG B 246 25.60 -32.87 19.38
C ARG B 246 25.45 -34.14 20.24
N PHE B 247 25.74 -35.30 19.65
CA PHE B 247 25.58 -36.59 20.30
C PHE B 247 26.92 -37.30 20.44
N PRO B 248 27.87 -36.73 21.17
CA PRO B 248 29.24 -37.28 21.17
C PRO B 248 29.38 -38.62 21.88
N LYS B 249 28.38 -39.05 22.67
CA LYS B 249 28.44 -40.37 23.29
C LYS B 249 27.95 -41.45 22.34
N ALA B 250 27.33 -41.05 21.22
CA ALA B 250 26.79 -42.04 20.31
C ALA B 250 27.93 -42.70 19.55
N GLU B 251 27.76 -44.01 19.25
CA GLU B 251 28.73 -44.74 18.45
C GLU B 251 28.65 -44.29 17.00
N PHE B 252 29.74 -44.45 16.25
CA PHE B 252 29.76 -44.13 14.84
C PHE B 252 28.63 -44.77 14.05
N ALA B 253 28.29 -46.05 14.34
CA ALA B 253 27.29 -46.74 13.55
C ALA B 253 25.93 -46.05 13.75
N GLU B 254 25.68 -45.57 14.96
CA GLU B 254 24.44 -44.89 15.29
C GLU B 254 24.41 -43.50 14.63
N VAL B 255 25.52 -42.78 14.68
CA VAL B 255 25.59 -41.50 14.00
C VAL B 255 25.35 -41.73 12.53
N SER B 256 25.93 -42.82 12.01
CA SER B 256 25.84 -43.11 10.60
C SER B 256 24.39 -43.38 10.20
N LYS B 257 23.66 -44.12 11.04
CA LYS B 257 22.24 -44.36 10.80
C LYS B 257 21.44 -43.05 10.78
N LEU B 258 21.70 -42.19 11.78
CA LEU B 258 20.98 -40.94 11.87
C LEU B 258 21.28 -40.06 10.68
N VAL B 259 22.55 -40.05 10.22
CA VAL B 259 22.94 -39.24 9.08
C VAL B 259 22.19 -39.70 7.83
N THR B 260 22.13 -41.02 7.64
CA THR B 260 21.43 -41.55 6.48
C THR B 260 19.95 -41.18 6.53
N ASP B 261 19.31 -41.27 7.69
CA ASP B 261 17.89 -40.93 7.79
C ASP B 261 17.66 -39.42 7.65
N LEU B 262 18.58 -38.63 8.22
CA LEU B 262 18.42 -37.19 8.24
C LEU B 262 18.53 -36.67 6.82
N THR B 263 19.40 -37.30 6.03
CA THR B 263 19.59 -36.94 4.63
C THR B 263 18.30 -37.23 3.85
N LYS B 264 17.68 -38.38 4.09
CA LYS B 264 16.40 -38.67 3.44
C LYS B 264 15.36 -37.62 3.87
N VAL B 265 15.34 -37.28 5.16
CA VAL B 265 14.37 -36.32 5.66
C VAL B 265 14.60 -34.95 5.01
N HIS B 266 15.85 -34.45 4.98
CA HIS B 266 16.10 -33.15 4.36
C HIS B 266 15.80 -33.20 2.85
N THR B 267 16.06 -34.36 2.22
CA THR B 267 15.79 -34.54 0.81
C THR B 267 14.31 -34.30 0.55
N GLU B 268 13.46 -34.97 1.34
CA GLU B 268 12.02 -34.86 1.23
C GLU B 268 11.56 -33.42 1.55
N CYS B 269 11.92 -32.89 2.70
CA CYS B 269 11.49 -31.55 3.11
C CYS B 269 11.89 -30.47 2.09
N CYS B 270 13.04 -30.63 1.44
CA CYS B 270 13.47 -29.63 0.46
C CYS B 270 12.62 -29.73 -0.81
N HIS B 271 12.19 -30.94 -1.16
CA HIS B 271 11.32 -31.14 -2.31
C HIS B 271 10.00 -30.41 -2.12
N GLY B 272 9.60 -30.18 -0.85
CA GLY B 272 8.69 -29.08 -0.50
C GLY B 272 7.28 -29.54 -0.10
N ASP B 273 7.08 -30.85 -0.01
CA ASP B 273 5.78 -31.39 0.37
C ASP B 273 5.68 -31.43 1.89
N LEU B 274 4.83 -30.58 2.47
CA LEU B 274 4.73 -30.44 3.92
C LEU B 274 4.30 -31.75 4.59
N LEU B 275 3.31 -32.46 4.05
CA LEU B 275 2.87 -33.71 4.66
C LEU B 275 3.99 -34.76 4.68
N GLU B 276 4.67 -34.95 3.55
CA GLU B 276 5.68 -35.98 3.44
C GLU B 276 6.84 -35.64 4.40
N CYS B 277 7.21 -34.36 4.40
CA CYS B 277 8.25 -33.82 5.27
C CYS B 277 7.93 -34.09 6.74
N ALA B 278 6.68 -33.82 7.15
CA ALA B 278 6.23 -34.00 8.53
C ALA B 278 6.28 -35.47 8.94
N ASP B 279 5.79 -36.36 8.08
CA ASP B 279 5.82 -37.78 8.37
C ASP B 279 7.27 -38.25 8.52
N ASP B 280 8.14 -37.76 7.63
CA ASP B 280 9.53 -38.19 7.64
C ASP B 280 10.17 -37.68 8.94
N ARG B 281 9.85 -36.43 9.33
CA ARG B 281 10.44 -35.88 10.54
C ARG B 281 9.89 -36.59 11.77
N ALA B 282 8.58 -36.89 11.80
CA ALA B 282 8.01 -37.56 12.96
C ALA B 282 8.62 -38.94 13.12
N ASP B 283 8.84 -39.66 12.00
CA ASP B 283 9.43 -40.98 12.06
C ASP B 283 10.83 -40.89 12.69
N LEU B 284 11.63 -39.90 12.25
CA LEU B 284 13.01 -39.81 12.74
C LEU B 284 13.01 -39.44 14.23
N ALA B 285 12.03 -38.61 14.64
CA ALA B 285 11.93 -38.20 16.03
C ALA B 285 11.52 -39.38 16.90
N LYS B 286 10.61 -40.21 16.38
CA LYS B 286 10.20 -41.45 17.06
C LYS B 286 11.44 -42.32 17.25
N TYR B 287 12.15 -42.59 16.15
CA TYR B 287 13.34 -43.43 16.25
C TYR B 287 14.26 -42.88 17.34
N ILE B 288 14.58 -41.57 17.31
CA ILE B 288 15.56 -41.04 18.23
C ILE B 288 15.10 -41.21 19.68
N CYS B 289 13.82 -40.93 19.95
CA CYS B 289 13.29 -41.02 21.31
C CYS B 289 13.24 -42.45 21.84
N GLU B 290 13.07 -43.44 20.96
CA GLU B 290 13.08 -44.82 21.39
C GLU B 290 14.52 -45.31 21.55
N ASN B 291 15.52 -44.47 21.24
CA ASN B 291 16.90 -44.93 21.25
C ASN B 291 17.80 -43.99 22.05
N GLN B 292 17.18 -43.23 22.95
CA GLN B 292 17.86 -42.15 23.66
C GLN B 292 19.19 -42.60 24.25
N ASP B 293 19.23 -43.79 24.85
CA ASP B 293 20.37 -44.21 25.66
C ASP B 293 21.57 -44.44 24.74
N SER B 294 21.32 -44.76 23.46
CA SER B 294 22.42 -44.87 22.52
C SER B 294 22.61 -43.61 21.66
N ILE B 295 22.00 -42.46 22.03
CA ILE B 295 22.19 -41.25 21.22
C ILE B 295 22.63 -40.08 22.11
N SER B 296 21.86 -39.79 23.18
CA SER B 296 22.10 -38.61 23.99
C SER B 296 21.30 -38.66 25.29
N SER B 297 21.92 -38.14 26.34
CA SER B 297 21.30 -38.01 27.66
C SER B 297 20.47 -36.73 27.80
N LYS B 298 20.39 -35.91 26.74
CA LYS B 298 19.79 -34.59 26.83
C LYS B 298 18.42 -34.56 26.14
N LEU B 299 17.90 -35.73 25.78
CA LEU B 299 16.72 -35.81 24.93
C LEU B 299 15.45 -36.05 25.73
N LYS B 300 15.56 -36.28 27.05
CA LYS B 300 14.42 -36.74 27.84
C LYS B 300 13.28 -35.74 27.75
N GLU B 301 13.60 -34.45 27.85
CA GLU B 301 12.62 -33.39 27.92
C GLU B 301 11.89 -33.29 26.59
N CYS B 302 12.68 -33.33 25.51
CA CYS B 302 12.18 -33.26 24.16
C CYS B 302 11.22 -34.41 23.89
N CYS B 303 11.58 -35.60 24.36
CA CYS B 303 10.87 -36.81 23.95
C CYS B 303 9.58 -36.99 24.76
N GLU B 304 9.34 -36.11 25.74
CA GLU B 304 8.12 -36.12 26.55
C GLU B 304 7.12 -35.08 26.03
N LYS B 305 7.45 -34.39 24.93
CA LYS B 305 6.59 -33.33 24.40
C LYS B 305 5.65 -33.97 23.37
N PRO B 306 4.55 -33.27 23.00
CA PRO B 306 3.61 -33.79 22.02
C PRO B 306 4.26 -33.90 20.64
N LEU B 307 3.63 -34.72 19.79
CA LEU B 307 4.22 -35.18 18.55
C LEU B 307 4.60 -33.95 17.72
N LEU B 308 3.71 -32.98 17.71
CA LEU B 308 3.85 -31.81 16.87
C LEU B 308 5.20 -31.11 17.08
N GLU B 309 5.77 -31.14 18.28
CA GLU B 309 6.85 -30.25 18.64
C GLU B 309 8.15 -31.03 18.84
N LYS B 310 8.07 -32.36 18.77
CA LYS B 310 9.15 -33.22 19.21
C LYS B 310 10.35 -33.02 18.28
N SER B 311 10.12 -33.08 16.96
CA SER B 311 11.21 -33.00 16.02
C SER B 311 11.89 -31.63 16.13
N HIS B 312 11.09 -30.58 16.34
CA HIS B 312 11.62 -29.24 16.53
C HIS B 312 12.57 -29.22 17.72
N CYS B 313 12.07 -29.72 18.86
CA CYS B 313 12.79 -29.71 20.12
C CYS B 313 14.12 -30.47 19.99
N ILE B 314 14.10 -31.62 19.34
CA ILE B 314 15.32 -32.41 19.20
C ILE B 314 16.37 -31.64 18.38
N ALA B 315 15.95 -31.05 17.26
CA ALA B 315 16.84 -30.28 16.42
C ALA B 315 17.55 -29.16 17.21
N GLU B 316 16.93 -28.65 18.29
CA GLU B 316 17.49 -27.55 19.08
C GLU B 316 18.20 -28.03 20.35
N VAL B 317 18.24 -29.34 20.61
CA VAL B 317 18.80 -29.88 21.83
C VAL B 317 20.25 -29.41 21.97
N GLU B 318 20.66 -29.13 23.20
CA GLU B 318 22.05 -28.81 23.49
C GLU B 318 22.93 -30.05 23.31
N ASN B 319 24.21 -29.79 23.04
CA ASN B 319 25.22 -30.83 22.92
C ASN B 319 25.26 -31.65 24.20
N ASP B 320 25.45 -32.94 24.03
CA ASP B 320 25.68 -33.82 25.17
C ASP B 320 27.12 -33.58 25.64
N GLU B 321 27.41 -33.99 26.88
CA GLU B 321 28.78 -33.89 27.37
C GLU B 321 29.60 -34.92 26.63
N MET B 322 30.86 -34.59 26.27
CA MET B 322 31.62 -35.60 25.54
C MET B 322 32.15 -36.61 26.55
N PRO B 323 32.40 -37.88 26.16
CA PRO B 323 32.99 -38.85 27.07
C PRO B 323 34.33 -38.32 27.53
N ALA B 324 34.69 -38.66 28.78
CA ALA B 324 35.96 -38.25 29.34
C ALA B 324 37.08 -39.10 28.76
N ASP B 325 38.31 -38.57 28.81
CA ASP B 325 39.52 -39.34 28.56
C ASP B 325 39.47 -40.05 27.20
N LEU B 326 38.91 -39.39 26.18
CA LEU B 326 38.93 -39.96 24.83
C LEU B 326 40.37 -39.92 24.35
N PRO B 327 40.87 -40.96 23.67
CA PRO B 327 42.22 -40.93 23.12
C PRO B 327 42.36 -39.85 22.05
N SER B 328 43.60 -39.45 21.72
CA SER B 328 43.82 -38.56 20.59
C SER B 328 43.55 -39.35 19.30
N LEU B 329 43.30 -38.65 18.18
CA LEU B 329 43.05 -39.31 16.90
C LEU B 329 44.31 -39.93 16.29
N ALA B 330 45.47 -39.64 16.87
CA ALA B 330 46.74 -40.00 16.25
C ALA B 330 46.82 -41.51 16.01
N ALA B 331 46.33 -42.32 16.93
CA ALA B 331 46.56 -43.75 16.86
C ALA B 331 45.87 -44.30 15.60
N ASP B 332 44.61 -43.91 15.41
CA ASP B 332 43.77 -44.47 14.35
C ASP B 332 44.05 -43.80 13.01
N PHE B 333 44.45 -42.51 13.01
CA PHE B 333 44.38 -41.71 11.80
C PHE B 333 45.74 -41.27 11.32
N VAL B 334 46.81 -41.52 12.08
CA VAL B 334 48.16 -41.13 11.69
C VAL B 334 49.18 -42.22 11.97
N GLU B 335 49.19 -42.78 13.19
CA GLU B 335 50.30 -43.62 13.63
C GLU B 335 50.11 -45.06 13.17
N SER B 336 48.87 -45.49 12.96
CA SER B 336 48.62 -46.87 12.58
C SER B 336 49.25 -47.18 11.22
N LYS B 337 49.78 -48.40 11.03
CA LYS B 337 50.43 -48.77 9.79
C LYS B 337 49.39 -49.08 8.73
N ASP B 338 48.13 -49.16 9.16
CA ASP B 338 47.01 -49.57 8.33
C ASP B 338 46.14 -48.40 7.86
N VAL B 339 46.62 -47.14 8.00
CA VAL B 339 45.76 -46.02 7.67
C VAL B 339 45.31 -46.12 6.21
N CYS B 340 46.25 -46.34 5.29
CA CYS B 340 45.94 -46.29 3.86
C CYS B 340 45.05 -47.47 3.48
N LYS B 341 45.31 -48.61 4.08
CA LYS B 341 44.50 -49.81 3.85
C LYS B 341 43.09 -49.61 4.38
N ASN B 342 42.96 -49.06 5.58
CA ASN B 342 41.64 -48.81 6.17
C ASN B 342 40.89 -47.77 5.33
N TYR B 343 41.58 -46.70 4.92
CA TYR B 343 41.01 -45.68 4.08
C TYR B 343 40.53 -46.28 2.77
N ALA B 344 41.42 -47.01 2.07
CA ALA B 344 41.14 -47.46 0.73
C ALA B 344 40.01 -48.48 0.70
N GLU B 345 39.80 -49.23 1.77
CA GLU B 345 38.71 -50.20 1.82
C GLU B 345 37.34 -49.54 1.67
N ALA B 346 37.22 -48.30 2.16
CA ALA B 346 35.94 -47.62 2.14
C ALA B 346 36.20 -46.16 2.52
N LYS B 347 36.52 -45.36 1.52
CA LYS B 347 37.09 -44.04 1.72
C LYS B 347 36.12 -43.16 2.50
N ASP B 348 34.85 -43.16 2.08
CA ASP B 348 33.88 -42.27 2.71
C ASP B 348 33.65 -42.73 4.14
N VAL B 349 33.60 -44.04 4.38
CA VAL B 349 33.39 -44.51 5.73
C VAL B 349 34.53 -44.08 6.66
N PHE B 350 35.78 -44.19 6.19
CA PHE B 350 36.92 -43.88 7.03
C PHE B 350 37.01 -42.36 7.28
N LEU B 351 36.75 -41.53 6.26
CA LEU B 351 36.67 -40.08 6.43
C LEU B 351 35.51 -39.68 7.34
N GLY B 352 34.39 -40.42 7.23
CA GLY B 352 33.26 -40.22 8.12
C GLY B 352 33.65 -40.46 9.58
N MET B 353 34.42 -41.53 9.80
CA MET B 353 34.90 -41.84 11.13
C MET B 353 35.81 -40.71 11.61
N PHE B 354 36.74 -40.27 10.75
CA PHE B 354 37.60 -39.13 11.08
C PHE B 354 36.77 -37.94 11.53
N LEU B 355 35.75 -37.59 10.75
CA LEU B 355 34.94 -36.41 11.05
C LEU B 355 34.17 -36.62 12.36
N TYR B 356 33.64 -37.83 12.56
CA TYR B 356 32.96 -38.21 13.77
C TYR B 356 33.85 -38.05 14.99
N GLU B 357 35.08 -38.56 14.89
CA GLU B 357 35.98 -38.51 16.02
C GLU B 357 36.39 -37.08 16.30
N TYR B 358 36.70 -36.32 15.25
CA TYR B 358 37.15 -34.94 15.41
C TYR B 358 36.03 -34.06 15.95
N ALA B 359 34.82 -34.22 15.38
CA ALA B 359 33.68 -33.39 15.71
C ALA B 359 33.22 -33.62 17.14
N ARG B 360 33.17 -34.88 17.57
CA ARG B 360 32.63 -35.14 18.90
C ARG B 360 33.52 -34.54 19.97
N ARG B 361 34.83 -34.47 19.67
CA ARG B 361 35.81 -33.81 20.53
C ARG B 361 35.81 -32.30 20.38
N HIS B 362 35.18 -31.75 19.34
CA HIS B 362 35.23 -30.30 19.17
C HIS B 362 33.87 -29.68 18.85
N PRO B 363 32.98 -29.62 19.86
CA PRO B 363 31.73 -28.85 19.75
C PRO B 363 31.97 -27.34 19.62
N ASP B 364 33.19 -26.88 19.86
CA ASP B 364 33.53 -25.46 19.79
C ASP B 364 33.90 -25.03 18.37
N TYR B 365 34.10 -26.00 17.46
CA TYR B 365 34.32 -25.65 16.07
C TYR B 365 33.02 -25.46 15.31
N SER B 366 33.08 -24.59 14.30
CA SER B 366 32.07 -24.56 13.25
C SER B 366 32.10 -25.90 12.49
N VAL B 367 30.96 -26.25 11.94
CA VAL B 367 30.88 -27.40 11.06
C VAL B 367 31.79 -27.21 9.86
N VAL B 368 31.85 -26.01 9.25
CA VAL B 368 32.64 -25.84 8.06
C VAL B 368 34.12 -25.99 8.40
N LEU B 369 34.55 -25.54 9.58
CA LEU B 369 35.93 -25.79 10.00
C LEU B 369 36.21 -27.31 9.99
N LEU B 370 35.34 -28.10 10.60
CA LEU B 370 35.54 -29.55 10.67
C LEU B 370 35.57 -30.16 9.27
N LEU B 371 34.71 -29.69 8.34
CA LEU B 371 34.77 -30.11 6.94
C LEU B 371 36.08 -29.76 6.30
N ARG B 372 36.62 -28.56 6.56
CA ARG B 372 37.93 -28.18 6.04
C ARG B 372 39.03 -29.15 6.50
N LEU B 373 38.96 -29.57 7.76
CA LEU B 373 39.98 -30.47 8.31
C LEU B 373 39.86 -31.87 7.68
N ALA B 374 38.63 -32.34 7.51
CA ALA B 374 38.36 -33.60 6.82
C ALA B 374 38.80 -33.57 5.36
N LYS B 375 38.55 -32.44 4.69
CA LYS B 375 38.96 -32.26 3.31
C LYS B 375 40.49 -32.27 3.24
N THR B 376 41.11 -31.63 4.22
CA THR B 376 42.56 -31.59 4.26
C THR B 376 43.12 -33.00 4.48
N TYR B 377 42.54 -33.72 5.44
CA TYR B 377 42.95 -35.07 5.74
C TYR B 377 42.84 -35.92 4.48
N GLU B 378 41.70 -35.83 3.80
CA GLU B 378 41.46 -36.54 2.55
C GLU B 378 42.52 -36.26 1.50
N THR B 379 42.82 -34.98 1.25
CA THR B 379 43.81 -34.59 0.27
C THR B 379 45.17 -35.21 0.62
N THR B 380 45.48 -35.27 1.91
CA THR B 380 46.77 -35.79 2.34
C THR B 380 46.84 -37.30 2.10
N LEU B 381 45.77 -38.01 2.47
CA LEU B 381 45.76 -39.46 2.28
C LEU B 381 45.84 -39.79 0.78
N GLU B 382 45.10 -39.06 -0.07
CA GLU B 382 45.13 -39.29 -1.52
C GLU B 382 46.56 -39.15 -2.04
N LYS B 383 47.25 -38.11 -1.60
CA LYS B 383 48.64 -37.91 -2.00
C LYS B 383 49.53 -38.98 -1.38
N CYS B 384 49.44 -39.16 -0.05
CA CYS B 384 50.43 -39.92 0.69
C CYS B 384 50.29 -41.43 0.42
N CYS B 385 49.09 -41.90 0.21
CA CYS B 385 48.89 -43.34 0.03
C CYS B 385 49.49 -43.82 -1.31
N ALA B 386 49.73 -42.88 -2.24
CA ALA B 386 50.31 -43.17 -3.53
C ALA B 386 51.81 -42.82 -3.53
N ALA B 387 52.37 -42.40 -2.37
CA ALA B 387 53.77 -41.95 -2.30
C ALA B 387 54.67 -43.13 -1.94
N ALA B 388 55.99 -42.89 -1.95
CA ALA B 388 56.95 -43.96 -1.71
C ALA B 388 56.80 -44.56 -0.32
N ASP B 389 56.60 -43.70 0.69
CA ASP B 389 56.48 -44.10 2.07
C ASP B 389 55.27 -43.39 2.65
N PRO B 390 54.05 -43.95 2.51
CA PRO B 390 52.84 -43.31 3.01
C PRO B 390 52.87 -42.93 4.50
N HIS B 391 53.29 -43.88 5.34
CA HIS B 391 53.38 -43.62 6.76
C HIS B 391 54.21 -42.39 7.10
N GLU B 392 55.35 -42.20 6.40
CA GLU B 392 56.20 -41.05 6.68
C GLU B 392 55.55 -39.78 6.15
N CYS B 393 54.84 -39.92 5.04
CA CYS B 393 54.30 -38.79 4.31
C CYS B 393 53.12 -38.16 5.08
N TYR B 394 52.28 -38.98 5.71
CA TYR B 394 51.14 -38.43 6.43
C TYR B 394 51.39 -38.24 7.93
N ALA B 395 52.64 -38.43 8.38
CA ALA B 395 52.94 -38.41 9.79
C ALA B 395 52.63 -37.03 10.39
N LYS B 396 52.79 -35.96 9.60
CA LYS B 396 52.67 -34.60 10.09
C LYS B 396 51.34 -33.95 9.69
N VAL B 397 50.37 -34.77 9.30
CA VAL B 397 49.15 -34.21 8.72
C VAL B 397 48.41 -33.31 9.74
N PHE B 398 48.41 -33.66 11.02
CA PHE B 398 47.71 -32.83 12.00
C PHE B 398 48.25 -31.41 12.09
N ASP B 399 49.54 -31.20 11.79
CA ASP B 399 50.10 -29.85 11.75
C ASP B 399 49.42 -28.99 10.67
N GLU B 400 48.96 -29.64 9.60
CA GLU B 400 48.26 -28.91 8.55
C GLU B 400 46.91 -28.38 9.08
N PHE B 401 46.41 -28.94 10.18
CA PHE B 401 45.13 -28.48 10.70
C PHE B 401 45.29 -27.16 11.48
N LYS B 402 46.47 -26.89 12.00
CA LYS B 402 46.65 -25.81 12.95
C LYS B 402 46.25 -24.47 12.34
N PRO B 403 46.73 -24.10 11.14
CA PRO B 403 46.41 -22.79 10.57
C PRO B 403 44.91 -22.66 10.25
N LEU B 404 44.25 -23.79 10.00
CA LEU B 404 42.83 -23.77 9.70
C LEU B 404 41.98 -23.49 10.93
N VAL B 405 42.33 -24.11 12.05
CA VAL B 405 41.65 -23.90 13.32
C VAL B 405 41.88 -22.48 13.84
N GLU B 406 43.13 -22.03 13.74
CA GLU B 406 43.50 -20.74 14.30
C GLU B 406 42.96 -19.55 13.52
N GLU B 407 42.73 -19.67 12.19
CA GLU B 407 42.30 -18.53 11.42
C GLU B 407 40.93 -18.03 11.95
N PRO B 408 39.88 -18.86 12.04
CA PRO B 408 38.59 -18.40 12.58
C PRO B 408 38.65 -18.06 14.08
N GLN B 409 39.46 -18.76 14.91
CA GLN B 409 39.56 -18.40 16.32
C GLN B 409 40.13 -16.99 16.45
N ASN B 410 41.10 -16.67 15.61
CA ASN B 410 41.82 -15.39 15.72
C ASN B 410 40.95 -14.24 15.23
N LEU B 411 40.12 -14.48 14.24
CA LEU B 411 39.21 -13.47 13.72
C LEU B 411 38.11 -13.14 14.72
N ILE B 412 37.60 -14.19 15.39
CA ILE B 412 36.61 -14.05 16.45
C ILE B 412 37.21 -13.20 17.57
N LYS B 413 38.42 -13.52 18.00
CA LYS B 413 39.04 -12.79 19.08
C LYS B 413 39.20 -11.31 18.69
N GLN B 414 39.78 -11.04 17.51
CA GLN B 414 40.04 -9.67 17.04
C GLN B 414 38.72 -8.88 16.94
N ASN B 415 37.71 -9.47 16.33
CA ASN B 415 36.46 -8.78 16.11
C ASN B 415 35.73 -8.55 17.44
N CYS B 416 35.71 -9.54 18.32
CA CYS B 416 35.01 -9.43 19.59
C CYS B 416 35.69 -8.42 20.52
N GLU B 417 37.02 -8.32 20.51
CA GLU B 417 37.67 -7.28 21.29
C GLU B 417 37.29 -5.92 20.75
N LEU B 418 37.21 -5.75 19.44
CA LEU B 418 36.85 -4.47 18.87
C LEU B 418 35.41 -4.16 19.24
N PHE B 419 34.55 -5.17 19.19
CA PHE B 419 33.15 -4.93 19.52
C PHE B 419 33.00 -4.48 20.99
N GLU B 420 33.77 -5.08 21.90
CA GLU B 420 33.75 -4.76 23.32
C GLU B 420 34.24 -3.32 23.53
N GLN B 421 35.27 -2.87 22.80
CA GLN B 421 35.72 -1.49 22.90
C GLN B 421 34.67 -0.50 22.37
N LEU B 422 33.94 -0.83 21.28
CA LEU B 422 33.18 0.18 20.56
C LEU B 422 31.70 0.17 20.89
N GLY B 423 31.14 -0.98 21.26
CA GLY B 423 29.69 -1.16 21.23
C GLY B 423 29.15 -1.29 19.80
N GLU B 424 27.88 -1.70 19.66
CA GLU B 424 27.33 -2.20 18.41
C GLU B 424 27.36 -1.12 17.32
N TYR B 425 26.96 0.12 17.65
CA TYR B 425 26.85 1.14 16.63
C TYR B 425 28.23 1.50 16.08
N LYS B 426 29.20 1.78 16.95
CA LYS B 426 30.50 2.22 16.48
C LYS B 426 31.24 1.03 15.84
N PHE B 427 30.88 -0.19 16.25
CA PHE B 427 31.48 -1.36 15.65
C PHE B 427 30.98 -1.46 14.21
N GLN B 428 29.68 -1.26 14.01
CA GLN B 428 29.14 -1.17 12.69
C GLN B 428 29.86 -0.13 11.85
N ASN B 429 30.16 1.02 12.44
CA ASN B 429 30.88 2.06 11.72
C ASN B 429 32.29 1.62 11.35
N ALA B 430 32.94 0.89 12.25
CA ALA B 430 34.24 0.34 11.90
C ALA B 430 34.11 -0.61 10.72
N LEU B 431 33.05 -1.43 10.66
CA LEU B 431 32.91 -2.38 9.55
C LEU B 431 32.59 -1.64 8.26
N LEU B 432 31.84 -0.56 8.39
CA LEU B 432 31.47 0.23 7.21
C LEU B 432 32.78 0.69 6.56
N VAL B 433 33.69 1.23 7.36
CA VAL B 433 34.92 1.74 6.81
C VAL B 433 35.74 0.58 6.21
N ARG B 434 35.87 -0.53 6.94
CA ARG B 434 36.65 -1.68 6.49
C ARG B 434 36.10 -2.18 5.15
N TYR B 435 34.80 -2.38 5.04
CA TYR B 435 34.26 -3.09 3.88
C TYR B 435 34.08 -2.12 2.72
N THR B 436 33.90 -0.82 3.01
CA THR B 436 33.87 0.16 1.94
C THR B 436 35.23 0.23 1.24
N LYS B 437 36.34 0.18 1.99
CA LYS B 437 37.67 0.19 1.37
C LYS B 437 37.89 -1.07 0.52
N LYS B 438 37.33 -2.20 0.97
CA LYS B 438 37.64 -3.45 0.30
C LYS B 438 36.86 -3.58 -1.02
N VAL B 439 35.57 -3.25 -0.98
CA VAL B 439 34.68 -3.50 -2.09
C VAL B 439 33.85 -2.24 -2.35
N PRO B 440 34.50 -1.11 -2.73
CA PRO B 440 33.78 0.15 -2.89
C PRO B 440 32.83 0.20 -4.06
N GLN B 441 32.87 -0.82 -4.93
CA GLN B 441 31.94 -0.95 -6.05
C GLN B 441 30.56 -1.35 -5.53
N VAL B 442 30.44 -1.94 -4.35
CA VAL B 442 29.11 -2.31 -3.87
C VAL B 442 28.30 -1.06 -3.56
N SER B 443 26.99 -1.12 -3.76
CA SER B 443 26.14 0.03 -3.57
C SER B 443 26.15 0.47 -2.09
N THR B 444 25.97 1.76 -1.86
CA THR B 444 25.98 2.29 -0.50
C THR B 444 24.92 1.61 0.36
N PRO B 445 23.66 1.43 -0.11
CA PRO B 445 22.64 0.78 0.72
C PRO B 445 23.01 -0.64 1.18
N THR B 446 23.64 -1.37 0.29
CA THR B 446 24.08 -2.72 0.57
C THR B 446 25.20 -2.71 1.59
N LEU B 447 26.15 -1.77 1.48
CA LEU B 447 27.29 -1.71 2.39
C LEU B 447 26.76 -1.39 3.79
N VAL B 448 25.81 -0.44 3.86
CA VAL B 448 25.16 -0.09 5.11
C VAL B 448 24.42 -1.29 5.70
N GLU B 449 23.49 -1.87 4.92
CA GLU B 449 22.66 -2.96 5.44
C GLU B 449 23.55 -4.12 5.91
N VAL B 450 24.50 -4.53 5.07
CA VAL B 450 25.29 -5.70 5.39
C VAL B 450 26.18 -5.41 6.59
N SER B 451 26.78 -4.19 6.64
CA SER B 451 27.66 -3.85 7.75
C SER B 451 26.86 -3.81 9.05
N ARG B 452 25.64 -3.30 9.02
CA ARG B 452 24.80 -3.24 10.19
C ARG B 452 24.51 -4.68 10.63
N ASN B 453 24.17 -5.56 9.69
CA ASN B 453 23.85 -6.94 10.03
C ASN B 453 25.09 -7.64 10.63
N LEU B 454 26.26 -7.38 10.04
CA LEU B 454 27.47 -8.01 10.57
C LEU B 454 27.68 -7.53 12.00
N GLY B 455 27.39 -6.26 12.28
CA GLY B 455 27.46 -5.73 13.63
C GLY B 455 26.50 -6.44 14.57
N LYS B 456 25.30 -6.78 14.07
CA LYS B 456 24.35 -7.54 14.89
C LYS B 456 24.89 -8.95 15.18
N VAL B 457 25.63 -9.53 14.23
CA VAL B 457 26.26 -10.82 14.47
C VAL B 457 27.30 -10.68 15.57
N GLY B 458 28.04 -9.57 15.54
CA GLY B 458 29.05 -9.31 16.56
C GLY B 458 28.42 -9.25 17.94
N SER B 459 27.33 -8.47 18.03
CA SER B 459 26.58 -8.35 19.27
C SER B 459 26.21 -9.73 19.78
N LYS B 460 25.56 -10.49 18.89
CA LYS B 460 24.98 -11.76 19.28
C LYS B 460 26.11 -12.70 19.71
N CYS B 461 27.12 -12.89 18.88
CA CYS B 461 28.02 -14.02 19.06
C CYS B 461 29.11 -13.69 20.08
N CYS B 462 29.48 -12.43 20.21
CA CYS B 462 30.58 -12.07 21.09
C CYS B 462 30.14 -12.15 22.57
N LYS B 463 28.83 -12.12 22.84
CA LYS B 463 28.29 -12.33 24.19
C LYS B 463 28.34 -13.81 24.60
N HIS B 464 28.56 -14.75 23.66
CA HIS B 464 28.78 -16.12 24.04
C HIS B 464 30.19 -16.28 24.58
N PRO B 465 30.45 -17.30 25.42
CA PRO B 465 31.83 -17.67 25.74
C PRO B 465 32.54 -18.25 24.52
N GLU B 466 33.89 -18.26 24.60
CA GLU B 466 34.79 -18.59 23.50
C GLU B 466 34.35 -19.90 22.84
N ALA B 467 33.99 -20.88 23.65
CA ALA B 467 33.70 -22.21 23.16
C ALA B 467 32.45 -22.23 22.30
N LYS B 468 31.60 -21.20 22.43
CA LYS B 468 30.33 -21.23 21.74
C LYS B 468 30.39 -20.27 20.56
N ARG B 469 31.49 -19.52 20.45
CA ARG B 469 31.47 -18.39 19.53
C ARG B 469 31.52 -18.85 18.07
N MET B 470 32.39 -19.80 17.74
CA MET B 470 32.55 -20.17 16.33
C MET B 470 31.27 -20.79 15.77
N PRO B 471 30.56 -21.69 16.43
CA PRO B 471 29.31 -22.20 15.85
C PRO B 471 28.25 -21.11 15.67
N CYS B 472 28.13 -20.25 16.66
CA CYS B 472 27.26 -19.07 16.55
C CYS B 472 27.59 -18.19 15.33
N ALA B 473 28.87 -17.86 15.13
CA ALA B 473 29.26 -17.03 14.00
C ALA B 473 29.01 -17.75 12.67
N GLU B 474 29.21 -19.06 12.64
CA GLU B 474 28.99 -19.78 11.41
C GLU B 474 27.55 -19.60 10.99
N ASP B 475 26.66 -19.86 11.92
CA ASP B 475 25.23 -19.84 11.65
C ASP B 475 24.78 -18.46 11.14
N TYR B 476 25.12 -17.43 11.88
CA TYR B 476 24.62 -16.10 11.56
C TYR B 476 25.33 -15.55 10.35
N LEU B 477 26.65 -15.73 10.24
CA LEU B 477 27.36 -15.31 9.04
C LEU B 477 26.84 -16.00 7.79
N SER B 478 26.48 -17.30 7.91
CA SER B 478 25.98 -17.99 6.75
C SER B 478 24.76 -17.24 6.22
N VAL B 479 23.91 -16.72 7.10
CA VAL B 479 22.74 -16.05 6.58
C VAL B 479 23.09 -14.64 6.10
N VAL B 480 24.00 -13.92 6.78
CA VAL B 480 24.31 -12.57 6.33
C VAL B 480 24.97 -12.63 4.96
N LEU B 481 25.96 -13.53 4.81
CA LEU B 481 26.70 -13.63 3.57
C LEU B 481 25.80 -14.15 2.45
N ASN B 482 24.85 -15.04 2.76
CA ASN B 482 23.96 -15.51 1.71
C ASN B 482 23.04 -14.38 1.22
N GLN B 483 22.47 -13.58 2.14
CA GLN B 483 21.64 -12.44 1.78
C GLN B 483 22.41 -11.47 0.87
N LEU B 484 23.70 -11.28 1.15
CA LEU B 484 24.55 -10.41 0.35
C LEU B 484 24.77 -11.03 -1.03
N CYS B 485 25.07 -12.33 -1.06
CA CYS B 485 25.35 -13.01 -2.29
C CYS B 485 24.13 -13.03 -3.20
N VAL B 486 22.94 -13.18 -2.63
CA VAL B 486 21.74 -13.22 -3.44
C VAL B 486 21.47 -11.83 -4.02
N LEU B 487 21.62 -10.78 -3.22
CA LEU B 487 21.43 -9.43 -3.72
C LEU B 487 22.42 -9.13 -4.83
N HIS B 488 23.67 -9.49 -4.59
CA HIS B 488 24.74 -9.09 -5.46
C HIS B 488 24.59 -9.83 -6.79
N GLU B 489 24.22 -11.11 -6.77
CA GLU B 489 24.08 -11.89 -7.98
C GLU B 489 22.98 -11.28 -8.86
N LYS B 490 21.93 -10.72 -8.24
CA LYS B 490 20.85 -10.06 -8.99
C LYS B 490 21.27 -8.69 -9.55
N THR B 491 22.30 -8.04 -8.99
CA THR B 491 22.85 -6.82 -9.59
C THR B 491 24.38 -6.79 -9.46
N PRO B 492 25.14 -7.63 -10.17
CA PRO B 492 26.57 -7.81 -9.89
C PRO B 492 27.37 -6.57 -10.17
N VAL B 493 28.37 -6.34 -9.33
CA VAL B 493 29.17 -5.14 -9.43
C VAL B 493 30.62 -5.47 -9.11
N SER B 494 30.85 -6.48 -8.28
CA SER B 494 32.21 -6.81 -7.85
C SER B 494 32.52 -8.24 -8.24
N ASP B 495 33.57 -8.38 -9.03
CA ASP B 495 34.04 -9.69 -9.43
C ASP B 495 34.51 -10.48 -8.22
N ARG B 496 35.12 -9.79 -7.25
CA ARG B 496 35.65 -10.43 -6.05
C ARG B 496 34.54 -10.99 -5.16
N VAL B 497 33.43 -10.26 -5.08
CA VAL B 497 32.28 -10.73 -4.36
C VAL B 497 31.67 -11.92 -5.10
N THR B 498 31.51 -11.80 -6.42
CA THR B 498 30.98 -12.92 -7.19
C THR B 498 31.79 -14.17 -6.89
N LYS B 499 33.09 -14.04 -6.92
CA LYS B 499 33.97 -15.18 -6.67
C LYS B 499 33.65 -15.83 -5.33
N CYS B 500 33.58 -14.99 -4.25
CA CYS B 500 33.29 -15.50 -2.91
C CYS B 500 31.91 -16.17 -2.85
N CYS B 501 30.95 -15.58 -3.52
CA CYS B 501 29.61 -16.10 -3.51
C CYS B 501 29.44 -17.42 -4.29
N THR B 502 30.38 -17.74 -5.18
CA THR B 502 30.24 -18.94 -6.00
C THR B 502 31.31 -19.96 -5.58
N GLU B 503 32.09 -19.67 -4.53
CA GLU B 503 33.04 -20.61 -3.98
C GLU B 503 32.29 -21.80 -3.37
N SER B 504 33.06 -22.83 -3.02
CA SER B 504 32.52 -23.92 -2.22
C SER B 504 32.04 -23.38 -0.88
N LEU B 505 31.16 -24.14 -0.22
CA LEU B 505 30.55 -23.75 1.04
C LEU B 505 31.62 -23.50 2.11
N VAL B 506 32.62 -24.39 2.11
CA VAL B 506 33.73 -24.35 3.01
C VAL B 506 34.57 -23.08 2.75
N ASN B 507 34.64 -22.59 1.52
CA ASN B 507 35.58 -21.51 1.23
C ASN B 507 34.90 -20.15 1.22
N ARG B 508 33.56 -20.06 1.25
CA ARG B 508 32.89 -18.78 1.09
C ARG B 508 33.38 -17.78 2.16
N ARG B 509 33.31 -18.15 3.45
CA ARG B 509 33.59 -17.15 4.47
C ARG B 509 35.08 -16.78 4.43
N PRO B 510 36.01 -17.75 4.38
CA PRO B 510 37.43 -17.40 4.23
C PRO B 510 37.78 -16.56 2.99
N CYS B 511 37.10 -16.76 1.86
CA CYS B 511 37.26 -15.94 0.66
C CYS B 511 36.83 -14.49 0.95
N PHE B 512 35.68 -14.28 1.60
CA PHE B 512 35.33 -12.95 2.05
C PHE B 512 36.34 -12.34 3.04
N SER B 513 36.82 -13.13 4.00
CA SER B 513 37.85 -12.70 4.93
C SER B 513 39.19 -12.35 4.26
N ALA B 514 39.44 -12.90 3.08
CA ALA B 514 40.67 -12.69 2.34
C ALA B 514 40.56 -11.46 1.44
N LEU B 515 39.37 -10.84 1.31
CA LEU B 515 39.28 -9.63 0.52
C LEU B 515 40.28 -8.61 1.09
N GLU B 516 40.87 -7.85 0.18
CA GLU B 516 41.86 -6.83 0.48
C GLU B 516 41.34 -5.47 0.05
N VAL B 517 42.01 -4.40 0.50
CA VAL B 517 41.68 -3.07 0.04
C VAL B 517 41.82 -3.00 -1.49
N ASP B 518 40.85 -2.35 -2.14
CA ASP B 518 40.86 -2.27 -3.59
C ASP B 518 41.79 -1.13 -4.03
N GLU B 519 43.01 -1.47 -4.48
CA GLU B 519 43.99 -0.46 -4.82
C GLU B 519 43.74 0.10 -6.23
N THR B 520 42.82 -0.51 -7.01
CA THR B 520 42.55 -0.06 -8.37
C THR B 520 41.35 0.87 -8.45
N TYR B 521 40.60 0.94 -7.35
CA TYR B 521 39.37 1.71 -7.29
C TYR B 521 39.67 3.17 -7.58
N VAL B 522 38.84 3.80 -8.42
CA VAL B 522 38.97 5.23 -8.67
C VAL B 522 38.00 5.93 -7.74
N PRO B 523 38.49 6.83 -6.84
CA PRO B 523 37.64 7.52 -5.87
C PRO B 523 36.43 8.15 -6.54
N LYS B 524 35.27 8.05 -5.91
CA LYS B 524 34.08 8.73 -6.41
C LYS B 524 34.33 10.24 -6.27
N GLU B 525 33.82 10.99 -7.26
CA GLU B 525 33.95 12.44 -7.27
C GLU B 525 33.04 13.03 -6.20
N PHE B 526 33.54 14.11 -5.61
CA PHE B 526 32.83 14.87 -4.60
C PHE B 526 31.49 15.32 -5.15
N ASN B 527 30.46 15.15 -4.32
CA ASN B 527 29.11 15.56 -4.61
C ASN B 527 28.58 16.27 -3.36
N ALA B 528 28.37 17.57 -3.51
CA ALA B 528 28.00 18.43 -2.41
C ALA B 528 26.69 17.96 -1.76
N GLU B 529 25.72 17.50 -2.55
CA GLU B 529 24.42 17.16 -1.99
C GLU B 529 24.55 15.92 -1.08
N THR B 530 25.51 15.05 -1.39
CA THR B 530 25.70 13.81 -0.63
C THR B 530 26.06 14.17 0.81
N PHE B 531 26.83 15.27 1.00
CA PHE B 531 27.30 15.66 2.32
C PHE B 531 26.61 16.93 2.81
N THR B 532 25.39 17.25 2.34
CA THR B 532 24.62 18.30 3.00
C THR B 532 23.55 17.63 3.85
N PHE B 533 23.32 18.23 5.03
CA PHE B 533 22.36 17.72 5.99
C PHE B 533 21.33 18.80 6.31
N HIS B 534 20.19 18.36 6.83
CA HIS B 534 19.03 19.21 7.06
C HIS B 534 18.53 18.94 8.48
N ALA B 535 17.66 19.85 8.96
CA ALA B 535 17.26 19.91 10.36
C ALA B 535 16.46 18.67 10.79
N ASP B 536 15.79 18.00 9.84
CA ASP B 536 15.02 16.81 10.17
C ASP B 536 15.88 15.69 10.75
N ILE B 537 17.21 15.71 10.52
CA ILE B 537 18.08 14.67 11.07
C ILE B 537 17.88 14.60 12.58
N CYS B 538 17.67 15.78 13.21
CA CYS B 538 17.48 15.90 14.65
C CYS B 538 16.28 15.08 15.16
N THR B 539 15.26 14.86 14.31
CA THR B 539 13.98 14.37 14.80
C THR B 539 13.66 12.99 14.23
N LEU B 540 14.50 12.47 13.33
CA LEU B 540 14.42 11.08 12.90
C LEU B 540 14.48 10.14 14.10
N SER B 541 13.95 8.92 13.95
CA SER B 541 14.22 7.83 14.88
C SER B 541 15.73 7.52 14.89
N GLU B 542 16.16 6.82 15.93
CA GLU B 542 17.55 6.49 16.18
C GLU B 542 18.04 5.65 15.01
N LYS B 543 17.18 4.73 14.54
CA LYS B 543 17.51 3.82 13.47
C LYS B 543 17.73 4.62 12.18
N GLU B 544 16.78 5.52 11.84
CA GLU B 544 16.84 6.26 10.60
C GLU B 544 18.02 7.25 10.66
N ARG B 545 18.28 7.85 11.82
CA ARG B 545 19.38 8.78 11.97
C ARG B 545 20.69 8.02 11.80
N GLN B 546 20.81 6.88 12.47
CA GLN B 546 21.97 6.02 12.31
C GLN B 546 22.25 5.70 10.83
N ILE B 547 21.20 5.30 10.09
CA ILE B 547 21.37 4.88 8.72
C ILE B 547 21.72 6.06 7.82
N LYS B 548 21.18 7.25 8.09
CA LYS B 548 21.61 8.46 7.39
C LYS B 548 23.09 8.77 7.66
N LYS B 549 23.58 8.64 8.88
CA LYS B 549 24.97 8.92 9.19
C LYS B 549 25.89 7.86 8.58
N GLN B 550 25.47 6.60 8.63
CA GLN B 550 26.25 5.50 8.08
C GLN B 550 26.33 5.61 6.57
N THR B 551 25.25 6.03 5.93
CA THR B 551 25.25 6.26 4.49
C THR B 551 26.30 7.30 4.11
N ALA B 552 26.35 8.38 4.89
CA ALA B 552 27.28 9.47 4.61
C ALA B 552 28.69 8.99 4.87
N LEU B 553 28.86 8.14 5.90
CA LEU B 553 30.18 7.59 6.20
C LEU B 553 30.67 6.78 5.00
N VAL B 554 29.80 5.97 4.40
CA VAL B 554 30.16 5.16 3.25
C VAL B 554 30.55 6.05 2.08
N GLU B 555 29.69 7.04 1.79
CA GLU B 555 29.99 8.01 0.73
C GLU B 555 31.33 8.70 0.97
N LEU B 556 31.62 9.02 2.23
CA LEU B 556 32.87 9.69 2.55
C LEU B 556 34.05 8.78 2.25
N VAL B 557 33.91 7.49 2.55
CA VAL B 557 35.01 6.57 2.33
C VAL B 557 35.19 6.30 0.84
N LYS B 558 34.08 6.30 0.09
CA LYS B 558 34.16 6.08 -1.34
C LYS B 558 34.81 7.29 -2.00
N HIS B 559 34.68 8.45 -1.36
CA HIS B 559 35.25 9.67 -1.91
C HIS B 559 36.72 9.75 -1.52
N LYS B 560 37.06 9.35 -0.30
CA LYS B 560 38.42 9.47 0.23
C LYS B 560 38.90 8.16 0.83
N PRO B 561 39.10 7.13 0.00
CA PRO B 561 39.38 5.79 0.52
C PRO B 561 40.74 5.72 1.20
N LYS B 562 41.59 6.74 1.00
CA LYS B 562 42.89 6.66 1.68
C LYS B 562 42.95 7.59 2.88
N ALA B 563 41.84 8.23 3.24
CA ALA B 563 41.73 8.87 4.54
C ALA B 563 42.10 7.89 5.64
N THR B 564 42.93 8.35 6.59
CA THR B 564 43.41 7.51 7.67
C THR B 564 42.34 7.39 8.76
N LYS B 565 42.57 6.46 9.69
CA LYS B 565 41.72 6.29 10.85
C LYS B 565 41.60 7.60 11.62
N GLU B 566 42.74 8.24 11.89
CA GLU B 566 42.77 9.53 12.59
C GLU B 566 41.95 10.59 11.84
N GLN B 567 42.13 10.69 10.53
CA GLN B 567 41.47 11.72 9.73
C GLN B 567 39.96 11.48 9.73
N LEU B 568 39.51 10.23 9.57
CA LEU B 568 38.09 9.91 9.56
C LEU B 568 37.47 10.21 10.91
N LYS B 569 38.21 9.85 11.96
CA LYS B 569 37.74 10.07 13.31
C LYS B 569 37.61 11.58 13.57
N ALA B 570 38.56 12.38 13.06
CA ALA B 570 38.49 13.83 13.23
C ALA B 570 37.22 14.37 12.55
N VAL B 571 36.90 13.84 11.37
CA VAL B 571 35.77 14.31 10.57
C VAL B 571 34.47 13.89 11.24
N MET B 572 34.42 12.64 11.76
CA MET B 572 33.20 12.17 12.40
C MET B 572 32.97 12.95 13.69
N ASP B 573 34.03 13.32 14.39
CA ASP B 573 33.89 14.11 15.61
C ASP B 573 33.34 15.51 15.30
N ASP B 574 33.86 16.13 14.24
CA ASP B 574 33.35 17.43 13.77
C ASP B 574 31.89 17.33 13.37
N PHE B 575 31.55 16.22 12.70
CA PHE B 575 30.18 16.01 12.27
C PHE B 575 29.28 15.97 13.50
N ALA B 576 29.68 15.21 14.53
CA ALA B 576 28.88 15.10 15.74
C ALA B 576 28.72 16.45 16.42
N ALA B 577 29.80 17.22 16.51
CA ALA B 577 29.74 18.55 17.09
C ALA B 577 28.71 19.39 16.32
N PHE B 578 28.81 19.35 14.98
CA PHE B 578 27.97 20.08 14.06
C PHE B 578 26.50 19.74 14.28
N VAL B 579 26.16 18.46 14.36
CA VAL B 579 24.78 18.04 14.57
C VAL B 579 24.30 18.47 15.95
N GLU B 580 25.17 18.35 16.96
CA GLU B 580 24.80 18.76 18.32
C GLU B 580 24.49 20.26 18.33
N LYS B 581 25.31 21.05 17.62
CA LYS B 581 25.21 22.49 17.65
C LYS B 581 23.99 22.96 16.87
N CYS B 582 23.76 22.37 15.71
CA CYS B 582 22.72 22.86 14.82
C CYS B 582 21.35 22.43 15.30
N CYS B 583 21.27 21.27 15.95
CA CYS B 583 20.00 20.78 16.49
C CYS B 583 19.55 21.70 17.63
N LYS B 584 20.54 22.24 18.39
CA LYS B 584 20.27 23.10 19.54
C LYS B 584 20.13 24.58 19.14
N ALA B 585 20.33 24.92 17.87
CA ALA B 585 20.40 26.30 17.45
C ALA B 585 19.01 26.95 17.39
N ASP B 586 19.02 28.29 17.38
CA ASP B 586 17.82 29.12 17.25
C ASP B 586 17.19 28.90 15.87
N ASP B 587 18.00 29.13 14.84
CA ASP B 587 17.56 28.87 13.48
C ASP B 587 18.26 27.61 12.97
N LYS B 588 17.60 26.46 13.04
CA LYS B 588 18.25 25.17 12.74
C LYS B 588 18.59 25.06 11.25
N GLU B 589 17.68 25.47 10.36
CA GLU B 589 17.93 25.29 8.94
C GLU B 589 19.12 26.15 8.48
N THR B 590 19.32 27.36 9.02
CA THR B 590 20.43 28.14 8.48
C THR B 590 21.75 27.62 9.10
N CYS B 591 21.74 27.13 10.34
CA CYS B 591 22.91 26.52 10.94
C CYS B 591 23.37 25.30 10.13
N PHE B 592 22.45 24.38 9.86
CA PHE B 592 22.72 23.23 9.01
C PHE B 592 23.30 23.62 7.65
N ALA B 593 22.74 24.65 7.00
CA ALA B 593 23.28 25.07 5.70
C ALA B 593 24.68 25.67 5.88
N GLU B 594 24.85 26.60 6.82
CA GLU B 594 26.06 27.42 6.86
C GLU B 594 27.16 26.70 7.64
N GLU B 595 26.86 26.16 8.82
CA GLU B 595 27.78 25.26 9.49
C GLU B 595 28.10 24.03 8.63
N GLY B 596 27.12 23.52 7.89
CA GLY B 596 27.34 22.42 6.96
C GLY B 596 28.39 22.73 5.88
N LYS B 597 28.37 23.94 5.33
CA LYS B 597 29.37 24.30 4.33
C LYS B 597 30.76 24.41 4.98
N LYS B 598 30.82 24.89 6.22
CA LYS B 598 32.08 24.98 6.95
C LYS B 598 32.65 23.58 7.23
N LEU B 599 31.79 22.68 7.73
CA LEU B 599 32.16 21.29 7.94
C LEU B 599 32.71 20.66 6.66
N VAL B 600 31.99 20.80 5.55
CA VAL B 600 32.40 20.17 4.30
C VAL B 600 33.76 20.72 3.85
N ALA B 601 33.97 22.04 3.92
CA ALA B 601 35.23 22.62 3.45
C ALA B 601 36.39 22.17 4.32
N ALA B 602 36.17 22.14 5.62
CA ALA B 602 37.21 21.72 6.55
C ALA B 602 37.61 20.27 6.28
N SER B 603 36.59 19.41 6.14
CA SER B 603 36.75 17.98 5.90
C SER B 603 37.52 17.74 4.61
N GLN B 604 37.11 18.41 3.53
CA GLN B 604 37.78 18.25 2.25
C GLN B 604 39.27 18.61 2.37
N ALA B 605 39.64 19.54 3.26
CA ALA B 605 41.05 19.91 3.41
C ALA B 605 41.75 19.00 4.42
N ALA B 606 41.02 18.21 5.23
CA ALA B 606 41.66 17.29 6.15
C ALA B 606 41.43 15.81 5.80
N LEU B 607 41.50 15.42 4.51
CA LEU B 607 41.29 14.01 4.18
C LEU B 607 42.35 13.44 3.22
N GLY B 608 43.56 14.03 3.18
CA GLY B 608 44.46 13.84 2.05
C GLY B 608 43.78 14.23 0.74
C1 MYR C . -34.83 20.39 -9.53
O1 MYR C . -34.70 20.10 -10.74
O2 MYR C . -35.74 21.11 -9.06
C2 MYR C . -33.81 19.84 -8.55
C3 MYR C . -33.88 18.37 -8.28
C4 MYR C . -35.28 17.81 -8.30
C5 MYR C . -35.37 16.42 -7.72
C6 MYR C . -35.37 15.31 -8.73
C7 MYR C . -35.80 13.96 -8.20
C8 MYR C . -34.66 13.10 -7.73
C9 MYR C . -35.09 11.85 -6.97
C10 MYR C . -34.19 11.45 -5.81
C11 MYR C . -33.23 10.36 -6.13
C12 MYR C . -32.39 10.62 -7.35
C13 MYR C . -32.10 9.38 -8.17
C14 MYR C . -33.07 9.13 -9.30
H21 MYR C . -33.91 20.31 -7.70
H22 MYR C . -32.92 20.05 -8.90
H31 MYR C . -33.48 18.19 -7.40
H32 MYR C . -33.34 17.90 -8.96
H41 MYR C . -35.60 17.78 -9.23
H42 MYR C . -35.86 18.41 -7.79
H51 MYR C . -36.19 16.36 -7.19
H52 MYR C . -34.62 16.29 -7.11
H61 MYR C . -34.47 15.22 -9.10
H62 MYR C . -35.96 15.56 -9.46
H71 MYR C . -36.28 13.49 -8.90
H72 MYR C . -36.43 14.10 -7.45
H81 MYR C . -34.08 13.64 -7.15
H82 MYR C . -34.13 12.83 -8.51
H91 MYR C . -35.13 11.11 -7.61
H92 MYR C . -36.00 11.99 -6.62
H101 MYR C . -34.75 11.17 -5.06
H102 MYR C . -33.68 12.24 -5.52
H111 MYR C . -33.74 9.53 -6.27
H112 MYR C . -32.63 10.23 -5.36
H121 MYR C . -31.53 11.01 -7.07
H122 MYR C . -32.83 11.27 -7.93
H131 MYR C . -32.11 8.59 -7.57
H132 MYR C . -31.20 9.45 -8.55
H141 MYR C . -32.84 8.31 -9.77
H142 MYR C . -33.05 9.88 -9.92
H143 MYR C . -33.98 9.04 -8.94
C1 MYR D . -28.94 -9.10 -11.12
O1 MYR D . -29.97 -9.79 -10.94
O2 MYR D . -28.09 -8.87 -10.22
C2 MYR D . -28.70 -8.54 -12.51
C3 MYR D . -28.93 -9.48 -13.67
C4 MYR D . -27.74 -9.60 -14.59
C5 MYR D . -28.02 -9.59 -16.07
C6 MYR D . -28.95 -10.66 -16.56
C7 MYR D . -28.30 -11.92 -16.99
C8 MYR D . -28.55 -12.29 -18.41
C9 MYR D . -28.99 -13.72 -18.62
C10 MYR D . -28.78 -14.20 -20.02
C11 MYR D . -28.96 -13.17 -21.07
C12 MYR D . -28.93 -13.70 -22.46
C13 MYR D . -30.28 -13.62 -23.11
C14 MYR D . -30.24 -12.83 -24.34
H21 MYR D . -27.77 -8.21 -12.55
H22 MYR D . -29.28 -7.76 -12.63
H31 MYR D . -29.69 -9.17 -14.19
H32 MYR D . -29.15 -10.37 -13.33
H41 MYR D . -27.26 -10.42 -14.38
H42 MYR D . -27.13 -8.85 -14.41
H51 MYR D . -27.17 -9.68 -16.55
H52 MYR D . -28.41 -8.73 -16.32
H61 MYR D . -29.46 -10.29 -17.30
H62 MYR D . -29.58 -10.87 -15.84
H71 MYR D . -28.61 -12.65 -16.41
H72 MYR D . -27.32 -11.85 -16.87
H81 MYR D . -27.75 -12.13 -18.92
H82 MYR D . -29.26 -11.70 -18.77
H91 MYR D . -29.95 -13.80 -18.40
H92 MYR D . -28.49 -14.30 -18.01
H101 MYR D . -29.39 -14.94 -20.19
H102 MYR D . -27.86 -14.55 -20.08
H111 MYR D . -28.25 -12.50 -20.98
H112 MYR D . -29.81 -12.72 -20.91
H121 MYR D . -28.65 -14.65 -22.44
H122 MYR D . -28.29 -13.21 -22.99
H131 MYR D . -30.92 -13.22 -22.48
H132 MYR D . -30.59 -14.53 -23.32
H141 MYR D . -31.12 -12.80 -24.74
H142 MYR D . -29.61 -13.22 -24.96
H143 MYR D . -29.96 -11.92 -24.12
C1 PGE E . -32.97 12.75 -13.14
O1 PGE E . -34.02 13.12 -13.97
C2 PGE E . -32.00 11.88 -13.83
O2 PGE E . -32.43 11.60 -15.16
C3 PGE E . -31.34 11.41 -16.06
C4 PGE E . -31.65 10.39 -17.08
O4 PGE E . -28.50 8.53 -20.00
C6 PGE E . -29.72 8.29 -19.29
C5 PGE E . -30.54 9.54 -19.01
O3 PGE E . -30.43 9.91 -17.63
H1 PGE E . -33.34 12.29 -12.35
H12 PGE E . -32.52 13.56 -12.82
HO1 PGE E . -34.55 13.61 -13.55
H2 PGE E . -31.91 11.04 -13.33
H22 PGE E . -31.12 12.32 -13.84
H3 PGE E . -30.54 11.13 -15.56
H32 PGE E . -31.12 12.26 -16.50
H4 PGE E . -32.20 10.79 -17.78
H42 PGE E . -32.14 9.65 -16.67
HO4 PGE E . -28.34 9.36 -20.02
H6 PGE E . -29.51 7.86 -18.44
H62 PGE E . -30.28 7.67 -19.82
H5 PGE E . -31.47 9.36 -19.23
H52 PGE E . -30.22 10.28 -19.58
C1 PEG F . -32.88 37.22 -12.36
O1 PEG F . -32.51 38.49 -11.82
C2 PEG F . -34.24 37.20 -12.99
O2 PEG F . -34.77 35.88 -13.06
C3 PEG F . -34.39 35.15 -14.23
C4 PEG F . -33.96 33.77 -13.84
O4 PEG F . -33.04 33.17 -14.77
H11 PEG F . -32.87 36.55 -11.65
H12 PEG F . -32.22 36.96 -13.04
HO1 PEG F . -31.74 38.43 -11.49
H21 PEG F . -34.20 37.58 -13.89
H22 PEG F . -34.85 37.77 -12.47
H31 PEG F . -33.65 35.61 -14.68
H32 PEG F . -35.15 35.11 -14.85
H41 PEG F . -34.77 33.20 -13.78
H42 PEG F . -33.55 33.80 -12.96
HO4 PEG F . -33.39 33.18 -15.54
C1 PEG G . -6.71 14.39 -3.22
O1 PEG G . -7.56 15.18 -4.04
C2 PEG G . -5.26 14.72 -3.40
O2 PEG G . -4.44 14.10 -2.41
C3 PEG G . -4.43 12.68 -2.46
C4 PEG G . -3.21 12.14 -1.78
O4 PEG G . -3.30 10.72 -1.51
H11 PEG G . -6.85 13.45 -3.44
H12 PEG G . -6.95 14.54 -2.28
HO1 PEG G . -8.37 14.97 -3.91
H21 PEG G . -5.15 15.69 -3.35
H22 PEG G . -4.97 14.43 -4.29
H31 PEG G . -4.44 12.38 -3.40
H32 PEG G . -5.23 12.33 -2.02
H41 PEG G . -3.07 12.62 -0.94
H42 PEG G . -2.42 12.31 -2.35
HO4 PEG G . -3.86 10.37 -2.04
C4 A1H6A H . -5.42 6.71 -3.73
C5 A1H6A H . -4.40 6.38 -4.80
C6 A1H6A H . -4.77 7.10 -6.09
C7 A1H6A H . -6.17 6.65 -6.55
C8 A1H6A H . -7.22 6.96 -5.48
C10 A1H6A H . -6.83 6.26 -4.17
C1 A1H6A H . -4.79 8.61 -5.84
C2 A1H6A H . -5.83 8.94 -4.76
C3 A1H6A H . -5.43 8.20 -3.47
C9 A1H6A H . -7.22 8.48 -5.23
C11 A1H6A H . -8.55 6.37 -5.91
O1 A1H6A H . -9.63 6.90 -5.57
O2 A1H6A H . -8.54 5.31 -6.57
H6 A1H6A H . -5.18 6.23 -2.88
H8 A1H6A H . -4.38 5.40 -4.96
H7 A1H6A H . -3.50 6.66 -4.51
H9 A1H6A H . -4.11 6.89 -6.80
H10 A1H6A H . -6.15 5.71 -6.73
H11 A1H6A H . -6.40 7.10 -7.37
H15 A1H6A H . -6.84 5.31 -4.31
H14 A1H6A H . -7.46 6.48 -3.48
H2 A1H6A H . -3.89 8.91 -5.54
H1 A1H6A H . -5.01 9.09 -6.67
H3 A1H6A H . -5.84 9.91 -4.59
H5 A1H6A H . -6.08 8.42 -2.76
H4 A1H6A H . -4.54 8.50 -3.18
H13 A1H6A H . -7.88 8.70 -4.56
H12 A1H6A H . -7.45 8.94 -6.05
C4 A1H6A I . 0.68 17.68 2.10
C5 A1H6A I . 1.34 16.62 2.97
C6 A1H6A I . 0.61 16.54 4.31
C7 A1H6A I . 0.72 17.90 5.03
C8 A1H6A I . 0.07 18.99 4.16
C10 A1H6A I . 0.78 19.06 2.80
C1 A1H6A I . -0.86 16.20 4.08
C2 A1H6A I . -1.51 17.26 3.21
C3 A1H6A I . -0.78 17.32 1.87
C9 A1H6A I . -1.41 18.63 3.91
C11 A1H6A I . 0.16 20.31 4.92
O1 A1H6A I . 0.13 20.27 6.17
O2 A1H6A I . 0.31 21.37 4.26
H6 A1H6A I . 1.15 17.73 1.23
H8 A1H6A I . 2.28 16.85 3.14
H7 A1H6A I . 1.30 15.74 2.53
H9 A1H6A I . 1.03 15.85 4.88
H10 A1H6A I . 1.64 18.12 5.17
H11 A1H6A I . 0.26 17.85 5.87
H15 A1H6A I . 1.70 19.29 2.92
H14 A1H6A I . 0.36 19.72 2.25
H2 A1H6A I . -0.92 15.32 3.64
H1 A1H6A I . -1.33 16.14 4.94
H3 A1H6A I . -2.46 17.04 3.06
H5 A1H6A I . -1.20 18.00 1.29
H4 A1H6A I . -0.83 16.45 1.42
H13 A1H6A I . -1.81 19.31 3.36
H12 A1H6A I . -1.87 18.60 4.75
C1 MYR J . 34.02 -20.53 9.63
O1 MYR J . 34.17 -19.97 8.51
O2 MYR J . 34.80 -21.41 10.10
C2 MYR J . 32.80 -20.17 10.46
C3 MYR J . 32.78 -18.73 10.81
C4 MYR J . 33.78 -18.40 11.88
C5 MYR J . 33.86 -16.95 12.16
C6 MYR J . 34.95 -16.32 11.40
C7 MYR J . 34.90 -14.83 11.41
C8 MYR J . 34.88 -14.21 12.76
C9 MYR J . 33.49 -13.85 13.25
C10 MYR J . 33.47 -12.61 14.13
C11 MYR J . 32.07 -12.09 14.44
C12 MYR J . 31.87 -10.65 13.98
C13 MYR J . 31.29 -10.46 12.61
C14 MYR J . 31.78 -9.17 11.92
H21 MYR J . 32.79 -20.70 11.28
H22 MYR J . 31.99 -20.39 9.94
H31 MYR J . 31.88 -18.48 11.13
H32 MYR J . 32.97 -18.19 10.01
H41 MYR J . 34.66 -18.73 11.61
H42 MYR J . 33.52 -18.87 12.70
H51 MYR J . 34.01 -16.81 13.11
H52 MYR J . 33.01 -16.52 11.92
H61 MYR J . 34.92 -16.63 10.47
H62 MYR J . 35.81 -16.61 11.78
H71 MYR J . 34.11 -14.54 10.91
H72 MYR J . 35.69 -14.49 10.93
H81 MYR J . 35.43 -13.41 12.76
H82 MYR J . 35.27 -14.85 13.40
H91 MYR J . 33.12 -14.61 13.75
H92 MYR J . 32.92 -13.69 12.48
H101 MYR J . 33.98 -11.90 13.69
H102 MYR J . 33.92 -12.82 14.97
H111 MYR J . 31.91 -12.14 15.41
H112 MYR J . 31.41 -12.66 14.00
H121 MYR J . 32.73 -10.19 14.02
H122 MYR J . 31.27 -10.20 14.63
H131 MYR J . 30.32 -10.44 12.68
H132 MYR J . 31.54 -11.22 12.06
H141 MYR J . 31.36 -9.10 11.04
H142 MYR J . 32.74 -9.20 11.82
H143 MYR J . 31.52 -8.40 12.46
C1 MYR K . 28.25 9.46 14.27
O1 MYR K . 27.54 8.76 15.02
O2 MYR K . 28.19 10.72 14.23
C2 MYR K . 29.27 8.76 13.37
C3 MYR K . 28.94 8.76 11.90
C4 MYR K . 29.32 10.06 11.19
C5 MYR K . 29.21 9.99 9.68
C6 MYR K . 30.07 10.98 8.95
C7 MYR K . 29.42 11.65 7.78
C8 MYR K . 30.38 12.41 6.90
C9 MYR K . 30.69 13.84 7.33
C10 MYR K . 30.44 14.87 6.22
C11 MYR K . 31.63 15.71 5.79
C12 MYR K . 32.46 15.12 4.68
C13 MYR K . 32.71 15.95 3.45
C14 MYR K . 33.76 15.36 2.51
H21 MYR K . 29.36 7.83 13.67
H22 MYR K . 30.14 9.19 13.49
H31 MYR K . 27.98 8.61 11.79
H32 MYR K . 29.41 8.02 11.47
H41 MYR K . 30.23 10.29 11.43
H42 MYR K . 28.74 10.77 11.51
H51 MYR K . 28.28 10.14 9.43
H52 MYR K . 29.45 9.09 9.39
H61 MYR K . 30.87 10.51 8.63
H62 MYR K . 30.36 11.67 9.58
H71 MYR K . 28.73 12.26 8.11
H72 MYR K . 28.97 10.97 7.24
H81 MYR K . 30.01 12.43 5.99
H82 MYR K . 31.23 11.91 6.87
H91 MYR K . 31.62 13.89 7.61
H92 MYR K . 30.13 14.06 8.10
H101 MYR K . 29.73 15.47 6.54
H102 MYR K . 30.09 14.40 5.44
H111 MYR K . 32.21 15.86 6.57
H112 MYR K . 31.30 16.59 5.50
H121 MYR K . 32.02 14.29 4.40
H122 MYR K . 33.33 14.87 5.06
H131 MYR K . 33.00 16.84 3.73
H132 MYR K . 31.87 16.04 2.95
H141 MYR K . 33.87 15.94 1.74
H142 MYR K . 33.46 14.47 2.20
H143 MYR K . 34.60 15.26 2.97
C1 PGE L . 33.31 -11.57 8.59
O1 PGE L . 34.58 -11.77 9.21
C2 PGE L . 33.25 -12.24 7.25
O2 PGE L . 32.37 -11.54 6.37
C3 PGE L . 32.93 -10.39 5.73
C4 PGE L . 32.06 -10.03 4.57
O4 PGE L . 30.83 -6.31 1.74
C6 PGE L . 31.84 -7.14 2.29
C5 PGE L . 31.31 -8.17 3.26
O3 PGE L . 32.38 -8.77 4.02
H1 PGE L . 33.17 -10.60 8.48
H12 PGE L . 32.62 -11.93 9.17
HO1 PGE L . 34.60 -11.38 9.97
H2 PGE L . 32.93 -13.17 7.36
H22 PGE L . 34.15 -12.28 6.86
H3 PGE L . 33.84 -10.58 5.42
H32 PGE L . 32.97 -9.64 6.36
H4 PGE L . 31.12 -10.03 4.86
H42 PGE L . 32.14 -10.72 3.87
HO4 PGE L . 30.09 -6.73 1.73
H6 PGE L . 32.49 -6.57 2.76
H62 PGE L . 32.31 -7.59 1.56
H5 PGE L . 30.84 -8.88 2.76
H52 PGE L . 30.68 -7.76 3.87
C1 PEG M . 33.40 -37.26 4.80
O1 PEG M . 32.30 -38.16 4.56
C2 PEG M . 33.79 -36.44 3.59
O2 PEG M . 34.88 -35.55 3.90
C3 PEG M . 35.05 -34.52 2.94
C4 PEG M . 34.67 -33.17 3.50
O4 PEG M . 33.99 -32.36 2.56
H11 PEG M . 34.17 -37.79 5.09
H12 PEG M . 33.16 -36.66 5.53
HO1 PEG M . 32.17 -38.53 5.26
H21 PEG M . 33.02 -35.92 3.29
H22 PEG M . 34.07 -37.04 2.86
H31 PEG M . 34.51 -34.70 2.13
H32 PEG M . 36.00 -34.50 2.66
H41 PEG M . 35.48 -32.72 3.80
H42 PEG M . 34.10 -33.32 4.28
HO4 PEG M . 34.47 -32.26 1.87
C4 A1H6A N . 19.71 -11.08 12.69
C4 A1H6A N . 19.64 -10.43 9.45
C5 A1H6A N . 19.52 -12.56 12.41
C5 A1H6A N . 19.02 -11.79 9.10
C6 A1H6A N . 20.00 -12.86 10.98
C6 A1H6A N . 19.05 -12.70 10.31
C7 A1H6A N . 19.15 -12.06 9.98
C7 A1H6A N . 20.50 -12.91 10.76
C8 A1H6A N . 19.32 -10.55 10.25
C8 A1H6A N . 21.13 -11.56 11.13
C10 A1H6A N . 18.87 -10.26 11.70
C10 A1H6A N . 21.08 -10.63 9.89
C1 A1H6A N . 21.46 -12.47 10.82
C1 A1H6A N . 18.25 -12.05 11.45
C2 A1H6A N . 21.64 -10.99 11.12
C2 A1H6A N . 18.87 -10.71 11.80
C3 A1H6A N . 21.18 -10.70 12.55
C3 A1H6A N . 18.84 -9.78 10.59
C9 A1H6A N . 20.80 -10.16 10.14
C9 A1H6A N . 20.32 -10.92 12.27
C11 A1H6A N . 18.55 -9.70 9.22
C11 A1H6A N . 22.57 -11.76 11.61
O1 A1H6A N . 18.15 -8.57 9.57
O1 A1H6A N . 23.38 -10.84 11.42
O2 A1H6A N . 18.38 -10.18 8.04
O2 A1H6A N . 22.84 -12.84 12.16
H6 A1H6A N . 19.41 -10.88 13.61
H6 A1H6A N . 19.61 -9.84 8.66
H8 A1H6A N . 18.57 -12.81 12.49
H8 A1H6A N . 19.53 -12.20 8.36
H7 A1H6A N . 20.04 -13.09 13.05
H7 A1H6A N . 18.08 -11.66 8.79
H9 A1H6A N . 19.89 -13.84 10.79
H9 A1H6A N . 18.64 -13.58 10.08
H10 A1H6A N . 18.22 -12.30 10.07
H10 A1H6A N . 21.00 -13.32 10.05
H11 A1H6A N . 19.43 -12.26 9.09
H11 A1H6A N . 20.52 -13.50 11.53
H15 A1H6A N . 17.94 -10.48 11.80
H15 A1H6A N . 21.59 -11.04 9.18
H14 A1H6A N . 18.98 -9.31 11.89
H14 A1H6A N . 21.48 -9.79 10.11
H2 A1H6A N . 22.02 -13.01 11.44
H2 A1H6A N . 17.32 -11.93 11.18
H1 A1H6A N . 21.76 -12.67 9.90
H1 A1H6A N . 18.27 -12.64 12.25
H3 A1H6A N . 22.60 -10.74 11.02
H3 A1H6A N . 18.35 -10.29 12.55
H5 A1H6A N . 21.31 -9.74 12.75
H5 A1H6A N . 19.24 -8.91 10.82
H4 A1H6A N . 21.72 -11.23 13.19
H4 A1H6A N . 17.91 -9.63 10.30
H13 A1H6A N . 20.90 -9.22 10.33
H13 A1H6A N . 20.71 -10.07 12.50
H12 A1H6A N . 21.10 -10.32 9.23
H12 A1H6A N . 20.33 -11.49 13.04
#